data_6QS0
#
_entry.id   6QS0
#
_cell.length_a   1.000
_cell.length_b   1.000
_cell.length_c   1.000
_cell.angle_alpha   90.00
_cell.angle_beta   90.00
_cell.angle_gamma   90.00
#
_symmetry.space_group_name_H-M   'P 1'
#
_entity_poly.entity_id   1
_entity_poly.type   'polypeptide(L)'
_entity_poly.pdbx_seq_one_letter_code
;GAMGTPLEKLVSRLNLNNTEKETLTFLTNLLKEKLVDPNIGLHFKNSGGDESKIEESVQKFLSELKEDEIKDLLAKIKEN
KDKKEKDPEELNTYKSILASGFDGIFNQADSKTTLNKLKDTI
;
_entity_poly.pdbx_strand_id   A
#
# COMPACT_ATOMS: atom_id res chain seq x y z
N GLY A 1 11.67 -15.31 6.01
CA GLY A 1 11.74 -14.36 7.14
C GLY A 1 10.65 -14.61 8.17
N ALA A 2 10.84 -14.08 9.36
CA ALA A 2 9.88 -14.24 10.44
C ALA A 2 8.90 -13.08 10.44
N MET A 3 7.62 -13.39 10.38
CA MET A 3 6.57 -12.38 10.32
C MET A 3 5.20 -13.03 10.41
N GLY A 4 4.29 -12.39 11.14
CA GLY A 4 2.94 -12.90 11.26
C GLY A 4 1.91 -11.82 11.06
N THR A 5 2.21 -10.90 10.14
CA THR A 5 1.35 -9.75 9.83
C THR A 5 0.78 -9.07 11.08
N PRO A 6 1.60 -8.26 11.77
CA PRO A 6 1.21 -7.62 13.02
C PRO A 6 0.25 -6.45 12.81
N LEU A 7 0.17 -5.98 11.58
CA LEU A 7 -0.68 -4.85 11.24
C LEU A 7 -2.15 -5.19 11.46
N GLU A 8 -2.49 -6.47 11.34
CA GLU A 8 -3.88 -6.90 11.43
C GLU A 8 -4.45 -6.66 12.84
N LYS A 9 -3.56 -6.44 13.81
CA LYS A 9 -3.99 -6.22 15.18
C LYS A 9 -4.50 -4.79 15.34
N LEU A 10 -3.88 -3.87 14.62
CA LEU A 10 -4.29 -2.48 14.67
C LEU A 10 -5.33 -2.19 13.60
N VAL A 11 -5.31 -2.97 12.54
CA VAL A 11 -6.34 -2.89 11.51
C VAL A 11 -7.72 -3.14 12.13
N SER A 12 -7.77 -4.00 13.13
CA SER A 12 -9.01 -4.36 13.80
C SER A 12 -9.59 -3.16 14.56
N ARG A 13 -8.73 -2.32 15.12
CA ARG A 13 -9.17 -1.17 15.89
C ARG A 13 -9.56 -0.02 14.99
N LEU A 14 -9.19 -0.13 13.72
CA LEU A 14 -9.53 0.87 12.73
C LEU A 14 -10.94 0.63 12.20
N ASN A 15 -11.43 -0.58 12.46
CA ASN A 15 -12.77 -1.01 12.07
C ASN A 15 -12.98 -0.86 10.58
N LEU A 16 -12.39 -1.77 9.82
CA LEU A 16 -12.51 -1.74 8.37
C LEU A 16 -13.51 -2.78 7.90
N ASN A 17 -14.29 -2.43 6.89
CA ASN A 17 -15.29 -3.34 6.37
C ASN A 17 -14.76 -4.05 5.13
N ASN A 18 -15.59 -4.90 4.53
CA ASN A 18 -15.19 -5.68 3.36
C ASN A 18 -14.67 -4.80 2.23
N THR A 19 -15.24 -3.61 2.13
CA THR A 19 -14.87 -2.68 1.08
C THR A 19 -13.46 -2.13 1.33
N GLU A 20 -13.15 -1.89 2.60
CA GLU A 20 -11.86 -1.35 2.98
C GLU A 20 -10.79 -2.44 2.98
N LYS A 21 -11.12 -3.58 3.58
CA LYS A 21 -10.17 -4.68 3.71
C LYS A 21 -9.70 -5.20 2.35
N GLU A 22 -10.63 -5.31 1.41
CA GLU A 22 -10.30 -5.79 0.07
C GLU A 22 -9.29 -4.86 -0.60
N THR A 23 -9.50 -3.56 -0.45
CA THR A 23 -8.59 -2.58 -0.99
C THR A 23 -7.22 -2.66 -0.31
N LEU A 24 -7.22 -2.85 1.00
CA LEU A 24 -5.99 -2.96 1.77
C LEU A 24 -5.24 -4.24 1.36
N THR A 25 -5.98 -5.32 1.17
CA THR A 25 -5.41 -6.57 0.72
C THR A 25 -4.81 -6.40 -0.67
N PHE A 26 -5.59 -5.77 -1.55
CA PHE A 26 -5.15 -5.45 -2.90
C PHE A 26 -3.84 -4.65 -2.87
N LEU A 27 -3.82 -3.61 -2.04
CA LEU A 27 -2.65 -2.76 -1.89
C LEU A 27 -1.44 -3.60 -1.51
N THR A 28 -1.54 -4.31 -0.39
CA THR A 28 -0.45 -5.10 0.13
C THR A 28 0.02 -6.18 -0.85
N ASN A 29 -0.92 -6.76 -1.58
CA ASN A 29 -0.61 -7.84 -2.51
C ASN A 29 0.06 -7.33 -3.78
N LEU A 30 -0.30 -6.11 -4.19
CA LEU A 30 0.32 -5.53 -5.38
C LEU A 30 1.75 -5.09 -5.07
N LEU A 31 1.96 -4.60 -3.85
CA LEU A 31 3.29 -4.33 -3.34
C LEU A 31 4.19 -5.57 -3.41
N LYS A 32 3.69 -6.71 -2.91
CA LYS A 32 4.47 -7.95 -2.97
C LYS A 32 4.57 -8.48 -4.40
N GLU A 33 3.95 -7.76 -5.33
CA GLU A 33 3.92 -8.15 -6.73
C GLU A 33 4.90 -7.30 -7.53
N LYS A 34 4.85 -5.99 -7.31
CA LYS A 34 5.61 -5.05 -8.11
C LYS A 34 6.91 -4.59 -7.42
N LEU A 35 6.92 -4.54 -6.09
CA LEU A 35 8.10 -4.01 -5.38
C LEU A 35 9.30 -4.95 -5.51
N VAL A 36 9.06 -6.17 -5.97
CA VAL A 36 10.13 -7.13 -6.18
C VAL A 36 10.94 -6.76 -7.42
N ASP A 37 10.43 -5.79 -8.17
CA ASP A 37 11.13 -5.26 -9.33
C ASP A 37 11.93 -4.04 -8.91
N PRO A 38 13.24 -4.03 -9.18
CA PRO A 38 14.12 -2.92 -8.79
C PRO A 38 13.74 -1.58 -9.43
N ASN A 39 12.86 -1.61 -10.43
CA ASN A 39 12.40 -0.39 -11.08
C ASN A 39 11.26 0.21 -10.29
N ILE A 40 10.59 -0.64 -9.53
CA ILE A 40 9.41 -0.26 -8.79
C ILE A 40 9.72 -0.16 -7.30
N GLY A 41 10.47 -1.13 -6.80
CA GLY A 41 10.88 -1.13 -5.42
C GLY A 41 12.35 -0.77 -5.30
N LEU A 42 12.69 0.41 -5.78
CA LEU A 42 14.07 0.88 -5.76
C LEU A 42 14.53 1.07 -4.33
N HIS A 43 13.66 1.65 -3.52
CA HIS A 43 13.99 1.86 -2.12
C HIS A 43 13.82 0.55 -1.36
N PHE A 44 12.79 -0.20 -1.73
CA PHE A 44 12.50 -1.49 -1.14
C PHE A 44 13.72 -2.42 -1.19
N LYS A 45 14.22 -2.65 -2.40
CA LYS A 45 15.34 -3.56 -2.61
C LYS A 45 16.57 -3.10 -1.85
N ASN A 46 16.80 -1.80 -1.86
CA ASN A 46 18.02 -1.25 -1.28
C ASN A 46 17.87 -0.99 0.22
N SER A 47 16.66 -1.15 0.73
CA SER A 47 16.41 -0.98 2.16
C SER A 47 16.39 -2.36 2.84
N GLY A 48 16.23 -3.40 2.04
CA GLY A 48 16.20 -4.74 2.57
C GLY A 48 15.86 -5.77 1.50
N GLY A 49 14.73 -5.56 0.82
CA GLY A 49 14.31 -6.48 -0.21
C GLY A 49 13.66 -7.73 0.36
N ASP A 50 12.91 -7.56 1.44
CA ASP A 50 12.23 -8.69 2.09
C ASP A 50 10.74 -8.47 2.03
N GLU A 51 9.98 -9.54 1.81
CA GLU A 51 8.52 -9.45 1.76
C GLU A 51 7.97 -8.86 3.06
N SER A 52 8.61 -9.19 4.17
CA SER A 52 8.16 -8.72 5.48
C SER A 52 8.47 -7.23 5.69
N LYS A 53 9.37 -6.68 4.88
CA LYS A 53 9.66 -5.25 4.93
C LYS A 53 8.43 -4.46 4.50
N ILE A 54 7.64 -5.07 3.62
CA ILE A 54 6.38 -4.49 3.18
C ILE A 54 5.35 -4.57 4.30
N GLU A 55 5.35 -5.71 4.98
CA GLU A 55 4.41 -5.96 6.06
C GLU A 55 4.71 -5.06 7.26
N GLU A 56 5.95 -4.61 7.38
CA GLU A 56 6.34 -3.65 8.41
C GLU A 56 6.00 -2.23 7.96
N SER A 57 6.30 -1.91 6.71
CA SER A 57 6.17 -0.55 6.21
C SER A 57 4.71 -0.10 6.18
N VAL A 58 3.82 -0.93 5.62
CA VAL A 58 2.40 -0.61 5.59
C VAL A 58 1.88 -0.32 7.00
N GLN A 59 2.37 -1.09 7.96
CA GLN A 59 1.97 -0.94 9.35
C GLN A 59 2.42 0.42 9.89
N LYS A 60 3.71 0.72 9.77
CA LYS A 60 4.28 1.96 10.29
C LYS A 60 3.73 3.16 9.53
N PHE A 61 3.43 2.96 8.26
CA PHE A 61 2.84 3.97 7.41
C PHE A 61 1.50 4.42 7.96
N LEU A 62 0.59 3.47 8.09
CA LEU A 62 -0.78 3.75 8.50
C LEU A 62 -0.87 4.16 9.96
N SER A 63 0.09 3.70 10.75
CA SER A 63 0.13 3.97 12.19
C SER A 63 0.27 5.47 12.46
N GLU A 64 1.00 6.17 11.60
CA GLU A 64 1.24 7.59 11.78
C GLU A 64 0.16 8.44 11.12
N LEU A 65 -0.89 7.80 10.64
CA LEU A 65 -1.97 8.50 9.95
C LEU A 65 -3.19 8.60 10.85
N LYS A 66 -4.25 9.19 10.31
CA LYS A 66 -5.54 9.22 10.97
C LYS A 66 -6.39 8.06 10.48
N GLU A 67 -7.27 7.58 11.35
CA GLU A 67 -8.14 6.46 11.01
C GLU A 67 -9.00 6.82 9.80
N ASP A 68 -9.48 8.06 9.78
CA ASP A 68 -10.31 8.56 8.70
C ASP A 68 -9.49 8.82 7.44
N GLU A 69 -8.18 9.02 7.59
CA GLU A 69 -7.32 9.17 6.43
C GLU A 69 -7.01 7.83 5.80
N ILE A 70 -7.01 6.79 6.61
CA ILE A 70 -6.88 5.43 6.12
C ILE A 70 -8.10 5.08 5.26
N LYS A 71 -9.29 5.38 5.80
CA LYS A 71 -10.52 5.29 5.02
C LYS A 71 -10.41 6.10 3.73
N ASP A 72 -9.97 7.34 3.86
CA ASP A 72 -9.79 8.25 2.72
C ASP A 72 -8.91 7.63 1.64
N LEU A 73 -7.77 7.10 2.06
CA LEU A 73 -6.83 6.46 1.16
C LEU A 73 -7.49 5.28 0.43
N LEU A 74 -7.98 4.33 1.22
CA LEU A 74 -8.56 3.11 0.67
C LEU A 74 -9.72 3.41 -0.28
N ALA A 75 -10.55 4.38 0.09
CA ALA A 75 -11.69 4.77 -0.76
C ALA A 75 -11.20 5.27 -2.11
N LYS A 76 -10.15 6.06 -2.08
CA LYS A 76 -9.53 6.59 -3.29
C LYS A 76 -8.99 5.45 -4.16
N ILE A 77 -8.16 4.60 -3.55
CA ILE A 77 -7.56 3.46 -4.24
C ILE A 77 -8.64 2.56 -4.80
N LYS A 78 -9.66 2.32 -3.99
CA LYS A 78 -10.77 1.44 -4.33
C LYS A 78 -11.42 1.87 -5.63
N GLU A 79 -11.94 3.09 -5.64
CA GLU A 79 -12.68 3.60 -6.78
C GLU A 79 -11.83 3.59 -8.05
N ASN A 80 -10.56 3.96 -7.92
CA ASN A 80 -9.63 3.92 -9.04
C ASN A 80 -9.42 2.49 -9.51
N LYS A 81 -9.17 1.61 -8.56
CA LYS A 81 -9.04 0.18 -8.83
C LYS A 81 -10.26 -0.34 -9.56
N ASP A 82 -11.42 -0.12 -8.97
CA ASP A 82 -12.68 -0.66 -9.47
C ASP A 82 -13.01 -0.17 -10.87
N LYS A 83 -12.53 1.01 -11.23
CA LYS A 83 -12.80 1.53 -12.56
C LYS A 83 -11.73 1.11 -13.56
N LYS A 84 -10.56 0.72 -13.05
CA LYS A 84 -9.46 0.32 -13.90
C LYS A 84 -9.33 -1.19 -14.02
N GLU A 85 -9.90 -1.91 -13.07
CA GLU A 85 -9.87 -3.38 -13.11
C GLU A 85 -10.74 -3.88 -14.25
N LYS A 86 -11.53 -2.97 -14.82
CA LYS A 86 -12.30 -3.24 -16.02
C LYS A 86 -11.35 -3.52 -17.18
N ASP A 87 -10.15 -2.97 -17.08
CA ASP A 87 -9.10 -3.17 -18.07
C ASP A 87 -7.83 -3.65 -17.38
N PRO A 88 -7.53 -4.95 -17.48
CA PRO A 88 -6.42 -5.58 -16.76
C PRO A 88 -5.09 -4.85 -16.93
N GLU A 89 -4.83 -4.36 -18.14
CA GLU A 89 -3.57 -3.68 -18.43
C GLU A 89 -3.52 -2.30 -17.79
N GLU A 90 -4.66 -1.62 -17.80
CA GLU A 90 -4.77 -0.31 -17.20
C GLU A 90 -4.61 -0.40 -15.69
N LEU A 91 -5.25 -1.41 -15.11
CA LEU A 91 -5.11 -1.67 -13.68
C LEU A 91 -3.67 -2.02 -13.33
N ASN A 92 -3.03 -2.77 -14.22
CA ASN A 92 -1.64 -3.19 -14.03
C ASN A 92 -0.72 -1.97 -13.87
N THR A 93 -0.90 -0.99 -14.75
CA THR A 93 -0.14 0.24 -14.67
C THR A 93 -0.42 0.97 -13.35
N TYR A 94 -1.68 1.00 -12.96
CA TYR A 94 -2.09 1.64 -11.72
C TYR A 94 -1.41 0.99 -10.52
N LYS A 95 -1.49 -0.33 -10.45
CA LYS A 95 -0.81 -1.10 -9.40
C LYS A 95 0.68 -0.78 -9.37
N SER A 96 1.26 -0.65 -10.54
CA SER A 96 2.69 -0.35 -10.67
C SER A 96 3.00 1.01 -10.04
N ILE A 97 2.20 2.01 -10.39
CA ILE A 97 2.38 3.36 -9.88
C ILE A 97 2.22 3.40 -8.37
N LEU A 98 1.18 2.73 -7.87
CA LEU A 98 0.92 2.64 -6.43
C LEU A 98 2.15 2.14 -5.69
N ALA A 99 2.70 1.02 -6.14
CA ALA A 99 3.84 0.42 -5.48
C ALA A 99 5.07 1.31 -5.56
N SER A 100 5.31 1.89 -6.73
CA SER A 100 6.47 2.76 -6.92
C SER A 100 6.35 4.01 -6.04
N GLY A 101 5.13 4.34 -5.64
CA GLY A 101 4.92 5.48 -4.77
C GLY A 101 5.06 5.09 -3.31
N PHE A 102 4.56 3.90 -2.95
CA PHE A 102 4.68 3.43 -1.58
C PHE A 102 6.15 3.14 -1.26
N ASP A 103 6.88 2.73 -2.29
CA ASP A 103 8.30 2.39 -2.18
C ASP A 103 9.11 3.48 -1.45
N GLY A 104 8.62 4.72 -1.53
CA GLY A 104 9.30 5.82 -0.86
C GLY A 104 9.48 5.60 0.64
N ILE A 105 8.54 4.88 1.25
CA ILE A 105 8.55 4.65 2.69
C ILE A 105 9.84 3.95 3.15
N PHE A 106 10.42 3.16 2.26
CA PHE A 106 11.63 2.39 2.57
C PHE A 106 12.86 3.29 2.55
N ASN A 107 12.65 4.55 2.20
CA ASN A 107 13.72 5.52 2.11
C ASN A 107 13.49 6.63 3.13
N GLN A 108 12.90 6.24 4.26
CA GLN A 108 12.69 7.14 5.38
C GLN A 108 11.81 8.30 4.97
N ALA A 109 10.81 7.99 4.18
CA ALA A 109 9.84 8.98 3.75
C ALA A 109 8.66 9.03 4.72
N ASP A 110 8.12 10.22 4.91
CA ASP A 110 7.01 10.42 5.84
C ASP A 110 5.75 9.73 5.32
N SER A 111 4.93 9.28 6.25
CA SER A 111 3.76 8.49 5.92
C SER A 111 2.73 9.32 5.19
N LYS A 112 2.59 10.58 5.55
CA LYS A 112 1.63 11.46 4.90
C LYS A 112 2.17 11.89 3.54
N THR A 113 3.47 12.13 3.49
CA THR A 113 4.14 12.52 2.25
C THR A 113 4.07 11.39 1.21
N THR A 114 4.02 10.16 1.70
CA THR A 114 3.90 9.00 0.83
C THR A 114 2.41 8.68 0.59
N LEU A 115 1.58 9.05 1.55
CA LEU A 115 0.14 8.84 1.45
C LEU A 115 -0.46 9.65 0.33
N ASN A 116 -0.07 10.92 0.28
CA ASN A 116 -0.58 11.82 -0.74
C ASN A 116 -0.29 11.29 -2.13
N LYS A 117 0.83 10.58 -2.29
CA LYS A 117 1.17 9.97 -3.56
C LYS A 117 0.13 8.94 -3.96
N LEU A 118 -0.21 8.08 -3.00
CA LEU A 118 -1.17 7.01 -3.23
C LEU A 118 -2.58 7.55 -3.41
N LYS A 119 -2.92 8.55 -2.61
CA LYS A 119 -4.26 9.12 -2.65
C LYS A 119 -4.40 10.09 -3.82
N ASP A 120 -3.27 10.46 -4.40
CA ASP A 120 -3.27 11.37 -5.55
C ASP A 120 -2.68 10.68 -6.79
N THR A 121 -2.78 9.36 -6.85
CA THR A 121 -2.31 8.64 -8.01
C THR A 121 -3.21 8.95 -9.20
N ILE A 122 -4.45 8.48 -9.15
CA ILE A 122 -5.44 8.87 -10.13
C ILE A 122 -6.47 9.80 -9.49
N GLY A 1 7.62 -9.19 9.71
CA GLY A 1 7.37 -10.65 9.76
C GLY A 1 7.60 -11.22 11.14
N ALA A 2 8.86 -11.53 11.46
CA ALA A 2 9.23 -12.05 12.77
C ALA A 2 8.98 -10.99 13.83
N MET A 3 7.86 -11.12 14.53
CA MET A 3 7.37 -10.12 15.46
C MET A 3 6.01 -10.54 15.99
N GLY A 4 5.26 -11.23 15.15
CA GLY A 4 3.92 -11.65 15.52
C GLY A 4 2.88 -10.92 14.72
N THR A 5 3.31 -10.34 13.60
CA THR A 5 2.46 -9.56 12.71
C THR A 5 1.70 -8.48 13.46
N PRO A 6 2.37 -7.35 13.75
CA PRO A 6 1.78 -6.27 14.54
C PRO A 6 0.75 -5.45 13.76
N LEU A 7 0.54 -5.85 12.50
CA LEU A 7 -0.43 -5.18 11.65
C LEU A 7 -1.83 -5.27 12.25
N GLU A 8 -2.20 -6.47 12.69
CA GLU A 8 -3.53 -6.72 13.21
C GLU A 8 -3.80 -5.95 14.49
N LYS A 9 -2.74 -5.46 15.13
CA LYS A 9 -2.87 -4.82 16.42
C LYS A 9 -3.42 -3.41 16.27
N LEU A 10 -3.29 -2.87 15.07
CA LEU A 10 -3.86 -1.58 14.77
C LEU A 10 -5.10 -1.71 13.90
N VAL A 11 -5.13 -2.74 13.07
CA VAL A 11 -6.30 -3.01 12.25
C VAL A 11 -7.54 -3.20 13.12
N SER A 12 -7.36 -3.87 14.25
CA SER A 12 -8.45 -4.15 15.17
C SER A 12 -8.98 -2.87 15.83
N ARG A 13 -8.10 -1.89 16.01
CA ARG A 13 -8.50 -0.64 16.65
C ARG A 13 -9.13 0.31 15.62
N LEU A 14 -8.88 0.02 14.35
CA LEU A 14 -9.46 0.81 13.26
C LEU A 14 -10.87 0.30 12.95
N ASN A 15 -11.06 -1.00 13.15
CA ASN A 15 -12.35 -1.66 12.87
C ASN A 15 -12.70 -1.50 11.39
N LEU A 16 -11.94 -2.16 10.54
CA LEU A 16 -12.08 -2.01 9.11
C LEU A 16 -13.22 -2.87 8.58
N ASN A 17 -13.90 -2.32 7.58
CA ASN A 17 -15.06 -2.98 6.98
C ASN A 17 -14.73 -3.48 5.58
N ASN A 18 -15.67 -4.20 4.98
CA ASN A 18 -15.45 -4.86 3.68
C ASN A 18 -14.83 -3.93 2.64
N THR A 19 -15.25 -2.67 2.68
CA THR A 19 -14.82 -1.72 1.67
C THR A 19 -13.37 -1.29 1.88
N GLU A 20 -12.92 -1.37 3.13
CA GLU A 20 -11.57 -0.95 3.48
C GLU A 20 -10.61 -2.12 3.33
N LYS A 21 -11.04 -3.27 3.84
CA LYS A 21 -10.19 -4.45 3.90
C LYS A 21 -9.83 -4.99 2.53
N GLU A 22 -10.81 -5.07 1.64
CA GLU A 22 -10.58 -5.63 0.30
C GLU A 22 -9.61 -4.76 -0.49
N THR A 23 -9.72 -3.45 -0.31
CA THR A 23 -8.81 -2.52 -0.93
C THR A 23 -7.40 -2.67 -0.35
N LEU A 24 -7.33 -2.78 0.97
CA LEU A 24 -6.05 -2.95 1.66
C LEU A 24 -5.39 -4.26 1.21
N THR A 25 -6.22 -5.29 1.03
CA THR A 25 -5.76 -6.57 0.52
C THR A 25 -5.12 -6.39 -0.86
N PHE A 26 -5.82 -5.65 -1.72
CA PHE A 26 -5.36 -5.38 -3.07
C PHE A 26 -4.00 -4.67 -3.06
N LEU A 27 -3.88 -3.65 -2.23
CA LEU A 27 -2.66 -2.85 -2.14
C LEU A 27 -1.48 -3.73 -1.71
N THR A 28 -1.64 -4.40 -0.58
CA THR A 28 -0.58 -5.23 -0.03
C THR A 28 -0.14 -6.32 -1.01
N ASN A 29 -1.08 -6.83 -1.80
CA ASN A 29 -0.77 -7.87 -2.77
C ASN A 29 0.04 -7.32 -3.95
N LEU A 30 -0.35 -6.15 -4.44
CA LEU A 30 0.34 -5.55 -5.58
C LEU A 30 1.75 -5.10 -5.19
N LEU A 31 1.95 -4.86 -3.90
CA LEU A 31 3.26 -4.48 -3.40
C LEU A 31 4.23 -5.65 -3.50
N LYS A 32 3.77 -6.84 -3.12
CA LYS A 32 4.58 -8.05 -3.25
C LYS A 32 4.63 -8.51 -4.71
N GLU A 33 3.94 -7.78 -5.57
CA GLU A 33 3.85 -8.11 -6.98
C GLU A 33 4.81 -7.25 -7.78
N LYS A 34 4.80 -5.95 -7.52
CA LYS A 34 5.59 -5.00 -8.28
C LYS A 34 6.94 -4.67 -7.64
N LEU A 35 6.99 -4.61 -6.31
CA LEU A 35 8.21 -4.16 -5.63
C LEU A 35 9.37 -5.15 -5.79
N VAL A 36 9.06 -6.35 -6.27
CA VAL A 36 10.09 -7.36 -6.52
C VAL A 36 10.93 -6.99 -7.74
N ASP A 37 10.54 -5.91 -8.42
CA ASP A 37 11.32 -5.36 -9.52
C ASP A 37 12.22 -4.25 -9.00
N PRO A 38 13.51 -4.28 -9.34
CA PRO A 38 14.48 -3.30 -8.83
C PRO A 38 14.22 -1.87 -9.32
N ASN A 39 13.35 -1.72 -10.31
CA ASN A 39 13.04 -0.40 -10.85
C ASN A 39 11.80 0.16 -10.17
N ILE A 40 11.00 -0.73 -9.60
CA ILE A 40 9.79 -0.33 -8.92
C ILE A 40 10.04 -0.23 -7.43
N GLY A 41 10.71 -1.25 -6.90
CA GLY A 41 11.11 -1.23 -5.52
C GLY A 41 12.53 -0.72 -5.38
N LEU A 42 12.74 0.52 -5.79
CA LEU A 42 14.05 1.13 -5.76
C LEU A 42 14.51 1.25 -4.32
N HIS A 43 13.60 1.67 -3.46
CA HIS A 43 13.91 1.87 -2.05
C HIS A 43 13.68 0.58 -1.29
N PHE A 44 12.69 -0.18 -1.73
CA PHE A 44 12.37 -1.48 -1.16
C PHE A 44 13.59 -2.40 -1.20
N LYS A 45 14.16 -2.56 -2.38
CA LYS A 45 15.33 -3.41 -2.56
C LYS A 45 16.52 -2.86 -1.79
N ASN A 46 16.57 -1.56 -1.66
CA ASN A 46 17.67 -0.91 -0.96
C ASN A 46 17.37 -0.79 0.53
N SER A 47 16.28 -1.41 0.96
CA SER A 47 15.93 -1.45 2.37
C SER A 47 15.92 -2.90 2.85
N GLY A 48 16.39 -3.80 2.00
CA GLY A 48 16.45 -5.19 2.35
C GLY A 48 15.94 -6.08 1.24
N GLY A 49 14.98 -5.56 0.47
CA GLY A 49 14.41 -6.31 -0.63
C GLY A 49 13.77 -7.60 -0.16
N ASP A 50 12.97 -7.50 0.89
CA ASP A 50 12.31 -8.67 1.45
C ASP A 50 10.84 -8.38 1.71
N GLU A 51 10.00 -9.38 1.52
CA GLU A 51 8.56 -9.22 1.64
C GLU A 51 8.15 -8.84 3.07
N SER A 52 8.96 -9.26 4.03
CA SER A 52 8.70 -8.97 5.43
C SER A 52 8.72 -7.46 5.67
N LYS A 53 9.60 -6.77 4.93
CA LYS A 53 9.75 -5.33 5.06
C LYS A 53 8.51 -4.61 4.52
N ILE A 54 7.78 -5.26 3.64
CA ILE A 54 6.60 -4.67 3.02
C ILE A 54 5.49 -4.52 4.05
N GLU A 55 5.09 -5.63 4.65
CA GLU A 55 3.97 -5.63 5.60
C GLU A 55 4.27 -4.77 6.81
N GLU A 56 5.53 -4.74 7.23
CA GLU A 56 5.92 -3.94 8.39
C GLU A 56 5.89 -2.45 8.04
N SER A 57 6.17 -2.12 6.78
CA SER A 57 6.11 -0.74 6.33
C SER A 57 4.67 -0.28 6.18
N VAL A 58 3.81 -1.15 5.65
CA VAL A 58 2.38 -0.87 5.60
C VAL A 58 1.85 -0.60 7.00
N GLN A 59 2.37 -1.34 7.96
CA GLN A 59 2.00 -1.18 9.35
C GLN A 59 2.39 0.21 9.85
N LYS A 60 3.67 0.57 9.70
CA LYS A 60 4.15 1.89 10.12
C LYS A 60 3.37 2.99 9.41
N PHE A 61 3.10 2.75 8.14
CA PHE A 61 2.34 3.68 7.30
C PHE A 61 1.00 4.01 7.95
N LEU A 62 0.21 2.97 8.20
CA LEU A 62 -1.14 3.12 8.70
C LEU A 62 -1.15 3.50 10.17
N SER A 63 -0.11 3.10 10.89
CA SER A 63 -0.03 3.32 12.33
C SER A 63 0.05 4.80 12.67
N GLU A 64 0.83 5.56 11.92
CA GLU A 64 1.07 6.95 12.25
C GLU A 64 -0.01 7.85 11.63
N LEU A 65 -0.91 7.23 10.87
CA LEU A 65 -2.04 7.94 10.29
C LEU A 65 -3.21 7.98 11.26
N LYS A 66 -4.36 8.41 10.76
CA LYS A 66 -5.60 8.38 11.52
C LYS A 66 -6.57 7.41 10.88
N GLU A 67 -7.57 7.00 11.65
CA GLU A 67 -8.60 6.10 11.16
C GLU A 67 -9.27 6.70 9.93
N ASP A 68 -9.58 7.99 10.01
CA ASP A 68 -10.28 8.70 8.95
C ASP A 68 -9.37 8.93 7.74
N GLU A 69 -8.07 8.97 7.98
CA GLU A 69 -7.09 9.16 6.91
C GLU A 69 -7.00 7.91 6.05
N ILE A 70 -6.95 6.76 6.73
CA ILE A 70 -6.83 5.48 6.07
C ILE A 70 -8.03 5.21 5.17
N LYS A 71 -9.21 5.58 5.65
CA LYS A 71 -10.45 5.40 4.90
C LYS A 71 -10.45 6.25 3.63
N ASP A 72 -10.02 7.50 3.78
CA ASP A 72 -9.92 8.43 2.65
C ASP A 72 -9.00 7.83 1.58
N LEU A 73 -7.90 7.25 2.05
CA LEU A 73 -6.92 6.60 1.19
C LEU A 73 -7.54 5.42 0.44
N LEU A 74 -8.02 4.43 1.21
CA LEU A 74 -8.51 3.18 0.64
C LEU A 74 -9.69 3.41 -0.31
N ALA A 75 -10.59 4.32 0.06
CA ALA A 75 -11.76 4.60 -0.78
C ALA A 75 -11.34 5.15 -2.13
N LYS A 76 -10.27 5.94 -2.14
CA LYS A 76 -9.74 6.51 -3.37
C LYS A 76 -9.09 5.43 -4.21
N ILE A 77 -8.26 4.61 -3.58
CA ILE A 77 -7.57 3.53 -4.26
C ILE A 77 -8.58 2.57 -4.88
N LYS A 78 -9.62 2.24 -4.12
CA LYS A 78 -10.66 1.33 -4.59
C LYS A 78 -11.35 1.88 -5.82
N GLU A 79 -11.82 3.11 -5.72
CA GLU A 79 -12.53 3.77 -6.82
C GLU A 79 -11.69 3.77 -8.09
N ASN A 80 -10.42 4.13 -7.93
CA ASN A 80 -9.48 4.16 -9.05
C ASN A 80 -9.24 2.76 -9.60
N LYS A 81 -9.11 1.80 -8.70
CA LYS A 81 -8.99 0.40 -9.07
C LYS A 81 -10.19 -0.03 -9.90
N ASP A 82 -11.37 0.22 -9.37
CA ASP A 82 -12.62 -0.13 -10.01
C ASP A 82 -12.78 0.55 -11.37
N LYS A 83 -12.07 1.67 -11.55
CA LYS A 83 -12.07 2.38 -12.83
C LYS A 83 -11.13 1.70 -13.82
N LYS A 84 -9.93 1.36 -13.36
CA LYS A 84 -8.87 0.91 -14.24
C LYS A 84 -8.93 -0.59 -14.48
N GLU A 85 -9.68 -1.31 -13.66
CA GLU A 85 -9.76 -2.76 -13.79
C GLU A 85 -10.59 -3.15 -15.02
N LYS A 86 -11.14 -2.16 -15.69
CA LYS A 86 -11.80 -2.36 -16.97
C LYS A 86 -10.78 -2.89 -17.98
N ASP A 87 -9.62 -2.25 -18.00
CA ASP A 87 -8.53 -2.62 -18.87
C ASP A 87 -7.39 -3.22 -18.05
N PRO A 88 -7.10 -4.51 -18.25
CA PRO A 88 -6.08 -5.23 -17.48
C PRO A 88 -4.74 -4.49 -17.39
N GLU A 89 -4.30 -3.96 -18.52
CA GLU A 89 -3.02 -3.24 -18.57
C GLU A 89 -3.09 -1.91 -17.82
N GLU A 90 -4.26 -1.31 -17.79
CA GLU A 90 -4.46 -0.07 -17.05
C GLU A 90 -4.32 -0.33 -15.55
N LEU A 91 -5.02 -1.34 -15.06
CA LEU A 91 -4.94 -1.73 -13.66
C LEU A 91 -3.54 -2.21 -13.31
N ASN A 92 -2.92 -2.91 -14.25
CA ASN A 92 -1.57 -3.44 -14.06
C ASN A 92 -0.58 -2.30 -13.86
N THR A 93 -0.74 -1.24 -14.63
CA THR A 93 0.12 -0.07 -14.52
C THR A 93 -0.18 0.68 -13.23
N TYR A 94 -1.45 0.75 -12.87
CA TYR A 94 -1.88 1.41 -11.64
C TYR A 94 -1.16 0.81 -10.44
N LYS A 95 -1.24 -0.52 -10.34
CA LYS A 95 -0.47 -1.27 -9.33
C LYS A 95 0.98 -0.83 -9.28
N SER A 96 1.58 -0.67 -10.45
CA SER A 96 2.99 -0.34 -10.55
C SER A 96 3.26 1.06 -10.01
N ILE A 97 2.39 1.99 -10.37
CA ILE A 97 2.53 3.37 -9.90
C ILE A 97 2.32 3.44 -8.39
N LEU A 98 1.30 2.72 -7.92
CA LEU A 98 1.01 2.64 -6.50
C LEU A 98 2.22 2.13 -5.73
N ALA A 99 2.78 1.02 -6.18
CA ALA A 99 3.92 0.42 -5.52
C ALA A 99 5.13 1.33 -5.58
N SER A 100 5.34 1.99 -6.71
CA SER A 100 6.45 2.92 -6.86
C SER A 100 6.24 4.13 -5.94
N GLY A 101 4.99 4.43 -5.64
CA GLY A 101 4.70 5.53 -4.74
C GLY A 101 4.89 5.10 -3.29
N PHE A 102 4.47 3.89 -2.98
CA PHE A 102 4.61 3.36 -1.62
C PHE A 102 6.09 3.10 -1.32
N ASP A 103 6.80 2.58 -2.32
CA ASP A 103 8.23 2.27 -2.22
C ASP A 103 9.03 3.39 -1.56
N GLY A 104 8.59 4.63 -1.75
CA GLY A 104 9.26 5.76 -1.15
C GLY A 104 9.39 5.65 0.37
N ILE A 105 8.44 4.96 0.99
CA ILE A 105 8.43 4.81 2.44
C ILE A 105 9.66 4.07 2.95
N PHE A 106 10.23 3.22 2.10
CA PHE A 106 11.41 2.44 2.46
C PHE A 106 12.64 3.32 2.52
N ASN A 107 12.51 4.54 2.00
CA ASN A 107 13.60 5.51 2.02
C ASN A 107 13.40 6.47 3.18
N GLN A 108 12.63 6.02 4.18
CA GLN A 108 12.36 6.79 5.40
C GLN A 108 11.38 7.94 5.13
N ALA A 109 10.48 7.72 4.19
CA ALA A 109 9.50 8.74 3.85
C ALA A 109 8.32 8.73 4.81
N ASP A 110 7.72 9.90 4.94
CA ASP A 110 6.52 10.08 5.74
C ASP A 110 5.34 9.33 5.14
N SER A 111 4.38 8.98 5.97
CA SER A 111 3.24 8.16 5.54
C SER A 111 2.10 9.03 5.04
N LYS A 112 2.05 10.27 5.52
CA LYS A 112 1.00 11.20 5.13
C LYS A 112 1.20 11.63 3.67
N THR A 113 2.45 11.88 3.31
CA THR A 113 2.78 12.28 1.95
C THR A 113 2.60 11.11 0.98
N THR A 114 2.96 9.91 1.43
CA THR A 114 2.79 8.71 0.62
C THR A 114 1.32 8.35 0.48
N LEU A 115 0.54 8.70 1.52
CA LEU A 115 -0.91 8.56 1.48
C LEU A 115 -1.47 9.31 0.28
N ASN A 116 -1.01 10.55 0.11
CA ASN A 116 -1.46 11.39 -0.98
C ASN A 116 -1.07 10.80 -2.32
N LYS A 117 0.12 10.23 -2.41
CA LYS A 117 0.58 9.61 -3.65
C LYS A 117 -0.41 8.56 -4.14
N LEU A 118 -0.79 7.66 -3.23
CA LEU A 118 -1.66 6.55 -3.58
C LEU A 118 -3.06 7.02 -3.92
N LYS A 119 -3.48 8.14 -3.35
CA LYS A 119 -4.82 8.67 -3.58
C LYS A 119 -4.84 9.54 -4.84
N ASP A 120 -3.72 10.15 -5.14
CA ASP A 120 -3.65 11.17 -6.19
C ASP A 120 -2.96 10.63 -7.43
N THR A 121 -2.88 9.31 -7.53
CA THR A 121 -2.26 8.67 -8.68
C THR A 121 -3.04 8.99 -9.97
N ILE A 122 -4.29 8.52 -10.01
CA ILE A 122 -5.18 8.65 -11.18
C ILE A 122 -4.42 8.63 -12.51
N GLY A 1 3.07 -18.53 8.06
CA GLY A 1 4.06 -19.39 8.76
C GLY A 1 4.22 -19.01 10.21
N ALA A 2 5.45 -19.03 10.70
CA ALA A 2 5.73 -18.71 12.11
C ALA A 2 5.76 -17.20 12.33
N MET A 3 4.67 -16.53 11.98
CA MET A 3 4.58 -15.09 12.13
C MET A 3 3.16 -14.70 12.54
N GLY A 4 2.98 -14.47 13.84
CA GLY A 4 1.71 -13.96 14.31
C GLY A 4 1.55 -12.49 13.99
N THR A 5 0.87 -12.21 12.88
CA THR A 5 0.74 -10.88 12.34
C THR A 5 0.21 -9.87 13.36
N PRO A 6 1.07 -8.95 13.81
CA PRO A 6 0.70 -7.92 14.79
C PRO A 6 0.00 -6.73 14.13
N LEU A 7 -0.04 -6.74 12.80
CA LEU A 7 -0.69 -5.67 12.05
C LEU A 7 -2.18 -5.63 12.38
N GLU A 8 -2.77 -6.80 12.51
CA GLU A 8 -4.20 -6.93 12.74
C GLU A 8 -4.62 -6.37 14.11
N LYS A 9 -3.62 -6.13 14.96
CA LYS A 9 -3.89 -5.64 16.31
C LYS A 9 -4.24 -4.17 16.27
N LEU A 10 -3.67 -3.46 15.31
CA LEU A 10 -3.94 -2.04 15.14
C LEU A 10 -5.04 -1.84 14.12
N VAL A 11 -5.14 -2.76 13.18
CA VAL A 11 -6.23 -2.73 12.21
C VAL A 11 -7.58 -2.73 12.95
N SER A 12 -7.59 -3.36 14.12
CA SER A 12 -8.79 -3.48 14.94
C SER A 12 -9.08 -2.22 15.75
N ARG A 13 -8.11 -1.29 15.82
CA ARG A 13 -8.35 -0.02 16.52
C ARG A 13 -8.80 1.04 15.51
N LEU A 14 -8.43 0.85 14.25
CA LEU A 14 -8.94 1.69 13.18
C LEU A 14 -10.34 1.25 12.78
N ASN A 15 -10.57 -0.07 12.91
CA ASN A 15 -11.86 -0.67 12.61
C ASN A 15 -12.22 -0.54 11.14
N LEU A 16 -11.51 -1.29 10.32
CA LEU A 16 -11.78 -1.30 8.89
C LEU A 16 -12.84 -2.34 8.56
N ASN A 17 -13.55 -2.14 7.46
CA ASN A 17 -14.56 -3.11 7.04
C ASN A 17 -14.11 -3.74 5.74
N ASN A 18 -14.94 -4.64 5.18
CA ASN A 18 -14.59 -5.34 3.95
C ASN A 18 -14.17 -4.37 2.85
N THR A 19 -14.77 -3.18 2.88
CA THR A 19 -14.47 -2.16 1.88
C THR A 19 -13.00 -1.73 1.96
N GLU A 20 -12.51 -1.58 3.18
CA GLU A 20 -11.12 -1.18 3.40
C GLU A 20 -10.19 -2.39 3.30
N LYS A 21 -10.59 -3.48 3.93
CA LYS A 21 -9.75 -4.67 4.05
C LYS A 21 -9.43 -5.30 2.70
N GLU A 22 -10.43 -5.34 1.81
CA GLU A 22 -10.22 -5.90 0.47
C GLU A 22 -9.21 -5.06 -0.29
N THR A 23 -9.32 -3.74 -0.15
CA THR A 23 -8.40 -2.83 -0.78
C THR A 23 -7.01 -2.94 -0.17
N LEU A 24 -6.96 -3.09 1.15
CA LEU A 24 -5.69 -3.29 1.85
C LEU A 24 -5.03 -4.58 1.37
N THR A 25 -5.85 -5.61 1.17
CA THR A 25 -5.37 -6.87 0.62
C THR A 25 -4.77 -6.65 -0.77
N PHE A 26 -5.50 -5.93 -1.61
CA PHE A 26 -5.05 -5.61 -2.96
C PHE A 26 -3.73 -4.83 -2.92
N LEU A 27 -3.70 -3.81 -2.08
CA LEU A 27 -2.52 -2.95 -1.96
C LEU A 27 -1.29 -3.76 -1.55
N THR A 28 -1.39 -4.48 -0.44
CA THR A 28 -0.29 -5.27 0.06
C THR A 28 0.20 -6.30 -0.98
N ASN A 29 -0.74 -6.86 -1.74
CA ASN A 29 -0.39 -7.86 -2.74
C ASN A 29 0.21 -7.21 -3.99
N LEU A 30 -0.23 -6.01 -4.34
CA LEU A 30 0.31 -5.33 -5.52
C LEU A 30 1.74 -4.86 -5.21
N LEU A 31 1.96 -4.41 -3.99
CA LEU A 31 3.29 -4.13 -3.49
C LEU A 31 4.20 -5.35 -3.66
N LYS A 32 3.73 -6.51 -3.22
CA LYS A 32 4.49 -7.75 -3.36
C LYS A 32 4.53 -8.23 -4.82
N GLU A 33 3.83 -7.52 -5.69
CA GLU A 33 3.80 -7.86 -7.11
C GLU A 33 4.80 -7.00 -7.88
N LYS A 34 4.86 -5.72 -7.52
CA LYS A 34 5.68 -4.78 -8.27
C LYS A 34 7.04 -4.55 -7.61
N LEU A 35 7.07 -4.44 -6.29
CA LEU A 35 8.29 -4.05 -5.59
C LEU A 35 9.37 -5.12 -5.68
N VAL A 36 8.97 -6.33 -6.08
CA VAL A 36 9.93 -7.41 -6.26
C VAL A 36 10.75 -7.20 -7.54
N ASP A 37 10.43 -6.13 -8.25
CA ASP A 37 11.17 -5.73 -9.43
C ASP A 37 12.16 -4.63 -9.05
N PRO A 38 13.43 -4.77 -9.42
CA PRO A 38 14.48 -3.81 -9.06
C PRO A 38 14.28 -2.42 -9.67
N ASN A 39 13.38 -2.32 -10.64
CA ASN A 39 13.12 -1.05 -11.31
C ASN A 39 11.99 -0.31 -10.62
N ILE A 40 11.19 -1.07 -9.88
CA ILE A 40 10.03 -0.52 -9.18
C ILE A 40 10.35 -0.36 -7.70
N GLY A 41 10.87 -1.42 -7.09
CA GLY A 41 11.23 -1.39 -5.70
C GLY A 41 12.66 -0.92 -5.51
N LEU A 42 12.93 0.29 -5.99
CA LEU A 42 14.26 0.86 -5.96
C LEU A 42 14.71 1.05 -4.52
N HIS A 43 13.78 1.44 -3.66
CA HIS A 43 14.09 1.62 -2.26
C HIS A 43 13.85 0.31 -1.52
N PHE A 44 12.82 -0.40 -1.93
CA PHE A 44 12.47 -1.67 -1.31
C PHE A 44 13.63 -2.66 -1.37
N LYS A 45 14.15 -2.89 -2.57
CA LYS A 45 15.18 -3.91 -2.79
C LYS A 45 16.45 -3.56 -2.02
N ASN A 46 16.73 -2.29 -1.94
CA ASN A 46 18.02 -1.85 -1.44
C ASN A 46 17.96 -1.44 0.04
N SER A 47 16.77 -1.50 0.62
CA SER A 47 16.60 -1.17 2.02
C SER A 47 16.04 -2.37 2.81
N GLY A 48 15.83 -3.48 2.10
CA GLY A 48 15.32 -4.67 2.75
C GLY A 48 15.19 -5.83 1.79
N GLY A 49 14.42 -5.64 0.73
CA GLY A 49 14.25 -6.66 -0.29
C GLY A 49 13.57 -7.91 0.24
N ASP A 50 12.67 -7.74 1.20
CA ASP A 50 11.96 -8.87 1.79
C ASP A 50 10.50 -8.54 1.98
N GLU A 51 9.65 -9.55 1.86
CA GLU A 51 8.20 -9.39 2.01
C GLU A 51 7.85 -8.72 3.33
N SER A 52 8.51 -9.16 4.40
CA SER A 52 8.21 -8.66 5.73
C SER A 52 8.47 -7.16 5.84
N LYS A 53 9.41 -6.67 5.03
CA LYS A 53 9.74 -5.27 5.03
C LYS A 53 8.62 -4.44 4.42
N ILE A 54 7.85 -5.06 3.54
CA ILE A 54 6.67 -4.41 2.99
C ILE A 54 5.59 -4.34 4.06
N GLU A 55 5.38 -5.47 4.72
CA GLU A 55 4.35 -5.60 5.73
C GLU A 55 4.67 -4.74 6.96
N GLU A 56 5.95 -4.57 7.27
CA GLU A 56 6.36 -3.66 8.34
C GLU A 56 6.05 -2.22 7.93
N SER A 57 6.32 -1.91 6.67
CA SER A 57 6.10 -0.56 6.15
C SER A 57 4.62 -0.22 6.11
N VAL A 58 3.79 -1.16 5.65
CA VAL A 58 2.34 -0.96 5.62
C VAL A 58 1.83 -0.67 7.04
N GLN A 59 2.35 -1.43 7.99
CA GLN A 59 1.98 -1.27 9.40
C GLN A 59 2.41 0.10 9.91
N LYS A 60 3.65 0.47 9.61
CA LYS A 60 4.22 1.74 10.05
C LYS A 60 3.47 2.91 9.40
N PHE A 61 3.20 2.76 8.11
CA PHE A 61 2.55 3.80 7.32
C PHE A 61 1.17 4.14 7.88
N LEU A 62 0.31 3.13 7.95
CA LEU A 62 -1.08 3.34 8.32
C LEU A 62 -1.23 3.69 9.80
N SER A 63 -0.27 3.29 10.61
CA SER A 63 -0.34 3.53 12.05
C SER A 63 -0.23 5.03 12.35
N GLU A 64 0.52 5.75 11.52
CA GLU A 64 0.78 7.15 11.75
C GLU A 64 -0.21 8.04 11.02
N LEU A 65 -1.26 7.44 10.48
CA LEU A 65 -2.30 8.21 9.78
C LEU A 65 -3.57 8.26 10.60
N LYS A 66 -4.53 9.06 10.13
CA LYS A 66 -5.83 9.15 10.77
C LYS A 66 -6.78 8.15 10.15
N GLU A 67 -7.80 7.80 10.92
CA GLU A 67 -8.80 6.83 10.48
C GLU A 67 -9.47 7.34 9.21
N ASP A 68 -9.80 8.63 9.22
CA ASP A 68 -10.47 9.27 8.08
C ASP A 68 -9.60 9.21 6.83
N GLU A 69 -8.28 9.36 7.03
CA GLU A 69 -7.34 9.38 5.93
C GLU A 69 -7.19 7.99 5.32
N ILE A 70 -7.22 6.98 6.17
CA ILE A 70 -7.18 5.60 5.71
C ILE A 70 -8.43 5.27 4.91
N LYS A 71 -9.59 5.70 5.41
CA LYS A 71 -10.84 5.56 4.69
C LYS A 71 -10.75 6.12 3.28
N ASP A 72 -10.41 7.40 3.16
CA ASP A 72 -10.34 8.06 1.84
C ASP A 72 -9.36 7.34 0.93
N LEU A 73 -8.20 6.99 1.49
CA LEU A 73 -7.17 6.29 0.75
C LEU A 73 -7.71 5.00 0.14
N LEU A 74 -8.13 4.07 0.99
CA LEU A 74 -8.53 2.75 0.54
C LEU A 74 -9.83 2.80 -0.26
N ALA A 75 -10.67 3.80 0.01
CA ALA A 75 -11.91 3.95 -0.74
C ALA A 75 -11.60 4.31 -2.18
N LYS A 76 -10.65 5.23 -2.35
CA LYS A 76 -10.25 5.68 -3.66
C LYS A 76 -9.48 4.60 -4.39
N ILE A 77 -8.58 3.92 -3.69
CA ILE A 77 -7.82 2.83 -4.30
C ILE A 77 -8.78 1.75 -4.80
N LYS A 78 -9.77 1.43 -3.99
CA LYS A 78 -10.82 0.48 -4.38
C LYS A 78 -11.54 0.95 -5.63
N GLU A 79 -12.06 2.17 -5.57
CA GLU A 79 -12.92 2.68 -6.63
C GLU A 79 -12.13 2.92 -7.92
N ASN A 80 -10.91 3.43 -7.79
CA ASN A 80 -10.06 3.67 -8.96
C ASN A 80 -9.63 2.33 -9.56
N LYS A 81 -9.37 1.36 -8.70
CA LYS A 81 -9.09 -0.01 -9.13
C LYS A 81 -10.21 -0.54 -10.02
N ASP A 82 -11.42 -0.46 -9.49
CA ASP A 82 -12.62 -0.94 -10.19
C ASP A 82 -12.80 -0.23 -11.52
N LYS A 83 -12.41 1.03 -11.58
CA LYS A 83 -12.50 1.82 -12.80
C LYS A 83 -11.42 1.41 -13.81
N LYS A 84 -10.24 1.03 -13.30
CA LYS A 84 -9.11 0.76 -14.16
C LYS A 84 -9.05 -0.71 -14.55
N GLU A 85 -9.68 -1.57 -13.77
CA GLU A 85 -9.70 -3.00 -14.07
C GLU A 85 -10.60 -3.29 -15.27
N LYS A 86 -11.23 -2.24 -15.76
CA LYS A 86 -11.96 -2.28 -17.02
C LYS A 86 -10.96 -2.40 -18.17
N ASP A 87 -9.70 -2.08 -17.86
CA ASP A 87 -8.61 -2.19 -18.81
C ASP A 87 -7.49 -3.03 -18.19
N PRO A 88 -6.87 -3.91 -18.98
CA PRO A 88 -5.77 -4.74 -18.51
C PRO A 88 -4.59 -3.93 -17.99
N GLU A 89 -3.99 -3.11 -18.85
CA GLU A 89 -2.74 -2.46 -18.50
C GLU A 89 -2.97 -1.11 -17.82
N GLU A 90 -4.18 -0.58 -17.91
CA GLU A 90 -4.50 0.61 -17.14
C GLU A 90 -4.58 0.25 -15.66
N LEU A 91 -5.03 -0.97 -15.39
CA LEU A 91 -5.01 -1.50 -14.03
C LEU A 91 -3.57 -1.89 -13.66
N ASN A 92 -2.85 -2.42 -14.63
CA ASN A 92 -1.48 -2.87 -14.42
C ASN A 92 -0.57 -1.70 -14.06
N THR A 93 -0.75 -0.58 -14.76
CA THR A 93 0.01 0.63 -14.49
C THR A 93 -0.35 1.20 -13.12
N TYR A 94 -1.62 1.07 -12.76
CA TYR A 94 -2.13 1.58 -11.49
C TYR A 94 -1.34 1.01 -10.31
N LYS A 95 -1.25 -0.32 -10.27
CA LYS A 95 -0.46 -1.00 -9.25
C LYS A 95 0.96 -0.46 -9.21
N SER A 96 1.53 -0.26 -10.38
CA SER A 96 2.92 0.17 -10.51
C SER A 96 3.12 1.55 -9.88
N ILE A 97 2.17 2.44 -10.14
CA ILE A 97 2.22 3.80 -9.59
C ILE A 97 2.18 3.75 -8.06
N LEU A 98 1.14 3.11 -7.52
CA LEU A 98 1.02 2.93 -6.08
C LEU A 98 2.24 2.25 -5.47
N ALA A 99 2.80 1.27 -6.16
CA ALA A 99 3.96 0.57 -5.65
C ALA A 99 5.18 1.47 -5.64
N SER A 100 5.39 2.22 -6.72
CA SER A 100 6.50 3.15 -6.79
C SER A 100 6.27 4.28 -5.79
N GLY A 101 5.00 4.54 -5.50
CA GLY A 101 4.65 5.55 -4.53
C GLY A 101 4.94 5.08 -3.13
N PHE A 102 4.56 3.84 -2.84
CA PHE A 102 4.77 3.27 -1.53
C PHE A 102 6.25 2.99 -1.29
N ASP A 103 6.94 2.59 -2.34
CA ASP A 103 8.37 2.25 -2.28
C ASP A 103 9.20 3.34 -1.57
N GLY A 104 8.71 4.57 -1.62
CA GLY A 104 9.39 5.67 -0.96
C GLY A 104 9.52 5.47 0.56
N ILE A 105 8.58 4.73 1.15
CA ILE A 105 8.57 4.51 2.60
C ILE A 105 9.86 3.83 3.06
N PHE A 106 10.44 3.02 2.18
CA PHE A 106 11.64 2.25 2.50
C PHE A 106 12.86 3.17 2.56
N ASN A 107 12.71 4.38 2.04
CA ASN A 107 13.78 5.35 2.06
C ASN A 107 13.51 6.42 3.13
N GLN A 108 12.71 6.04 4.12
CA GLN A 108 12.40 6.89 5.27
C GLN A 108 11.47 8.03 4.89
N ALA A 109 10.64 7.82 3.87
CA ALA A 109 9.64 8.81 3.50
C ALA A 109 8.52 8.84 4.52
N ASP A 110 7.95 10.02 4.72
CA ASP A 110 6.87 10.20 5.67
C ASP A 110 5.59 9.54 5.18
N SER A 111 4.80 9.08 6.13
CA SER A 111 3.60 8.31 5.82
C SER A 111 2.50 9.22 5.28
N LYS A 112 2.47 10.46 5.76
CA LYS A 112 1.50 11.45 5.27
C LYS A 112 1.88 11.88 3.87
N THR A 113 3.16 12.14 3.70
CA THR A 113 3.71 12.54 2.41
C THR A 113 3.49 11.46 1.35
N THR A 114 3.76 10.22 1.72
CA THR A 114 3.58 9.10 0.82
C THR A 114 2.09 8.85 0.56
N LEU A 115 1.28 9.09 1.59
CA LEU A 115 -0.16 8.92 1.49
C LEU A 115 -0.74 9.79 0.39
N ASN A 116 -0.34 11.06 0.40
CA ASN A 116 -0.85 12.03 -0.56
C ASN A 116 -0.68 11.56 -2.00
N LYS A 117 0.38 10.82 -2.26
CA LYS A 117 0.63 10.29 -3.60
C LYS A 117 -0.32 9.12 -3.91
N LEU A 118 -0.53 8.26 -2.93
CA LEU A 118 -1.35 7.05 -3.11
C LEU A 118 -2.84 7.39 -3.09
N LYS A 119 -3.21 8.33 -2.24
CA LYS A 119 -4.59 8.70 -2.05
C LYS A 119 -5.09 9.54 -3.21
N ASP A 120 -4.15 10.25 -3.84
CA ASP A 120 -4.48 11.16 -4.91
C ASP A 120 -3.92 10.66 -6.24
N THR A 121 -3.79 9.33 -6.36
CA THR A 121 -3.26 8.73 -7.57
C THR A 121 -4.22 8.92 -8.73
N ILE A 122 -5.48 8.55 -8.50
CA ILE A 122 -6.52 8.66 -9.52
C ILE A 122 -6.13 7.87 -10.76
N GLY A 1 0.82 -14.86 11.03
CA GLY A 1 0.99 -16.23 11.55
C GLY A 1 2.41 -16.48 12.05
N ALA A 2 3.23 -17.09 11.18
CA ALA A 2 4.61 -17.42 11.51
C ALA A 2 5.40 -16.19 11.91
N MET A 3 5.23 -15.10 11.17
CA MET A 3 5.98 -13.87 11.42
C MET A 3 5.22 -12.98 12.40
N GLY A 4 4.16 -13.54 12.99
CA GLY A 4 3.35 -12.78 13.92
C GLY A 4 2.35 -11.87 13.23
N THR A 5 2.81 -11.24 12.13
CA THR A 5 2.02 -10.30 11.35
C THR A 5 1.26 -9.32 12.24
N PRO A 6 1.97 -8.33 12.80
CA PRO A 6 1.39 -7.36 13.74
C PRO A 6 0.47 -6.36 13.04
N LEU A 7 0.64 -6.23 11.72
CA LEU A 7 -0.21 -5.35 10.94
C LEU A 7 -1.67 -5.80 11.03
N GLU A 8 -1.89 -7.10 10.88
CA GLU A 8 -3.25 -7.66 10.90
C GLU A 8 -3.89 -7.50 12.28
N LYS A 9 -3.06 -7.26 13.28
CA LYS A 9 -3.52 -7.22 14.66
C LYS A 9 -4.05 -5.84 15.00
N LEU A 10 -3.62 -4.83 14.27
CA LEU A 10 -4.07 -3.47 14.50
C LEU A 10 -5.09 -3.05 13.46
N VAL A 11 -5.01 -3.63 12.28
CA VAL A 11 -5.98 -3.36 11.23
C VAL A 11 -7.41 -3.62 11.72
N SER A 12 -7.56 -4.64 12.54
CA SER A 12 -8.86 -4.98 13.09
C SER A 12 -9.32 -3.93 14.10
N ARG A 13 -8.37 -3.30 14.80
CA ARG A 13 -8.70 -2.34 15.85
C ARG A 13 -9.05 -0.97 15.25
N LEU A 14 -8.65 -0.75 14.01
CA LEU A 14 -9.06 0.46 13.29
C LEU A 14 -10.54 0.36 12.89
N ASN A 15 -11.03 -0.88 12.93
CA ASN A 15 -12.43 -1.18 12.63
C ASN A 15 -12.78 -0.74 11.21
N LEU A 16 -12.22 -1.43 10.23
CA LEU A 16 -12.44 -1.11 8.83
C LEU A 16 -13.59 -1.93 8.28
N ASN A 17 -14.20 -1.43 7.22
CA ASN A 17 -15.31 -2.13 6.58
C ASN A 17 -14.81 -2.84 5.33
N ASN A 18 -15.68 -3.65 4.74
CA ASN A 18 -15.32 -4.48 3.59
C ASN A 18 -14.74 -3.64 2.45
N THR A 19 -15.22 -2.42 2.33
CA THR A 19 -14.75 -1.51 1.28
C THR A 19 -13.29 -1.14 1.51
N GLU A 20 -12.94 -0.91 2.77
CA GLU A 20 -11.59 -0.50 3.15
C GLU A 20 -10.63 -1.67 3.03
N LYS A 21 -11.08 -2.83 3.53
CA LYS A 21 -10.26 -4.03 3.56
C LYS A 21 -10.05 -4.60 2.15
N GLU A 22 -11.02 -4.34 1.27
CA GLU A 22 -10.89 -4.66 -0.14
C GLU A 22 -9.59 -4.08 -0.68
N THR A 23 -9.39 -2.80 -0.40
CA THR A 23 -8.23 -2.08 -0.88
C THR A 23 -6.95 -2.51 -0.16
N LEU A 24 -7.05 -2.71 1.14
CA LEU A 24 -5.89 -3.12 1.94
C LEU A 24 -5.35 -4.44 1.41
N THR A 25 -6.25 -5.34 1.04
CA THR A 25 -5.88 -6.61 0.43
C THR A 25 -5.12 -6.36 -0.87
N PHE A 26 -5.69 -5.52 -1.74
CA PHE A 26 -5.10 -5.21 -3.03
C PHE A 26 -3.73 -4.56 -2.87
N LEU A 27 -3.67 -3.53 -2.03
CA LEU A 27 -2.45 -2.77 -1.80
C LEU A 27 -1.28 -3.69 -1.41
N THR A 28 -1.48 -4.47 -0.35
CA THR A 28 -0.45 -5.34 0.18
C THR A 28 0.03 -6.36 -0.86
N ASN A 29 -0.90 -6.89 -1.65
CA ASN A 29 -0.56 -7.91 -2.63
C ASN A 29 0.12 -7.31 -3.85
N LEU A 30 -0.27 -6.09 -4.23
CA LEU A 30 0.32 -5.46 -5.42
C LEU A 30 1.76 -5.04 -5.13
N LEU A 31 2.01 -4.59 -3.91
CA LEU A 31 3.35 -4.30 -3.45
C LEU A 31 4.26 -5.53 -3.57
N LYS A 32 3.79 -6.69 -3.10
CA LYS A 32 4.57 -7.91 -3.22
C LYS A 32 4.68 -8.38 -4.66
N GLU A 33 3.95 -7.71 -5.55
CA GLU A 33 3.95 -8.05 -6.96
C GLU A 33 4.89 -7.13 -7.73
N LYS A 34 4.91 -5.85 -7.36
CA LYS A 34 5.64 -4.85 -8.12
C LYS A 34 6.95 -4.44 -7.45
N LEU A 35 6.99 -4.44 -6.13
CA LEU A 35 8.18 -3.94 -5.42
C LEU A 35 9.37 -4.88 -5.58
N VAL A 36 9.11 -6.11 -6.02
CA VAL A 36 10.18 -7.05 -6.30
C VAL A 36 10.89 -6.70 -7.60
N ASP A 37 10.39 -5.66 -8.26
CA ASP A 37 11.04 -5.10 -9.43
C ASP A 37 11.98 -3.99 -8.99
N PRO A 38 13.26 -4.05 -9.43
CA PRO A 38 14.29 -3.11 -8.98
C PRO A 38 14.06 -1.68 -9.47
N ASN A 39 13.08 -1.50 -10.34
CA ASN A 39 12.75 -0.18 -10.84
C ASN A 39 11.56 0.39 -10.10
N ILE A 40 10.75 -0.50 -9.53
CA ILE A 40 9.55 -0.08 -8.81
C ILE A 40 9.85 0.01 -7.32
N GLY A 41 10.50 -1.03 -6.80
CA GLY A 41 10.86 -1.05 -5.40
C GLY A 41 12.32 -0.70 -5.21
N LEU A 42 12.70 0.47 -5.68
CA LEU A 42 14.09 0.92 -5.60
C LEU A 42 14.48 1.09 -4.15
N HIS A 43 13.59 1.69 -3.37
CA HIS A 43 13.87 1.89 -1.96
C HIS A 43 13.69 0.57 -1.23
N PHE A 44 12.68 -0.18 -1.64
CA PHE A 44 12.38 -1.49 -1.07
C PHE A 44 13.58 -2.43 -1.18
N LYS A 45 14.08 -2.61 -2.39
CA LYS A 45 15.20 -3.51 -2.65
C LYS A 45 16.42 -3.09 -1.85
N ASN A 46 16.69 -1.79 -1.83
CA ASN A 46 17.89 -1.29 -1.18
C ASN A 46 17.70 -1.17 0.33
N SER A 47 16.47 -1.34 0.79
CA SER A 47 16.20 -1.37 2.22
C SER A 47 16.35 -2.79 2.74
N GLY A 48 15.95 -3.76 1.93
CA GLY A 48 16.04 -5.15 2.32
C GLY A 48 15.54 -6.09 1.25
N GLY A 49 14.49 -5.68 0.55
CA GLY A 49 13.92 -6.52 -0.48
C GLY A 49 13.21 -7.73 0.08
N ASP A 50 12.59 -7.56 1.24
CA ASP A 50 11.94 -8.67 1.91
C ASP A 50 10.45 -8.39 2.09
N GLU A 51 9.65 -9.44 2.00
CA GLU A 51 8.21 -9.33 2.17
C GLU A 51 7.86 -8.70 3.52
N SER A 52 8.64 -9.05 4.54
CA SER A 52 8.42 -8.54 5.88
C SER A 52 8.52 -7.02 5.89
N LYS A 53 9.34 -6.48 5.00
CA LYS A 53 9.51 -5.04 4.89
C LYS A 53 8.27 -4.37 4.33
N ILE A 54 7.54 -5.10 3.50
CA ILE A 54 6.28 -4.59 2.96
C ILE A 54 5.20 -4.63 4.04
N GLU A 55 5.17 -5.72 4.78
CA GLU A 55 4.20 -5.88 5.85
C GLU A 55 4.55 -4.96 7.03
N GLU A 56 5.82 -4.57 7.12
CA GLU A 56 6.25 -3.54 8.06
C GLU A 56 5.78 -2.16 7.61
N SER A 57 6.06 -1.85 6.35
CA SER A 57 5.83 -0.52 5.83
C SER A 57 4.35 -0.14 5.85
N VAL A 58 3.49 -1.02 5.33
CA VAL A 58 2.05 -0.77 5.34
C VAL A 58 1.56 -0.52 6.77
N GLN A 59 2.08 -1.29 7.70
CA GLN A 59 1.74 -1.15 9.11
C GLN A 59 2.17 0.22 9.64
N LYS A 60 3.45 0.51 9.51
CA LYS A 60 4.02 1.74 10.06
C LYS A 60 3.49 2.98 9.36
N PHE A 61 3.15 2.82 8.09
CA PHE A 61 2.57 3.89 7.29
C PHE A 61 1.23 4.33 7.89
N LEU A 62 0.32 3.39 7.99
CA LEU A 62 -1.04 3.68 8.43
C LEU A 62 -1.09 3.99 9.92
N SER A 63 -0.11 3.48 10.66
CA SER A 63 -0.07 3.66 12.10
C SER A 63 0.10 5.13 12.49
N GLU A 64 0.70 5.92 11.60
CA GLU A 64 0.95 7.32 11.89
C GLU A 64 -0.18 8.20 11.36
N LEU A 65 -1.13 7.60 10.67
CA LEU A 65 -2.20 8.36 10.03
C LEU A 65 -3.43 8.41 10.93
N LYS A 66 -4.35 9.30 10.58
CA LYS A 66 -5.64 9.34 11.25
C LYS A 66 -6.56 8.28 10.69
N GLU A 67 -7.46 7.78 11.53
CA GLU A 67 -8.41 6.77 11.12
C GLU A 67 -9.12 7.21 9.84
N ASP A 68 -9.57 8.46 9.83
CA ASP A 68 -10.29 9.03 8.70
C ASP A 68 -9.43 9.06 7.44
N GLU A 69 -8.16 9.41 7.62
CA GLU A 69 -7.24 9.56 6.50
C GLU A 69 -6.94 8.21 5.86
N ILE A 70 -6.89 7.17 6.69
CA ILE A 70 -6.71 5.81 6.21
C ILE A 70 -7.91 5.39 5.36
N LYS A 71 -9.10 5.75 5.83
CA LYS A 71 -10.34 5.45 5.13
C LYS A 71 -10.33 6.05 3.73
N ASP A 72 -10.09 7.36 3.67
CA ASP A 72 -10.09 8.09 2.39
C ASP A 72 -9.05 7.51 1.44
N LEU A 73 -7.87 7.24 1.99
CA LEU A 73 -6.76 6.69 1.21
C LEU A 73 -7.22 5.42 0.48
N LEU A 74 -7.63 4.43 1.25
CA LEU A 74 -8.06 3.16 0.71
C LEU A 74 -9.27 3.30 -0.20
N ALA A 75 -10.25 4.10 0.22
CA ALA A 75 -11.46 4.29 -0.57
C ALA A 75 -11.14 4.86 -1.95
N LYS A 76 -10.21 5.81 -1.98
CA LYS A 76 -9.80 6.43 -3.22
C LYS A 76 -9.10 5.43 -4.13
N ILE A 77 -8.21 4.63 -3.54
CA ILE A 77 -7.52 3.58 -4.29
C ILE A 77 -8.53 2.55 -4.79
N LYS A 78 -9.52 2.27 -3.95
CA LYS A 78 -10.56 1.30 -4.25
C LYS A 78 -11.33 1.72 -5.50
N GLU A 79 -11.78 2.96 -5.51
CA GLU A 79 -12.50 3.53 -6.64
C GLU A 79 -11.70 3.34 -7.92
N ASN A 80 -10.45 3.80 -7.91
CA ASN A 80 -9.58 3.70 -9.07
C ASN A 80 -9.35 2.24 -9.47
N LYS A 81 -9.11 1.40 -8.46
CA LYS A 81 -8.94 -0.03 -8.65
C LYS A 81 -10.15 -0.63 -9.37
N ASP A 82 -11.31 -0.40 -8.78
CA ASP A 82 -12.55 -1.01 -9.26
C ASP A 82 -12.90 -0.54 -10.67
N LYS A 83 -12.37 0.61 -11.04
CA LYS A 83 -12.59 1.15 -12.38
C LYS A 83 -11.57 0.58 -13.37
N LYS A 84 -10.34 0.36 -12.91
CA LYS A 84 -9.27 -0.04 -13.81
C LYS A 84 -9.17 -1.55 -13.93
N GLU A 85 -9.73 -2.27 -12.96
CA GLU A 85 -9.72 -3.73 -12.98
C GLU A 85 -10.63 -4.27 -14.08
N LYS A 86 -11.29 -3.36 -14.79
CA LYS A 86 -12.00 -3.69 -16.01
C LYS A 86 -11.03 -4.19 -17.06
N ASP A 87 -9.98 -3.42 -17.25
CA ASP A 87 -8.91 -3.76 -18.18
C ASP A 87 -7.70 -4.25 -17.40
N PRO A 88 -7.30 -5.51 -17.59
CA PRO A 88 -6.22 -6.14 -16.83
C PRO A 88 -4.94 -5.30 -16.81
N GLU A 89 -4.55 -4.76 -17.97
CA GLU A 89 -3.31 -4.01 -18.06
C GLU A 89 -3.46 -2.61 -17.46
N GLU A 90 -4.67 -2.05 -17.52
CA GLU A 90 -4.94 -0.77 -16.87
C GLU A 90 -4.77 -0.90 -15.35
N LEU A 91 -5.38 -1.95 -14.82
CA LEU A 91 -5.28 -2.26 -13.40
C LEU A 91 -3.82 -2.55 -13.03
N ASN A 92 -3.18 -3.36 -13.87
CA ASN A 92 -1.76 -3.66 -13.75
C ASN A 92 -0.91 -2.39 -13.68
N THR A 93 -1.20 -1.43 -14.56
CA THR A 93 -0.47 -0.17 -14.58
C THR A 93 -0.66 0.57 -13.26
N TYR A 94 -1.89 0.54 -12.76
CA TYR A 94 -2.24 1.22 -11.52
C TYR A 94 -1.39 0.71 -10.35
N LYS A 95 -1.35 -0.62 -10.19
CA LYS A 95 -0.47 -1.26 -9.21
C LYS A 95 0.94 -0.69 -9.26
N SER A 96 1.47 -0.59 -10.47
CA SER A 96 2.86 -0.23 -10.67
C SER A 96 3.12 1.21 -10.21
N ILE A 97 2.12 2.06 -10.40
CA ILE A 97 2.20 3.44 -9.97
C ILE A 97 2.09 3.53 -8.45
N LEU A 98 1.11 2.81 -7.90
CA LEU A 98 0.90 2.75 -6.46
C LEU A 98 2.17 2.29 -5.73
N ALA A 99 2.73 1.20 -6.20
CA ALA A 99 3.90 0.61 -5.55
C ALA A 99 5.11 1.52 -5.66
N SER A 100 5.27 2.18 -6.80
CA SER A 100 6.40 3.08 -6.99
C SER A 100 6.25 4.31 -6.09
N GLY A 101 5.02 4.60 -5.69
CA GLY A 101 4.78 5.70 -4.78
C GLY A 101 4.92 5.28 -3.33
N PHE A 102 4.42 4.09 -3.00
CA PHE A 102 4.52 3.60 -1.64
C PHE A 102 5.97 3.27 -1.29
N ASP A 103 6.74 2.91 -2.31
CA ASP A 103 8.15 2.53 -2.16
C ASP A 103 8.95 3.60 -1.42
N GLY A 104 8.49 4.84 -1.46
CA GLY A 104 9.16 5.93 -0.76
C GLY A 104 9.29 5.69 0.73
N ILE A 105 8.34 4.95 1.30
CA ILE A 105 8.32 4.70 2.74
C ILE A 105 9.60 3.99 3.21
N PHE A 106 10.20 3.19 2.31
CA PHE A 106 11.40 2.42 2.63
C PHE A 106 12.61 3.33 2.66
N ASN A 107 12.41 4.58 2.29
CA ASN A 107 13.48 5.56 2.27
C ASN A 107 13.25 6.55 3.41
N GLN A 108 12.62 6.05 4.47
CA GLN A 108 12.42 6.80 5.70
C GLN A 108 11.56 8.04 5.46
N ALA A 109 10.72 7.93 4.45
CA ALA A 109 9.81 9.00 4.08
C ALA A 109 8.63 9.06 5.03
N ASP A 110 7.95 10.19 5.06
CA ASP A 110 6.81 10.36 5.93
C ASP A 110 5.58 9.67 5.35
N SER A 111 4.72 9.23 6.25
CA SER A 111 3.54 8.46 5.87
C SER A 111 2.48 9.33 5.21
N LYS A 112 2.36 10.57 5.67
CA LYS A 112 1.38 11.49 5.10
C LYS A 112 1.88 12.01 3.76
N THR A 113 3.18 12.26 3.67
CA THR A 113 3.81 12.64 2.41
C THR A 113 3.54 11.58 1.35
N THR A 114 3.65 10.32 1.76
CA THR A 114 3.45 9.21 0.84
C THR A 114 1.95 8.95 0.62
N LEU A 115 1.13 9.29 1.62
CA LEU A 115 -0.32 9.23 1.50
C LEU A 115 -0.77 10.07 0.31
N ASN A 116 -0.25 11.29 0.27
CA ASN A 116 -0.61 12.25 -0.78
C ASN A 116 -0.20 11.72 -2.16
N LYS A 117 0.85 10.91 -2.19
CA LYS A 117 1.27 10.27 -3.43
C LYS A 117 0.20 9.30 -3.92
N LEU A 118 -0.22 8.42 -3.02
CA LEU A 118 -1.20 7.39 -3.35
C LEU A 118 -2.55 8.01 -3.68
N LYS A 119 -2.91 9.05 -2.95
CA LYS A 119 -4.12 9.78 -3.18
C LYS A 119 -4.12 10.41 -4.58
N ASP A 120 -2.98 10.95 -4.96
CA ASP A 120 -2.86 11.69 -6.21
C ASP A 120 -2.32 10.81 -7.32
N THR A 121 -2.57 9.50 -7.23
CA THR A 121 -2.17 8.58 -8.29
C THR A 121 -2.91 8.90 -9.58
N ILE A 122 -4.17 9.25 -9.44
CA ILE A 122 -5.00 9.67 -10.55
C ILE A 122 -4.36 10.85 -11.31
N GLY A 1 5.51 -19.67 10.27
CA GLY A 1 5.14 -18.24 10.38
C GLY A 1 5.54 -17.66 11.72
N ALA A 2 6.82 -17.39 11.88
CA ALA A 2 7.34 -16.80 13.10
C ALA A 2 7.08 -15.30 13.12
N MET A 3 6.88 -14.73 11.94
CA MET A 3 6.56 -13.32 11.82
C MET A 3 5.09 -13.07 12.13
N GLY A 4 4.85 -12.52 13.30
CA GLY A 4 3.52 -12.06 13.63
C GLY A 4 3.26 -10.71 13.00
N THR A 5 2.83 -10.75 11.74
CA THR A 5 2.59 -9.56 10.93
C THR A 5 1.95 -8.42 11.74
N PRO A 6 2.73 -7.37 12.02
CA PRO A 6 2.35 -6.30 12.95
C PRO A 6 1.08 -5.55 12.56
N LEU A 7 0.87 -5.36 11.27
CA LEU A 7 -0.28 -4.61 10.80
C LEU A 7 -1.58 -5.28 11.19
N GLU A 8 -1.58 -6.62 11.16
CA GLU A 8 -2.79 -7.40 11.45
C GLU A 8 -3.25 -7.22 12.90
N LYS A 9 -2.38 -6.64 13.72
CA LYS A 9 -2.70 -6.43 15.12
C LYS A 9 -3.49 -5.14 15.32
N LEU A 10 -3.30 -4.20 14.41
CA LEU A 10 -3.91 -2.88 14.55
C LEU A 10 -4.93 -2.58 13.46
N VAL A 11 -4.78 -3.22 12.31
CA VAL A 11 -5.74 -3.06 11.22
C VAL A 11 -7.18 -3.27 11.71
N SER A 12 -7.34 -4.14 12.70
CA SER A 12 -8.64 -4.45 13.28
C SER A 12 -9.25 -3.24 13.99
N ARG A 13 -8.42 -2.42 14.63
CA ARG A 13 -8.91 -1.30 15.43
C ARG A 13 -9.33 -0.14 14.55
N LEU A 14 -8.90 -0.17 13.29
CA LEU A 14 -9.30 0.85 12.33
C LEU A 14 -10.69 0.55 11.76
N ASN A 15 -11.26 -0.58 12.20
CA ASN A 15 -12.62 -1.01 11.85
C ASN A 15 -12.94 -0.78 10.37
N LEU A 16 -12.44 -1.69 9.55
CA LEU A 16 -12.56 -1.56 8.11
C LEU A 16 -13.81 -2.27 7.59
N ASN A 17 -14.36 -1.76 6.50
CA ASN A 17 -15.55 -2.34 5.87
C ASN A 17 -15.16 -3.03 4.56
N ASN A 18 -16.17 -3.55 3.87
CA ASN A 18 -15.96 -4.26 2.60
C ASN A 18 -15.14 -3.43 1.61
N THR A 19 -15.34 -2.13 1.66
CA THR A 19 -14.68 -1.20 0.75
C THR A 19 -13.21 -1.03 1.11
N GLU A 20 -12.91 -1.17 2.40
CA GLU A 20 -11.58 -0.92 2.91
C GLU A 20 -10.75 -2.21 2.88
N LYS A 21 -11.35 -3.31 3.34
CA LYS A 21 -10.65 -4.59 3.42
C LYS A 21 -10.15 -5.06 2.07
N GLU A 22 -11.07 -5.13 1.11
CA GLU A 22 -10.74 -5.59 -0.24
C GLU A 22 -9.59 -4.77 -0.83
N THR A 23 -9.60 -3.48 -0.53
CA THR A 23 -8.59 -2.56 -1.02
C THR A 23 -7.24 -2.78 -0.32
N LEU A 24 -7.26 -2.85 1.01
CA LEU A 24 -6.03 -3.00 1.77
C LEU A 24 -5.34 -4.32 1.39
N THR A 25 -6.12 -5.38 1.28
CA THR A 25 -5.58 -6.67 0.87
C THR A 25 -4.97 -6.56 -0.53
N PHE A 26 -5.68 -5.88 -1.43
CA PHE A 26 -5.24 -5.67 -2.80
C PHE A 26 -3.92 -4.90 -2.83
N LEU A 27 -3.84 -3.84 -2.05
CA LEU A 27 -2.65 -2.99 -2.00
C LEU A 27 -1.44 -3.82 -1.58
N THR A 28 -1.55 -4.47 -0.43
CA THR A 28 -0.46 -5.26 0.12
C THR A 28 -0.02 -6.34 -0.87
N ASN A 29 -0.97 -6.93 -1.58
CA ASN A 29 -0.67 -7.99 -2.54
C ASN A 29 0.05 -7.44 -3.77
N LEU A 30 -0.37 -6.27 -4.25
CA LEU A 30 0.26 -5.69 -5.43
C LEU A 30 1.67 -5.20 -5.09
N LEU A 31 1.89 -4.87 -3.83
CA LEU A 31 3.21 -4.44 -3.38
C LEU A 31 4.18 -5.61 -3.44
N LYS A 32 3.72 -6.79 -3.04
CA LYS A 32 4.54 -7.99 -3.12
C LYS A 32 4.67 -8.48 -4.55
N GLU A 33 3.95 -7.83 -5.46
CA GLU A 33 4.00 -8.18 -6.86
C GLU A 33 4.96 -7.27 -7.61
N LYS A 34 4.95 -5.99 -7.24
CA LYS A 34 5.70 -4.99 -7.95
C LYS A 34 7.02 -4.63 -7.27
N LEU A 35 7.01 -4.49 -5.94
CA LEU A 35 8.18 -3.99 -5.21
C LEU A 35 9.35 -4.96 -5.27
N VAL A 36 9.09 -6.21 -5.62
CA VAL A 36 10.14 -7.22 -5.73
C VAL A 36 11.02 -6.93 -6.95
N ASP A 37 10.57 -5.99 -7.77
CA ASP A 37 11.35 -5.53 -8.91
C ASP A 37 12.16 -4.31 -8.50
N PRO A 38 13.48 -4.33 -8.73
CA PRO A 38 14.38 -3.24 -8.31
C PRO A 38 14.12 -1.93 -9.06
N ASN A 39 13.28 -1.98 -10.06
CA ASN A 39 12.92 -0.79 -10.82
C ASN A 39 11.62 -0.20 -10.30
N ILE A 40 10.97 -0.94 -9.40
CA ILE A 40 9.75 -0.48 -8.78
C ILE A 40 9.97 -0.29 -7.29
N GLY A 41 10.58 -1.28 -6.67
CA GLY A 41 10.95 -1.20 -5.27
C GLY A 41 12.41 -0.86 -5.13
N LEU A 42 12.77 0.31 -5.64
CA LEU A 42 14.16 0.74 -5.64
C LEU A 42 14.62 0.95 -4.21
N HIS A 43 13.77 1.57 -3.41
CA HIS A 43 14.10 1.82 -2.02
C HIS A 43 13.89 0.56 -1.21
N PHE A 44 12.88 -0.19 -1.59
CA PHE A 44 12.54 -1.46 -0.95
C PHE A 44 13.72 -2.44 -1.00
N LYS A 45 14.21 -2.70 -2.20
CA LYS A 45 15.30 -3.66 -2.36
C LYS A 45 16.57 -3.15 -1.72
N ASN A 46 16.78 -1.85 -1.75
CA ASN A 46 17.97 -1.28 -1.16
C ASN A 46 17.84 -1.16 0.36
N SER A 47 16.67 -1.50 0.87
CA SER A 47 16.45 -1.58 2.31
C SER A 47 16.58 -3.02 2.78
N GLY A 48 16.52 -3.95 1.84
CA GLY A 48 16.62 -5.37 2.17
C GLY A 48 15.96 -6.24 1.14
N GLY A 49 14.81 -5.81 0.64
CA GLY A 49 14.10 -6.57 -0.36
C GLY A 49 13.46 -7.82 0.18
N ASP A 50 12.77 -7.69 1.31
CA ASP A 50 12.09 -8.83 1.94
C ASP A 50 10.64 -8.49 2.22
N GLU A 51 9.79 -9.51 2.16
CA GLU A 51 8.34 -9.34 2.33
C GLU A 51 8.01 -8.70 3.68
N SER A 52 8.76 -9.06 4.71
CA SER A 52 8.51 -8.55 6.05
C SER A 52 8.73 -7.04 6.09
N LYS A 53 9.56 -6.53 5.20
CA LYS A 53 9.82 -5.11 5.10
C LYS A 53 8.62 -4.38 4.54
N ILE A 54 7.87 -5.04 3.68
CA ILE A 54 6.68 -4.46 3.08
C ILE A 54 5.58 -4.31 4.12
N GLU A 55 5.20 -5.44 4.69
CA GLU A 55 4.07 -5.50 5.61
C GLU A 55 4.34 -4.74 6.91
N GLU A 56 5.61 -4.59 7.26
CA GLU A 56 5.99 -3.80 8.40
C GLU A 56 5.93 -2.30 8.08
N SER A 57 6.28 -1.95 6.84
CA SER A 57 6.19 -0.56 6.42
C SER A 57 4.75 -0.15 6.24
N VAL A 58 3.91 -1.07 5.74
CA VAL A 58 2.47 -0.84 5.67
C VAL A 58 1.94 -0.58 7.06
N GLN A 59 2.45 -1.33 8.03
CA GLN A 59 2.08 -1.14 9.42
C GLN A 59 2.44 0.27 9.87
N LYS A 60 3.71 0.64 9.73
CA LYS A 60 4.18 1.96 10.12
C LYS A 60 3.42 3.05 9.39
N PHE A 61 3.14 2.80 8.12
CA PHE A 61 2.44 3.74 7.28
C PHE A 61 1.07 4.06 7.88
N LEU A 62 0.27 3.03 8.07
CA LEU A 62 -1.10 3.18 8.49
C LEU A 62 -1.21 3.51 9.98
N SER A 63 -0.26 3.03 10.78
CA SER A 63 -0.32 3.25 12.22
C SER A 63 0.00 4.70 12.58
N GLU A 64 0.76 5.35 11.72
CA GLU A 64 1.15 6.73 11.93
C GLU A 64 0.20 7.69 11.22
N LEU A 65 -0.91 7.16 10.73
CA LEU A 65 -1.92 7.97 10.07
C LEU A 65 -3.13 8.15 10.96
N LYS A 66 -4.06 8.99 10.52
CA LYS A 66 -5.31 9.18 11.24
C LYS A 66 -6.37 8.26 10.66
N GLU A 67 -7.38 7.96 11.45
CA GLU A 67 -8.49 7.14 10.98
C GLU A 67 -9.15 7.83 9.80
N ASP A 68 -9.24 9.15 9.88
CA ASP A 68 -9.86 9.97 8.85
C ASP A 68 -9.11 9.86 7.52
N GLU A 69 -7.80 9.68 7.60
CA GLU A 69 -6.98 9.59 6.40
C GLU A 69 -7.02 8.19 5.80
N ILE A 70 -7.01 7.17 6.65
CA ILE A 70 -6.97 5.78 6.20
C ILE A 70 -8.25 5.41 5.44
N LYS A 71 -9.39 5.77 6.02
CA LYS A 71 -10.69 5.44 5.44
C LYS A 71 -10.96 6.25 4.17
N ASP A 72 -10.09 7.21 3.89
CA ASP A 72 -10.15 7.98 2.66
C ASP A 72 -9.22 7.36 1.63
N LEU A 73 -8.05 6.94 2.10
CA LEU A 73 -7.02 6.35 1.25
C LEU A 73 -7.56 5.09 0.55
N LEU A 74 -8.02 4.13 1.34
CA LEU A 74 -8.49 2.86 0.82
C LEU A 74 -9.69 3.04 -0.10
N ALA A 75 -10.64 3.85 0.32
CA ALA A 75 -11.82 4.13 -0.49
C ALA A 75 -11.42 4.75 -1.83
N LYS A 76 -10.37 5.57 -1.81
CA LYS A 76 -9.84 6.18 -3.02
C LYS A 76 -9.31 5.11 -3.96
N ILE A 77 -8.45 4.25 -3.41
CA ILE A 77 -7.87 3.16 -4.18
C ILE A 77 -8.95 2.25 -4.73
N LYS A 78 -9.97 2.01 -3.91
CA LYS A 78 -11.11 1.19 -4.30
C LYS A 78 -11.77 1.76 -5.55
N GLU A 79 -12.21 3.01 -5.45
CA GLU A 79 -12.88 3.68 -6.56
C GLU A 79 -11.99 3.75 -7.81
N ASN A 80 -10.69 3.91 -7.58
CA ASN A 80 -9.73 3.93 -8.68
C ASN A 80 -9.60 2.54 -9.31
N LYS A 81 -9.43 1.53 -8.46
CA LYS A 81 -9.35 0.14 -8.91
C LYS A 81 -10.62 -0.25 -9.66
N ASP A 82 -11.74 0.16 -9.09
CA ASP A 82 -13.06 -0.19 -9.58
C ASP A 82 -13.27 0.21 -11.04
N LYS A 83 -12.68 1.32 -11.45
CA LYS A 83 -12.82 1.78 -12.84
C LYS A 83 -11.65 1.29 -13.70
N LYS A 84 -10.73 0.55 -13.11
CA LYS A 84 -9.56 0.07 -13.85
C LYS A 84 -9.59 -1.43 -14.08
N GLU A 85 -10.11 -2.18 -13.12
CA GLU A 85 -9.96 -3.63 -13.11
C GLU A 85 -10.66 -4.31 -14.30
N LYS A 86 -11.54 -3.59 -14.98
CA LYS A 86 -12.16 -4.10 -16.21
C LYS A 86 -11.09 -4.23 -17.31
N ASP A 87 -10.08 -3.36 -17.24
CA ASP A 87 -9.02 -3.35 -18.23
C ASP A 87 -7.71 -3.78 -17.57
N PRO A 88 -7.06 -4.80 -18.14
CA PRO A 88 -5.87 -5.43 -17.55
C PRO A 88 -4.76 -4.43 -17.19
N GLU A 89 -4.30 -3.66 -18.17
CA GLU A 89 -3.15 -2.81 -17.95
C GLU A 89 -3.53 -1.44 -17.38
N GLU A 90 -4.82 -1.11 -17.40
CA GLU A 90 -5.31 0.07 -16.68
C GLU A 90 -5.11 -0.16 -15.19
N LEU A 91 -5.42 -1.37 -14.76
CA LEU A 91 -5.22 -1.77 -13.38
C LEU A 91 -3.74 -2.02 -13.11
N ASN A 92 -3.09 -2.69 -14.05
CA ASN A 92 -1.68 -3.07 -13.91
C ASN A 92 -0.80 -1.85 -13.68
N THR A 93 -0.96 -0.83 -14.53
CA THR A 93 -0.17 0.39 -14.43
C THR A 93 -0.44 1.08 -13.10
N TYR A 94 -1.70 1.09 -12.69
CA TYR A 94 -2.10 1.68 -11.42
C TYR A 94 -1.35 1.01 -10.27
N LYS A 95 -1.39 -0.31 -10.25
CA LYS A 95 -0.68 -1.10 -9.24
C LYS A 95 0.81 -0.75 -9.23
N SER A 96 1.37 -0.54 -10.41
CA SER A 96 2.78 -0.18 -10.55
C SER A 96 3.03 1.19 -9.92
N ILE A 97 2.17 2.15 -10.24
CA ILE A 97 2.30 3.51 -9.71
C ILE A 97 2.15 3.51 -8.19
N LEU A 98 1.20 2.74 -7.69
CA LEU A 98 0.98 2.62 -6.25
C LEU A 98 2.24 2.13 -5.56
N ALA A 99 2.83 1.07 -6.09
CA ALA A 99 4.02 0.50 -5.50
C ALA A 99 5.20 1.46 -5.59
N SER A 100 5.34 2.11 -6.74
CA SER A 100 6.39 3.09 -6.93
C SER A 100 6.17 4.30 -6.01
N GLY A 101 4.93 4.50 -5.59
CA GLY A 101 4.62 5.57 -4.67
C GLY A 101 4.90 5.17 -3.24
N PHE A 102 4.57 3.93 -2.91
CA PHE A 102 4.80 3.41 -1.56
C PHE A 102 6.28 3.23 -1.29
N ASP A 103 7.00 2.71 -2.28
CA ASP A 103 8.43 2.42 -2.19
C ASP A 103 9.23 3.56 -1.56
N GLY A 104 8.76 4.80 -1.74
CA GLY A 104 9.45 5.95 -1.19
C GLY A 104 9.60 5.88 0.32
N ILE A 105 8.72 5.13 0.98
CA ILE A 105 8.73 5.02 2.43
C ILE A 105 10.02 4.35 2.93
N PHE A 106 10.66 3.57 2.05
CA PHE A 106 11.91 2.91 2.38
C PHE A 106 13.09 3.86 2.19
N ASN A 107 12.78 5.13 1.97
CA ASN A 107 13.80 6.17 1.83
C ASN A 107 13.66 7.15 2.98
N GLN A 108 13.32 6.61 4.15
CA GLN A 108 13.17 7.40 5.38
C GLN A 108 12.07 8.45 5.22
N ALA A 109 11.15 8.18 4.31
CA ALA A 109 10.06 9.10 4.03
C ALA A 109 8.95 8.97 5.06
N ASP A 110 8.09 9.99 5.12
CA ASP A 110 6.98 10.00 6.05
C ASP A 110 5.76 9.32 5.44
N SER A 111 4.87 8.85 6.28
CA SER A 111 3.69 8.10 5.82
C SER A 111 2.68 9.03 5.16
N LYS A 112 2.58 10.26 5.65
CA LYS A 112 1.56 11.20 5.16
C LYS A 112 1.88 11.65 3.73
N THR A 113 3.13 11.97 3.45
CA THR A 113 3.50 12.41 2.10
C THR A 113 3.33 11.25 1.11
N THR A 114 3.57 10.04 1.58
CA THR A 114 3.39 8.86 0.75
C THR A 114 1.91 8.59 0.52
N LEU A 115 1.11 8.85 1.56
CA LEU A 115 -0.34 8.73 1.50
C LEU A 115 -0.88 9.57 0.34
N ASN A 116 -0.44 10.82 0.30
CA ASN A 116 -0.93 11.78 -0.68
C ASN A 116 -0.67 11.29 -2.09
N LYS A 117 0.51 10.73 -2.32
CA LYS A 117 0.85 10.20 -3.63
C LYS A 117 -0.09 9.08 -4.04
N LEU A 118 -0.47 8.26 -3.07
CA LEU A 118 -1.38 7.14 -3.32
C LEU A 118 -2.81 7.64 -3.55
N LYS A 119 -3.23 8.61 -2.74
CA LYS A 119 -4.59 9.13 -2.84
C LYS A 119 -4.76 9.95 -4.13
N ASP A 120 -3.66 10.55 -4.57
CA ASP A 120 -3.70 11.46 -5.71
C ASP A 120 -3.26 10.74 -6.99
N THR A 121 -3.14 9.43 -6.93
CA THR A 121 -2.79 8.65 -8.13
C THR A 121 -3.90 8.77 -9.17
N ILE A 122 -5.06 8.19 -8.85
CA ILE A 122 -6.24 8.27 -9.71
C ILE A 122 -5.99 7.64 -11.08
N GLY A 1 12.34 -12.37 6.63
CA GLY A 1 11.05 -13.08 6.45
C GLY A 1 10.46 -13.55 7.77
N ALA A 2 9.76 -14.69 7.74
CA ALA A 2 9.08 -15.22 8.92
C ALA A 2 8.13 -14.17 9.51
N MET A 3 7.31 -13.60 8.63
CA MET A 3 6.49 -12.45 8.99
C MET A 3 5.45 -12.80 10.05
N GLY A 4 5.70 -12.34 11.27
CA GLY A 4 4.70 -12.40 12.31
C GLY A 4 3.91 -11.11 12.32
N THR A 5 2.85 -11.08 11.52
CA THR A 5 2.09 -9.87 11.22
C THR A 5 1.83 -9.00 12.45
N PRO A 6 2.57 -7.90 12.58
CA PRO A 6 2.44 -6.98 13.70
C PRO A 6 1.36 -5.94 13.46
N LEU A 7 1.00 -5.76 12.19
CA LEU A 7 0.01 -4.75 11.81
C LEU A 7 -1.40 -5.22 12.13
N GLU A 8 -1.61 -6.53 12.16
CA GLU A 8 -2.95 -7.11 12.25
C GLU A 8 -3.68 -6.65 13.50
N LYS A 9 -2.94 -6.36 14.56
CA LYS A 9 -3.53 -6.03 15.84
C LYS A 9 -3.97 -4.57 15.87
N LEU A 10 -3.18 -3.71 15.27
CA LEU A 10 -3.50 -2.30 15.23
C LEU A 10 -4.48 -2.00 14.10
N VAL A 11 -4.33 -2.69 12.99
CA VAL A 11 -5.25 -2.53 11.88
C VAL A 11 -6.67 -2.91 12.29
N SER A 12 -6.76 -3.87 13.21
CA SER A 12 -8.06 -4.32 13.71
C SER A 12 -8.71 -3.23 14.57
N ARG A 13 -7.89 -2.48 15.30
CA ARG A 13 -8.40 -1.46 16.22
C ARG A 13 -8.68 -0.15 15.48
N LEU A 14 -8.26 -0.08 14.22
CA LEU A 14 -8.59 1.06 13.37
C LEU A 14 -10.02 0.91 12.85
N ASN A 15 -10.52 -0.33 12.87
CA ASN A 15 -11.89 -0.66 12.48
C ASN A 15 -12.14 -0.36 11.01
N LEU A 16 -11.97 -1.37 10.18
CA LEU A 16 -12.20 -1.24 8.75
C LEU A 16 -13.46 -1.99 8.34
N ASN A 17 -14.00 -1.63 7.18
CA ASN A 17 -15.16 -2.31 6.61
C ASN A 17 -14.78 -2.93 5.28
N ASN A 18 -15.75 -3.55 4.61
CA ASN A 18 -15.49 -4.26 3.35
C ASN A 18 -14.83 -3.34 2.32
N THR A 19 -15.17 -2.07 2.38
CA THR A 19 -14.67 -1.09 1.42
C THR A 19 -13.18 -0.84 1.64
N GLU A 20 -12.76 -0.90 2.89
CA GLU A 20 -11.38 -0.67 3.25
C GLU A 20 -10.59 -1.96 3.16
N LYS A 21 -11.20 -3.03 3.64
CA LYS A 21 -10.55 -4.34 3.73
C LYS A 21 -10.16 -4.88 2.37
N GLU A 22 -11.11 -4.87 1.43
CA GLU A 22 -10.84 -5.39 0.09
C GLU A 22 -9.73 -4.60 -0.58
N THR A 23 -9.71 -3.30 -0.35
CA THR A 23 -8.71 -2.42 -0.92
C THR A 23 -7.34 -2.67 -0.31
N LEU A 24 -7.29 -2.79 1.02
CA LEU A 24 -6.02 -3.00 1.72
C LEU A 24 -5.37 -4.32 1.28
N THR A 25 -6.17 -5.36 1.19
CA THR A 25 -5.68 -6.66 0.74
C THR A 25 -5.13 -6.55 -0.69
N PHE A 26 -5.81 -5.78 -1.52
CA PHE A 26 -5.38 -5.54 -2.89
C PHE A 26 -4.03 -4.83 -2.93
N LEU A 27 -3.91 -3.77 -2.15
CA LEU A 27 -2.69 -2.97 -2.10
C LEU A 27 -1.50 -3.83 -1.67
N THR A 28 -1.65 -4.50 -0.54
CA THR A 28 -0.58 -5.34 0.00
C THR A 28 -0.16 -6.42 -1.00
N ASN A 29 -1.11 -6.92 -1.78
CA ASN A 29 -0.84 -7.95 -2.77
C ASN A 29 -0.02 -7.40 -3.93
N LEU A 30 -0.39 -6.22 -4.43
CA LEU A 30 0.30 -5.64 -5.57
C LEU A 30 1.70 -5.17 -5.18
N LEU A 31 1.90 -4.92 -3.90
CA LEU A 31 3.21 -4.54 -3.41
C LEU A 31 4.17 -5.72 -3.48
N LYS A 32 3.66 -6.91 -3.18
CA LYS A 32 4.45 -8.13 -3.30
C LYS A 32 4.46 -8.60 -4.76
N GLU A 33 3.90 -7.79 -5.63
CA GLU A 33 3.85 -8.08 -7.04
C GLU A 33 4.87 -7.23 -7.79
N LYS A 34 4.90 -5.94 -7.47
CA LYS A 34 5.71 -4.99 -8.21
C LYS A 34 7.01 -4.61 -7.50
N LEU A 35 7.00 -4.58 -6.18
CA LEU A 35 8.17 -4.10 -5.42
C LEU A 35 9.36 -5.04 -5.55
N VAL A 36 9.12 -6.26 -6.02
CA VAL A 36 10.20 -7.22 -6.21
C VAL A 36 10.99 -6.89 -7.47
N ASP A 37 10.57 -5.84 -8.16
CA ASP A 37 11.29 -5.33 -9.33
C ASP A 37 12.19 -4.18 -8.90
N PRO A 38 13.48 -4.21 -9.28
CA PRO A 38 14.47 -3.21 -8.84
C PRO A 38 14.16 -1.79 -9.32
N ASN A 39 13.23 -1.65 -10.27
CA ASN A 39 12.89 -0.36 -10.80
C ASN A 39 11.68 0.20 -10.07
N ILE A 40 10.90 -0.69 -9.49
CA ILE A 40 9.69 -0.31 -8.78
C ILE A 40 9.96 -0.23 -7.29
N GLY A 41 10.56 -1.28 -6.76
CA GLY A 41 10.91 -1.30 -5.35
C GLY A 41 12.35 -0.91 -5.16
N LEU A 42 12.69 0.26 -5.69
CA LEU A 42 14.04 0.77 -5.66
C LEU A 42 14.52 0.92 -4.24
N HIS A 43 13.68 1.48 -3.39
CA HIS A 43 14.03 1.69 -2.01
C HIS A 43 13.81 0.40 -1.23
N PHE A 44 12.78 -0.34 -1.62
CA PHE A 44 12.47 -1.62 -1.01
C PHE A 44 13.65 -2.59 -1.09
N LYS A 45 14.14 -2.81 -2.29
CA LYS A 45 15.20 -3.77 -2.51
C LYS A 45 16.50 -3.30 -1.88
N ASN A 46 16.68 -1.99 -1.80
CA ASN A 46 17.89 -1.44 -1.22
C ASN A 46 17.77 -1.31 0.30
N SER A 47 16.60 -1.64 0.83
CA SER A 47 16.37 -1.62 2.27
C SER A 47 16.23 -3.04 2.81
N GLY A 48 16.43 -4.02 1.95
CA GLY A 48 16.36 -5.40 2.38
C GLY A 48 15.75 -6.27 1.30
N GLY A 49 14.73 -5.76 0.63
CA GLY A 49 14.07 -6.51 -0.41
C GLY A 49 13.41 -7.77 0.10
N ASP A 50 12.78 -7.67 1.27
CA ASP A 50 12.18 -8.84 1.91
C ASP A 50 10.68 -8.62 2.11
N GLU A 51 9.93 -9.70 2.00
CA GLU A 51 8.47 -9.66 2.17
C GLU A 51 8.08 -9.00 3.48
N SER A 52 8.82 -9.34 4.54
CA SER A 52 8.52 -8.82 5.87
C SER A 52 8.58 -7.29 5.86
N LYS A 53 9.53 -6.76 5.11
CA LYS A 53 9.79 -5.35 5.07
C LYS A 53 8.66 -4.61 4.36
N ILE A 54 7.91 -5.33 3.53
CA ILE A 54 6.73 -4.77 2.89
C ILE A 54 5.64 -4.57 3.94
N GLU A 55 5.34 -5.63 4.66
CA GLU A 55 4.26 -5.63 5.64
C GLU A 55 4.64 -4.77 6.86
N GLU A 56 5.93 -4.71 7.17
CA GLU A 56 6.41 -3.81 8.22
C GLU A 56 6.16 -2.36 7.85
N SER A 57 6.37 -2.03 6.57
CA SER A 57 6.16 -0.68 6.10
C SER A 57 4.68 -0.34 6.04
N VAL A 58 3.85 -1.33 5.72
CA VAL A 58 2.40 -1.15 5.76
C VAL A 58 1.97 -0.78 7.18
N GLN A 59 2.59 -1.43 8.15
CA GLN A 59 2.34 -1.13 9.56
C GLN A 59 2.77 0.30 9.88
N LYS A 60 4.02 0.63 9.56
CA LYS A 60 4.58 1.96 9.80
C LYS A 60 3.71 3.04 9.17
N PHE A 61 3.28 2.79 7.95
CA PHE A 61 2.49 3.73 7.18
C PHE A 61 1.18 4.07 7.90
N LEU A 62 0.40 3.04 8.19
CA LEU A 62 -0.94 3.23 8.74
C LEU A 62 -0.89 3.59 10.22
N SER A 63 0.20 3.24 10.88
CA SER A 63 0.34 3.48 12.32
C SER A 63 0.41 4.97 12.63
N GLU A 64 0.98 5.75 11.72
CA GLU A 64 1.16 7.17 11.96
C GLU A 64 0.13 8.01 11.21
N LEU A 65 -0.97 7.39 10.83
CA LEU A 65 -2.05 8.09 10.13
C LEU A 65 -3.22 8.37 11.06
N LYS A 66 -4.29 8.90 10.48
CA LYS A 66 -5.55 9.07 11.17
C LYS A 66 -6.57 8.09 10.61
N GLU A 67 -7.49 7.66 11.46
CA GLU A 67 -8.51 6.70 11.06
C GLU A 67 -9.29 7.21 9.85
N ASP A 68 -9.61 8.49 9.87
CA ASP A 68 -10.42 9.12 8.82
C ASP A 68 -9.65 9.17 7.49
N GLU A 69 -8.34 9.38 7.57
CA GLU A 69 -7.52 9.46 6.36
C GLU A 69 -7.39 8.09 5.71
N ILE A 70 -7.25 7.06 6.52
CA ILE A 70 -7.13 5.70 6.03
C ILE A 70 -8.37 5.31 5.22
N LYS A 71 -9.54 5.62 5.77
CA LYS A 71 -10.79 5.32 5.12
C LYS A 71 -10.92 6.04 3.79
N ASP A 72 -10.52 7.31 3.75
CA ASP A 72 -10.59 8.10 2.52
C ASP A 72 -9.59 7.59 1.50
N LEU A 73 -8.43 7.19 1.98
CA LEU A 73 -7.37 6.66 1.13
C LEU A 73 -7.84 5.38 0.43
N LEU A 74 -8.30 4.42 1.22
CA LEU A 74 -8.73 3.14 0.69
C LEU A 74 -10.00 3.28 -0.18
N ALA A 75 -10.87 4.22 0.21
CA ALA A 75 -12.04 4.51 -0.61
C ALA A 75 -11.63 5.01 -1.99
N LYS A 76 -10.58 5.84 -2.01
CA LYS A 76 -9.99 6.30 -3.26
C LYS A 76 -9.48 5.13 -4.06
N ILE A 77 -8.57 4.37 -3.46
CA ILE A 77 -7.90 3.26 -4.14
C ILE A 77 -8.89 2.21 -4.63
N LYS A 78 -10.05 2.14 -4.01
CA LYS A 78 -11.09 1.27 -4.51
C LYS A 78 -11.67 1.82 -5.81
N GLU A 79 -12.09 3.07 -5.76
CA GLU A 79 -12.74 3.73 -6.88
C GLU A 79 -11.83 3.74 -8.12
N ASN A 80 -10.59 4.18 -7.95
CA ASN A 80 -9.66 4.30 -9.07
C ASN A 80 -9.22 2.93 -9.59
N LYS A 81 -9.02 2.00 -8.68
CA LYS A 81 -8.78 0.59 -9.04
C LYS A 81 -9.93 0.07 -9.89
N ASP A 82 -11.12 0.20 -9.36
CA ASP A 82 -12.34 -0.28 -10.02
C ASP A 82 -12.51 0.35 -11.41
N LYS A 83 -11.96 1.53 -11.61
CA LYS A 83 -11.93 2.16 -12.93
C LYS A 83 -11.03 1.39 -13.88
N LYS A 84 -9.85 1.03 -13.40
CA LYS A 84 -8.80 0.51 -14.27
C LYS A 84 -8.76 -1.00 -14.32
N GLU A 85 -9.44 -1.67 -13.39
CA GLU A 85 -9.39 -3.13 -13.29
C GLU A 85 -9.98 -3.79 -14.54
N LYS A 86 -10.81 -3.06 -15.26
CA LYS A 86 -11.37 -3.55 -16.52
C LYS A 86 -10.26 -3.78 -17.54
N ASP A 87 -9.39 -2.80 -17.68
CA ASP A 87 -8.32 -2.84 -18.64
C ASP A 87 -7.05 -3.36 -17.98
N PRO A 88 -6.53 -4.51 -18.45
CA PRO A 88 -5.41 -5.20 -17.80
C PRO A 88 -4.19 -4.32 -17.61
N GLU A 89 -3.77 -3.63 -18.65
CA GLU A 89 -2.58 -2.80 -18.57
C GLU A 89 -2.84 -1.52 -17.78
N GLU A 90 -4.10 -1.11 -17.70
CA GLU A 90 -4.46 0.02 -16.86
C GLU A 90 -4.30 -0.32 -15.39
N LEU A 91 -4.88 -1.45 -14.97
CA LEU A 91 -4.75 -1.91 -13.61
C LEU A 91 -3.30 -2.25 -13.30
N ASN A 92 -2.61 -2.79 -14.31
CA ASN A 92 -1.20 -3.10 -14.20
C ASN A 92 -0.39 -1.84 -13.93
N THR A 93 -0.67 -0.79 -14.70
CA THR A 93 -0.02 0.49 -14.51
C THR A 93 -0.36 1.05 -13.14
N TYR A 94 -1.63 0.93 -12.75
CA TYR A 94 -2.09 1.43 -11.47
C TYR A 94 -1.32 0.78 -10.32
N LYS A 95 -1.23 -0.54 -10.34
CA LYS A 95 -0.44 -1.28 -9.35
C LYS A 95 0.99 -0.78 -9.32
N SER A 96 1.54 -0.54 -10.50
CA SER A 96 2.91 -0.08 -10.64
C SER A 96 3.10 1.29 -9.98
N ILE A 97 2.15 2.17 -10.23
CA ILE A 97 2.18 3.51 -9.66
C ILE A 97 2.04 3.45 -8.13
N LEU A 98 1.10 2.65 -7.66
CA LEU A 98 0.89 2.46 -6.22
C LEU A 98 2.17 1.97 -5.56
N ALA A 99 2.75 0.94 -6.12
CA ALA A 99 3.96 0.33 -5.55
C ALA A 99 5.14 1.29 -5.62
N SER A 100 5.30 1.96 -6.76
CA SER A 100 6.42 2.89 -6.93
C SER A 100 6.21 4.12 -6.04
N GLY A 101 4.96 4.36 -5.66
CA GLY A 101 4.67 5.42 -4.74
C GLY A 101 4.87 5.00 -3.30
N PHE A 102 4.45 3.77 -2.99
CA PHE A 102 4.58 3.23 -1.64
C PHE A 102 6.04 2.97 -1.32
N ASP A 103 6.80 2.55 -2.33
CA ASP A 103 8.24 2.29 -2.20
C ASP A 103 8.99 3.43 -1.50
N GLY A 104 8.44 4.63 -1.58
CA GLY A 104 9.03 5.78 -0.90
C GLY A 104 9.18 5.54 0.60
N ILE A 105 8.25 4.77 1.18
CA ILE A 105 8.24 4.50 2.62
C ILE A 105 9.51 3.75 3.04
N PHE A 106 10.10 3.01 2.10
CA PHE A 106 11.28 2.22 2.38
C PHE A 106 12.53 3.11 2.44
N ASN A 107 12.37 4.35 1.99
CA ASN A 107 13.43 5.34 2.10
C ASN A 107 13.13 6.27 3.28
N GLN A 108 12.27 5.78 4.17
CA GLN A 108 11.90 6.49 5.40
C GLN A 108 11.10 7.75 5.10
N ALA A 109 10.27 7.67 4.06
CA ALA A 109 9.37 8.76 3.72
C ALA A 109 8.21 8.81 4.69
N ASP A 110 7.60 9.98 4.79
CA ASP A 110 6.44 10.17 5.65
C ASP A 110 5.23 9.43 5.11
N SER A 111 4.35 9.04 6.01
CA SER A 111 3.19 8.24 5.64
C SER A 111 2.08 9.10 5.05
N LYS A 112 1.98 10.33 5.51
CA LYS A 112 0.95 11.25 5.02
C LYS A 112 1.25 11.67 3.59
N THR A 113 2.50 12.01 3.31
CA THR A 113 2.90 12.44 1.98
C THR A 113 2.78 11.29 0.98
N THR A 114 3.02 10.06 1.45
CA THR A 114 2.87 8.90 0.60
C THR A 114 1.39 8.56 0.42
N LEU A 115 0.60 8.77 1.49
CA LEU A 115 -0.84 8.62 1.42
C LEU A 115 -1.40 9.47 0.30
N ASN A 116 -0.98 10.73 0.28
CA ASN A 116 -1.45 11.68 -0.72
C ASN A 116 -1.09 11.23 -2.13
N LYS A 117 0.12 10.69 -2.30
CA LYS A 117 0.55 10.20 -3.61
C LYS A 117 -0.39 9.11 -4.11
N LEU A 118 -0.74 8.19 -3.21
CA LEU A 118 -1.62 7.08 -3.55
C LEU A 118 -3.05 7.56 -3.80
N LYS A 119 -3.51 8.48 -2.95
CA LYS A 119 -4.88 8.95 -3.04
C LYS A 119 -5.06 9.87 -4.24
N ASP A 120 -3.95 10.47 -4.68
CA ASP A 120 -3.96 11.39 -5.80
C ASP A 120 -3.70 10.66 -7.12
N THR A 121 -3.41 9.36 -7.04
CA THR A 121 -3.11 8.59 -8.23
C THR A 121 -4.29 8.62 -9.21
N ILE A 122 -5.46 8.18 -8.72
CA ILE A 122 -6.71 8.21 -9.48
C ILE A 122 -6.50 7.77 -10.94
N GLY A 1 4.52 -13.49 3.45
CA GLY A 1 5.59 -14.49 3.68
C GLY A 1 5.65 -14.94 5.12
N ALA A 2 6.82 -15.39 5.55
CA ALA A 2 7.04 -15.79 6.93
C ALA A 2 7.08 -14.56 7.83
N MET A 3 5.92 -14.19 8.35
CA MET A 3 5.80 -12.98 9.15
C MET A 3 4.50 -13.00 9.94
N GLY A 4 4.62 -12.83 11.24
CA GLY A 4 3.45 -12.68 12.07
C GLY A 4 2.83 -11.31 11.88
N THR A 5 1.75 -11.26 11.10
CA THR A 5 1.11 -10.02 10.68
C THR A 5 0.86 -9.07 11.85
N PRO A 6 1.64 -7.98 11.93
CA PRO A 6 1.52 -7.01 13.01
C PRO A 6 0.47 -5.94 12.72
N LEU A 7 0.20 -5.71 11.45
CA LEU A 7 -0.71 -4.65 11.03
C LEU A 7 -2.15 -4.95 11.43
N GLU A 8 -2.50 -6.23 11.53
CA GLU A 8 -3.88 -6.63 11.81
C GLU A 8 -4.28 -6.21 13.23
N LYS A 9 -3.29 -5.98 14.08
CA LYS A 9 -3.54 -5.72 15.50
C LYS A 9 -4.09 -4.31 15.66
N LEU A 10 -3.63 -3.41 14.79
CA LEU A 10 -4.10 -2.04 14.81
C LEU A 10 -5.26 -1.86 13.84
N VAL A 11 -5.26 -2.65 12.79
CA VAL A 11 -6.39 -2.65 11.87
C VAL A 11 -7.67 -3.03 12.61
N SER A 12 -7.54 -3.95 13.55
CA SER A 12 -8.68 -4.40 14.34
C SER A 12 -9.23 -3.26 15.18
N ARG A 13 -8.35 -2.46 15.78
CA ARG A 13 -8.78 -1.37 16.65
C ARG A 13 -9.37 -0.22 15.84
N LEU A 14 -9.04 -0.17 14.56
CA LEU A 14 -9.58 0.83 13.66
C LEU A 14 -10.99 0.45 13.22
N ASN A 15 -11.23 -0.86 13.10
CA ASN A 15 -12.51 -1.39 12.65
C ASN A 15 -12.81 -0.94 11.22
N LEU A 16 -12.20 -1.61 10.26
CA LEU A 16 -12.41 -1.31 8.86
C LEU A 16 -13.45 -2.25 8.27
N ASN A 17 -14.10 -1.82 7.20
CA ASN A 17 -15.11 -2.64 6.56
C ASN A 17 -14.52 -3.31 5.33
N ASN A 18 -15.28 -4.24 4.75
CA ASN A 18 -14.81 -5.04 3.61
C ASN A 18 -14.24 -4.16 2.51
N THR A 19 -14.87 -3.02 2.29
CA THR A 19 -14.50 -2.12 1.22
C THR A 19 -13.12 -1.50 1.47
N GLU A 20 -12.77 -1.36 2.73
CA GLU A 20 -11.50 -0.80 3.13
C GLU A 20 -10.44 -1.89 3.17
N LYS A 21 -10.73 -2.93 3.95
CA LYS A 21 -9.81 -3.98 4.26
C LYS A 21 -9.36 -4.77 3.03
N GLU A 22 -10.28 -5.03 2.10
CA GLU A 22 -9.95 -5.78 0.90
C GLU A 22 -9.01 -4.97 0.00
N THR A 23 -9.25 -3.67 -0.04
CA THR A 23 -8.38 -2.76 -0.77
C THR A 23 -6.99 -2.74 -0.16
N LEU A 24 -6.93 -2.81 1.16
CA LEU A 24 -5.66 -2.90 1.86
C LEU A 24 -4.93 -4.17 1.49
N THR A 25 -5.69 -5.24 1.30
CA THR A 25 -5.13 -6.51 0.85
C THR A 25 -4.55 -6.34 -0.55
N PHE A 26 -5.36 -5.77 -1.45
CA PHE A 26 -4.96 -5.53 -2.83
C PHE A 26 -3.66 -4.73 -2.90
N LEU A 27 -3.61 -3.64 -2.14
CA LEU A 27 -2.44 -2.78 -2.12
C LEU A 27 -1.20 -3.55 -1.66
N THR A 28 -1.31 -4.20 -0.51
CA THR A 28 -0.22 -4.98 0.05
C THR A 28 0.26 -6.06 -0.93
N ASN A 29 -0.67 -6.62 -1.70
CA ASN A 29 -0.34 -7.67 -2.65
C ASN A 29 0.35 -7.12 -3.89
N LEU A 30 -0.16 -6.01 -4.42
CA LEU A 30 0.42 -5.42 -5.61
C LEU A 30 1.83 -4.90 -5.33
N LEU A 31 2.07 -4.54 -4.08
CA LEU A 31 3.39 -4.09 -3.66
C LEU A 31 4.38 -5.26 -3.74
N LYS A 32 3.90 -6.46 -3.40
CA LYS A 32 4.73 -7.66 -3.49
C LYS A 32 4.90 -8.07 -4.94
N GLU A 33 4.10 -7.49 -5.81
CA GLU A 33 4.13 -7.81 -7.22
C GLU A 33 5.06 -6.86 -7.97
N LYS A 34 5.08 -5.61 -7.52
CA LYS A 34 5.80 -4.57 -8.24
C LYS A 34 7.11 -4.18 -7.57
N LEU A 35 7.12 -4.05 -6.24
CA LEU A 35 8.29 -3.54 -5.53
C LEU A 35 9.46 -4.52 -5.62
N VAL A 36 9.19 -5.76 -5.99
CA VAL A 36 10.24 -6.75 -6.16
C VAL A 36 11.06 -6.46 -7.41
N ASP A 37 10.54 -5.56 -8.24
CA ASP A 37 11.24 -5.12 -9.43
C ASP A 37 12.15 -3.94 -9.08
N PRO A 38 13.42 -4.00 -9.48
CA PRO A 38 14.41 -2.95 -9.15
C PRO A 38 14.09 -1.60 -9.79
N ASN A 39 13.10 -1.57 -10.67
CA ASN A 39 12.70 -0.34 -11.32
C ASN A 39 11.54 0.30 -10.57
N ILE A 40 10.89 -0.49 -9.74
CA ILE A 40 9.70 -0.03 -9.03
C ILE A 40 9.99 0.09 -7.54
N GLY A 41 10.63 -0.94 -6.99
CA GLY A 41 10.97 -0.94 -5.58
C GLY A 41 12.44 -0.65 -5.39
N LEU A 42 12.85 0.54 -5.79
CA LEU A 42 14.25 0.94 -5.72
C LEU A 42 14.70 0.94 -4.25
N HIS A 43 13.85 1.47 -3.40
CA HIS A 43 14.18 1.56 -1.99
C HIS A 43 13.92 0.22 -1.31
N PHE A 44 12.84 -0.43 -1.73
CA PHE A 44 12.45 -1.73 -1.18
C PHE A 44 13.55 -2.76 -1.38
N LYS A 45 13.97 -2.93 -2.62
CA LYS A 45 14.97 -3.92 -2.97
C LYS A 45 16.28 -3.64 -2.26
N ASN A 46 16.66 -2.37 -2.22
CA ASN A 46 17.93 -2.00 -1.67
C ASN A 46 17.91 -2.04 -0.14
N SER A 47 16.73 -2.26 0.42
CA SER A 47 16.57 -2.38 1.86
C SER A 47 16.26 -3.82 2.25
N GLY A 48 16.38 -4.73 1.29
CA GLY A 48 16.23 -6.14 1.56
C GLY A 48 15.46 -6.85 0.47
N GLY A 49 14.30 -6.33 0.13
CA GLY A 49 13.44 -6.97 -0.83
C GLY A 49 12.65 -8.10 -0.20
N ASP A 50 12.30 -7.93 1.07
CA ASP A 50 11.59 -8.98 1.82
C ASP A 50 10.11 -8.66 1.90
N GLU A 51 9.27 -9.68 1.85
CA GLU A 51 7.83 -9.49 2.03
C GLU A 51 7.53 -8.81 3.35
N SER A 52 8.28 -9.19 4.39
CA SER A 52 8.08 -8.66 5.72
C SER A 52 8.34 -7.15 5.74
N LYS A 53 9.21 -6.69 4.85
CA LYS A 53 9.52 -5.28 4.74
C LYS A 53 8.29 -4.50 4.32
N ILE A 54 7.47 -5.13 3.47
CA ILE A 54 6.22 -4.54 3.03
C ILE A 54 5.18 -4.64 4.14
N GLU A 55 5.04 -5.85 4.68
CA GLU A 55 4.04 -6.14 5.70
C GLU A 55 4.26 -5.28 6.95
N GLU A 56 5.49 -4.86 7.19
CA GLU A 56 5.80 -3.96 8.29
C GLU A 56 5.61 -2.50 7.88
N SER A 57 6.00 -2.15 6.67
CA SER A 57 5.92 -0.76 6.21
C SER A 57 4.48 -0.28 6.07
N VAL A 58 3.60 -1.17 5.61
CA VAL A 58 2.17 -0.85 5.54
C VAL A 58 1.67 -0.47 6.93
N GLN A 59 2.18 -1.18 7.94
CA GLN A 59 1.83 -0.89 9.32
C GLN A 59 2.37 0.47 9.74
N LYS A 60 3.67 0.69 9.50
CA LYS A 60 4.33 1.96 9.85
C LYS A 60 3.60 3.13 9.20
N PHE A 61 3.12 2.88 7.99
CA PHE A 61 2.42 3.87 7.19
C PHE A 61 1.09 4.26 7.85
N LEU A 62 0.25 3.25 8.07
CA LEU A 62 -1.11 3.49 8.52
C LEU A 62 -1.19 3.86 10.01
N SER A 63 -0.18 3.46 10.77
CA SER A 63 -0.21 3.64 12.22
C SER A 63 -0.12 5.12 12.62
N GLU A 64 0.50 5.94 11.79
CA GLU A 64 0.66 7.35 12.11
C GLU A 64 -0.39 8.21 11.42
N LEU A 65 -1.26 7.59 10.66
CA LEU A 65 -2.29 8.33 9.93
C LEU A 65 -3.58 8.39 10.71
N LYS A 66 -4.50 9.21 10.25
CA LYS A 66 -5.82 9.28 10.84
C LYS A 66 -6.73 8.25 10.20
N GLU A 67 -7.73 7.82 10.94
CA GLU A 67 -8.69 6.85 10.45
C GLU A 67 -9.37 7.41 9.20
N ASP A 68 -9.71 8.70 9.28
CA ASP A 68 -10.32 9.43 8.17
C ASP A 68 -9.44 9.37 6.91
N GLU A 69 -8.14 9.55 7.10
CA GLU A 69 -7.19 9.59 6.00
C GLU A 69 -7.10 8.23 5.33
N ILE A 70 -7.09 7.19 6.15
CA ILE A 70 -7.00 5.82 5.66
C ILE A 70 -8.20 5.50 4.77
N LYS A 71 -9.39 5.93 5.19
CA LYS A 71 -10.61 5.70 4.43
C LYS A 71 -10.55 6.38 3.07
N ASP A 72 -10.15 7.66 3.06
CA ASP A 72 -10.03 8.40 1.80
C ASP A 72 -9.05 7.69 0.88
N LEU A 73 -7.94 7.24 1.46
CA LEU A 73 -6.92 6.50 0.75
C LEU A 73 -7.50 5.25 0.10
N LEU A 74 -8.00 4.36 0.95
CA LEU A 74 -8.50 3.06 0.50
C LEU A 74 -9.68 3.21 -0.45
N ALA A 75 -10.57 4.16 -0.17
CA ALA A 75 -11.71 4.42 -1.04
C ALA A 75 -11.25 4.85 -2.42
N LYS A 76 -10.22 5.70 -2.44
CA LYS A 76 -9.63 6.17 -3.70
C LYS A 76 -9.08 4.99 -4.48
N ILE A 77 -8.22 4.21 -3.82
CA ILE A 77 -7.59 3.04 -4.44
C ILE A 77 -8.65 2.05 -4.90
N LYS A 78 -9.64 1.81 -4.05
CA LYS A 78 -10.71 0.84 -4.31
C LYS A 78 -11.46 1.23 -5.57
N GLU A 79 -11.99 2.43 -5.57
CA GLU A 79 -12.80 2.94 -6.67
C GLU A 79 -12.00 2.92 -7.98
N ASN A 80 -10.76 3.39 -7.91
CA ASN A 80 -9.87 3.38 -9.07
C ASN A 80 -9.62 1.96 -9.55
N LYS A 81 -9.27 1.09 -8.61
CA LYS A 81 -9.03 -0.31 -8.90
C LYS A 81 -10.22 -0.96 -9.59
N ASP A 82 -11.37 -0.85 -8.93
CA ASP A 82 -12.60 -1.50 -9.40
C ASP A 82 -13.01 -1.01 -10.79
N LYS A 83 -12.66 0.22 -11.13
CA LYS A 83 -12.96 0.76 -12.45
C LYS A 83 -11.92 0.32 -13.48
N LYS A 84 -10.68 0.15 -13.05
CA LYS A 84 -9.58 -0.10 -13.97
C LYS A 84 -9.32 -1.59 -14.16
N GLU A 85 -9.80 -2.41 -13.25
CA GLU A 85 -9.58 -3.86 -13.31
C GLU A 85 -10.27 -4.50 -14.52
N LYS A 86 -11.11 -3.72 -15.20
CA LYS A 86 -11.69 -4.13 -16.47
C LYS A 86 -10.58 -4.42 -17.47
N ASP A 87 -9.73 -3.42 -17.69
CA ASP A 87 -8.59 -3.54 -18.57
C ASP A 87 -7.36 -3.93 -17.76
N PRO A 88 -6.83 -5.14 -17.99
CA PRO A 88 -5.73 -5.70 -17.19
C PRO A 88 -4.53 -4.77 -17.05
N GLU A 89 -4.05 -4.25 -18.16
CA GLU A 89 -2.84 -3.43 -18.15
C GLU A 89 -3.09 -2.04 -17.56
N GLU A 90 -4.33 -1.57 -17.64
CA GLU A 90 -4.69 -0.29 -17.04
C GLU A 90 -4.63 -0.41 -15.52
N LEU A 91 -5.16 -1.52 -15.02
CA LEU A 91 -5.12 -1.84 -13.61
C LEU A 91 -3.68 -2.15 -13.21
N ASN A 92 -3.01 -2.94 -14.03
CA ASN A 92 -1.61 -3.29 -13.83
C ASN A 92 -0.73 -2.04 -13.69
N THR A 93 -0.93 -1.06 -14.58
CA THR A 93 -0.16 0.17 -14.53
C THR A 93 -0.50 0.96 -13.26
N TYR A 94 -1.76 0.88 -12.85
CA TYR A 94 -2.21 1.54 -11.64
C TYR A 94 -1.43 1.03 -10.43
N LYS A 95 -1.34 -0.30 -10.32
CA LYS A 95 -0.50 -0.95 -9.30
C LYS A 95 0.91 -0.35 -9.31
N SER A 96 1.44 -0.15 -10.49
CA SER A 96 2.81 0.29 -10.65
C SER A 96 2.98 1.73 -10.17
N ILE A 97 2.01 2.58 -10.48
CA ILE A 97 2.01 3.96 -10.03
C ILE A 97 1.92 4.02 -8.51
N LEU A 98 1.06 3.18 -7.95
CA LEU A 98 0.90 3.07 -6.51
C LEU A 98 2.22 2.68 -5.85
N ALA A 99 2.84 1.62 -6.36
CA ALA A 99 4.07 1.10 -5.79
C ALA A 99 5.21 2.12 -5.89
N SER A 100 5.23 2.89 -6.99
CA SER A 100 6.26 3.90 -7.19
C SER A 100 6.21 4.96 -6.09
N GLY A 101 5.01 5.19 -5.55
CA GLY A 101 4.87 6.15 -4.48
C GLY A 101 5.13 5.54 -3.11
N PHE A 102 4.69 4.30 -2.93
CA PHE A 102 4.80 3.65 -1.63
C PHE A 102 6.25 3.28 -1.33
N ASP A 103 7.01 2.91 -2.35
CA ASP A 103 8.42 2.52 -2.22
C ASP A 103 9.23 3.54 -1.41
N GLY A 104 8.77 4.79 -1.42
CA GLY A 104 9.43 5.84 -0.66
C GLY A 104 9.52 5.53 0.82
N ILE A 105 8.55 4.78 1.34
CA ILE A 105 8.49 4.46 2.77
C ILE A 105 9.75 3.71 3.23
N PHE A 106 10.33 2.92 2.31
CA PHE A 106 11.50 2.12 2.62
C PHE A 106 12.76 2.98 2.65
N ASN A 107 12.57 4.26 2.37
CA ASN A 107 13.67 5.21 2.40
C ASN A 107 13.36 6.25 3.46
N GLN A 108 13.04 5.74 4.66
CA GLN A 108 12.77 6.55 5.86
C GLN A 108 11.81 7.73 5.61
N ALA A 109 10.89 7.55 4.67
CA ALA A 109 9.95 8.60 4.33
C ALA A 109 8.77 8.61 5.29
N ASP A 110 8.17 9.77 5.44
CA ASP A 110 7.01 9.94 6.29
C ASP A 110 5.76 9.37 5.61
N SER A 111 4.83 8.93 6.43
CA SER A 111 3.64 8.24 5.96
C SER A 111 2.62 9.23 5.42
N LYS A 112 2.60 10.44 6.00
CA LYS A 112 1.70 11.49 5.55
C LYS A 112 2.09 11.91 4.13
N THR A 113 3.39 12.08 3.95
CA THR A 113 3.96 12.40 2.65
C THR A 113 3.61 11.32 1.62
N THR A 114 3.92 10.08 1.96
CA THR A 114 3.69 8.95 1.06
C THR A 114 2.19 8.77 0.79
N LEU A 115 1.37 9.08 1.79
CA LEU A 115 -0.06 9.01 1.67
C LEU A 115 -0.58 9.91 0.56
N ASN A 116 -0.05 11.12 0.52
CA ASN A 116 -0.51 12.13 -0.41
C ASN A 116 -0.28 11.72 -1.87
N LYS A 117 0.60 10.73 -2.10
CA LYS A 117 0.76 10.19 -3.45
C LYS A 117 -0.34 9.17 -3.73
N LEU A 118 -0.52 8.25 -2.80
CA LEU A 118 -1.47 7.15 -2.97
C LEU A 118 -2.91 7.65 -2.90
N LYS A 119 -3.13 8.68 -2.09
CA LYS A 119 -4.46 9.25 -1.90
C LYS A 119 -4.82 10.14 -3.07
N ASP A 120 -3.82 10.50 -3.85
CA ASP A 120 -4.00 11.44 -4.96
C ASP A 120 -3.39 10.88 -6.23
N THR A 121 -3.43 9.56 -6.38
CA THR A 121 -2.81 8.91 -7.52
C THR A 121 -3.53 9.24 -8.83
N ILE A 122 -4.83 8.99 -8.86
CA ILE A 122 -5.62 9.28 -10.05
C ILE A 122 -6.29 10.64 -9.94
N GLY A 1 10.30 -6.95 10.75
CA GLY A 1 9.25 -8.00 10.80
C GLY A 1 9.05 -8.53 12.20
N ALA A 2 9.77 -9.61 12.54
CA ALA A 2 9.75 -10.18 13.90
C ALA A 2 8.37 -10.72 14.27
N MET A 3 7.65 -11.25 13.28
CA MET A 3 6.30 -11.75 13.50
C MET A 3 5.81 -12.51 12.27
N GLY A 4 5.79 -11.83 11.15
CA GLY A 4 5.23 -12.37 9.93
C GLY A 4 4.24 -11.40 9.33
N THR A 5 3.10 -11.24 10.00
CA THR A 5 2.12 -10.24 9.61
C THR A 5 1.61 -9.50 10.84
N PRO A 6 2.40 -8.54 11.35
CA PRO A 6 2.08 -7.83 12.59
C PRO A 6 1.05 -6.71 12.38
N LEU A 7 0.91 -6.26 11.15
CA LEU A 7 0.06 -5.12 10.83
C LEU A 7 -1.43 -5.42 11.02
N GLU A 8 -1.78 -6.71 10.98
CA GLU A 8 -3.19 -7.12 11.02
C GLU A 8 -3.86 -6.75 12.34
N LYS A 9 -3.07 -6.46 13.36
CA LYS A 9 -3.63 -6.22 14.69
C LYS A 9 -4.10 -4.78 14.82
N LEU A 10 -3.37 -3.86 14.21
CA LEU A 10 -3.73 -2.46 14.27
C LEU A 10 -4.63 -2.08 13.12
N VAL A 11 -4.53 -2.83 12.04
CA VAL A 11 -5.43 -2.66 10.91
C VAL A 11 -6.89 -2.64 11.39
N SER A 12 -7.18 -3.43 12.40
CA SER A 12 -8.52 -3.49 12.96
C SER A 12 -8.82 -2.29 13.88
N ARG A 13 -7.80 -1.66 14.45
CA ARG A 13 -8.01 -0.49 15.32
C ARG A 13 -8.25 0.76 14.47
N LEU A 14 -8.01 0.64 13.17
CA LEU A 14 -8.33 1.71 12.23
C LEU A 14 -9.78 1.56 11.76
N ASN A 15 -10.38 0.42 12.07
CA ASN A 15 -11.77 0.12 11.74
C ASN A 15 -12.02 0.12 10.23
N LEU A 16 -11.62 -0.97 9.59
CA LEU A 16 -11.84 -1.11 8.15
C LEU A 16 -12.97 -2.11 7.88
N ASN A 17 -13.64 -1.94 6.76
CA ASN A 17 -14.77 -2.77 6.39
C ASN A 17 -14.49 -3.53 5.10
N ASN A 18 -15.38 -4.46 4.76
CA ASN A 18 -15.24 -5.34 3.60
C ASN A 18 -14.74 -4.60 2.36
N THR A 19 -15.23 -3.40 2.16
CA THR A 19 -14.92 -2.63 0.96
C THR A 19 -13.49 -2.08 1.04
N GLU A 20 -13.13 -1.54 2.19
CA GLU A 20 -11.81 -0.97 2.38
C GLU A 20 -10.75 -2.05 2.57
N LYS A 21 -11.16 -3.19 3.13
CA LYS A 21 -10.24 -4.29 3.34
C LYS A 21 -9.96 -5.02 2.03
N GLU A 22 -10.90 -4.96 1.09
CA GLU A 22 -10.66 -5.43 -0.25
C GLU A 22 -9.47 -4.68 -0.83
N THR A 23 -9.48 -3.37 -0.63
CA THR A 23 -8.42 -2.51 -1.10
C THR A 23 -7.10 -2.81 -0.39
N LEU A 24 -7.17 -3.03 0.92
CA LEU A 24 -5.98 -3.33 1.71
C LEU A 24 -5.34 -4.62 1.20
N THR A 25 -6.18 -5.65 1.01
CA THR A 25 -5.72 -6.93 0.50
C THR A 25 -5.14 -6.75 -0.90
N PHE A 26 -5.84 -5.96 -1.70
CA PHE A 26 -5.43 -5.63 -3.07
C PHE A 26 -4.06 -4.96 -3.08
N LEU A 27 -3.93 -3.89 -2.30
CA LEU A 27 -2.71 -3.08 -2.27
C LEU A 27 -1.51 -3.88 -1.78
N THR A 28 -1.63 -4.45 -0.58
CA THR A 28 -0.53 -5.16 0.04
C THR A 28 -0.02 -6.31 -0.83
N ASN A 29 -0.92 -6.97 -1.54
CA ASN A 29 -0.56 -8.08 -2.40
C ASN A 29 0.15 -7.60 -3.67
N LEU A 30 -0.33 -6.50 -4.25
CA LEU A 30 0.29 -5.97 -5.46
C LEU A 30 1.63 -5.33 -5.14
N LEU A 31 1.80 -4.89 -3.90
CA LEU A 31 3.09 -4.37 -3.45
C LEU A 31 4.14 -5.47 -3.50
N LYS A 32 3.73 -6.67 -3.11
CA LYS A 32 4.62 -7.82 -3.13
C LYS A 32 4.81 -8.33 -4.55
N GLU A 33 4.05 -7.78 -5.47
CA GLU A 33 4.09 -8.18 -6.86
C GLU A 33 4.99 -7.23 -7.65
N LYS A 34 4.95 -5.95 -7.28
CA LYS A 34 5.67 -4.93 -8.03
C LYS A 34 6.98 -4.53 -7.36
N LEU A 35 6.95 -4.37 -6.03
CA LEU A 35 8.11 -3.82 -5.31
C LEU A 35 9.32 -4.76 -5.37
N VAL A 36 9.10 -6.01 -5.71
CA VAL A 36 10.20 -6.97 -5.82
C VAL A 36 11.07 -6.66 -7.04
N ASP A 37 10.55 -5.81 -7.91
CA ASP A 37 11.32 -5.35 -9.06
C ASP A 37 12.20 -4.18 -8.65
N PRO A 38 13.50 -4.23 -8.98
CA PRO A 38 14.47 -3.20 -8.57
C PRO A 38 14.17 -1.82 -9.12
N ASN A 39 13.27 -1.76 -10.10
CA ASN A 39 12.92 -0.49 -10.74
C ASN A 39 11.71 0.12 -10.05
N ILE A 40 10.92 -0.74 -9.42
CA ILE A 40 9.70 -0.30 -8.76
C ILE A 40 9.94 -0.15 -7.27
N GLY A 41 10.54 -1.16 -6.69
CA GLY A 41 10.85 -1.13 -5.27
C GLY A 41 12.30 -0.77 -5.04
N LEU A 42 12.72 0.32 -5.66
CA LEU A 42 14.09 0.80 -5.54
C LEU A 42 14.43 1.02 -4.07
N HIS A 43 13.54 1.70 -3.35
CA HIS A 43 13.76 1.95 -1.94
C HIS A 43 13.57 0.67 -1.15
N PHE A 44 12.60 -0.12 -1.58
CA PHE A 44 12.33 -1.42 -0.95
C PHE A 44 13.56 -2.32 -0.97
N LYS A 45 14.13 -2.49 -2.16
CA LYS A 45 15.33 -3.30 -2.33
C LYS A 45 16.45 -2.77 -1.47
N ASN A 46 16.65 -1.46 -1.54
CA ASN A 46 17.74 -0.83 -0.84
C ASN A 46 17.50 -0.79 0.67
N SER A 47 16.30 -1.17 1.08
CA SER A 47 15.94 -1.22 2.49
C SER A 47 16.01 -2.66 3.01
N GLY A 48 16.35 -3.59 2.13
CA GLY A 48 16.48 -4.98 2.52
C GLY A 48 15.97 -5.93 1.47
N GLY A 49 14.91 -5.51 0.79
CA GLY A 49 14.32 -6.35 -0.25
C GLY A 49 13.71 -7.62 0.32
N ASP A 50 12.99 -7.49 1.44
CA ASP A 50 12.38 -8.64 2.08
C ASP A 50 10.88 -8.42 2.26
N GLU A 51 10.12 -9.50 2.20
CA GLU A 51 8.67 -9.44 2.29
C GLU A 51 8.19 -8.80 3.59
N SER A 52 8.87 -9.12 4.68
CA SER A 52 8.48 -8.61 5.99
C SER A 52 8.62 -7.10 6.03
N LYS A 53 9.57 -6.59 5.24
CA LYS A 53 9.88 -5.17 5.22
C LYS A 53 8.71 -4.40 4.62
N ILE A 54 7.92 -5.07 3.79
CA ILE A 54 6.76 -4.45 3.16
C ILE A 54 5.67 -4.19 4.20
N GLU A 55 5.21 -5.27 4.82
CA GLU A 55 4.09 -5.20 5.74
C GLU A 55 4.46 -4.47 7.03
N GLU A 56 5.74 -4.49 7.39
CA GLU A 56 6.18 -3.75 8.58
C GLU A 56 6.19 -2.25 8.29
N SER A 57 6.37 -1.89 7.01
CA SER A 57 6.29 -0.50 6.61
C SER A 57 4.84 -0.06 6.52
N VAL A 58 3.97 -0.96 6.04
CA VAL A 58 2.53 -0.71 6.05
C VAL A 58 2.06 -0.46 7.47
N GLN A 59 2.60 -1.25 8.39
CA GLN A 59 2.27 -1.13 9.80
C GLN A 59 2.61 0.27 10.33
N LYS A 60 3.83 0.72 10.05
CA LYS A 60 4.29 2.04 10.48
C LYS A 60 3.48 3.13 9.77
N PHE A 61 3.26 2.92 8.49
CA PHE A 61 2.50 3.83 7.64
C PHE A 61 1.15 4.17 8.25
N LEU A 62 0.40 3.12 8.58
CA LEU A 62 -0.95 3.29 9.10
C LEU A 62 -0.95 3.78 10.54
N SER A 63 0.20 3.69 11.17
CA SER A 63 0.34 4.13 12.55
C SER A 63 0.52 5.65 12.62
N GLU A 64 1.00 6.25 11.54
CA GLU A 64 1.29 7.66 11.51
C GLU A 64 0.15 8.46 10.90
N LEU A 65 -0.98 7.79 10.65
CA LEU A 65 -2.12 8.44 10.01
C LEU A 65 -3.35 8.41 10.91
N LYS A 66 -4.36 9.16 10.51
CA LYS A 66 -5.64 9.15 11.21
C LYS A 66 -6.50 8.02 10.65
N GLU A 67 -7.48 7.59 11.42
CA GLU A 67 -8.41 6.56 10.98
C GLU A 67 -9.15 7.05 9.74
N ASP A 68 -9.49 8.34 9.76
CA ASP A 68 -10.27 8.95 8.69
C ASP A 68 -9.46 8.97 7.40
N GLU A 69 -8.18 9.31 7.52
CA GLU A 69 -7.32 9.43 6.36
C GLU A 69 -7.02 8.07 5.74
N ILE A 70 -7.00 7.04 6.57
CA ILE A 70 -6.78 5.69 6.08
C ILE A 70 -8.03 5.17 5.39
N LYS A 71 -9.19 5.39 6.00
CA LYS A 71 -10.46 5.07 5.36
C LYS A 71 -10.56 5.73 3.99
N ASP A 72 -10.36 7.04 3.96
CA ASP A 72 -10.43 7.81 2.72
C ASP A 72 -9.39 7.32 1.71
N LEU A 73 -8.20 7.00 2.20
CA LEU A 73 -7.12 6.50 1.36
C LEU A 73 -7.57 5.24 0.62
N LEU A 74 -7.90 4.20 1.39
CA LEU A 74 -8.29 2.91 0.82
C LEU A 74 -9.55 3.02 -0.02
N ALA A 75 -10.48 3.87 0.40
CA ALA A 75 -11.71 4.08 -0.36
C ALA A 75 -11.40 4.70 -1.71
N LYS A 76 -10.44 5.61 -1.74
CA LYS A 76 -10.03 6.25 -2.98
C LYS A 76 -9.36 5.24 -3.90
N ILE A 77 -8.43 4.46 -3.35
CA ILE A 77 -7.76 3.41 -4.10
C ILE A 77 -8.80 2.42 -4.64
N LYS A 78 -9.81 2.18 -3.84
CA LYS A 78 -10.92 1.30 -4.20
C LYS A 78 -11.58 1.79 -5.48
N GLU A 79 -12.03 3.03 -5.44
CA GLU A 79 -12.69 3.66 -6.58
C GLU A 79 -11.82 3.58 -7.83
N ASN A 80 -10.56 3.96 -7.69
CA ASN A 80 -9.63 3.97 -8.82
C ASN A 80 -9.38 2.56 -9.33
N LYS A 81 -9.26 1.62 -8.40
CA LYS A 81 -9.11 0.21 -8.73
C LYS A 81 -10.31 -0.26 -9.53
N ASP A 82 -11.49 -0.08 -8.95
CA ASP A 82 -12.74 -0.50 -9.58
C ASP A 82 -12.96 0.18 -10.93
N LYS A 83 -12.46 1.40 -11.04
CA LYS A 83 -12.52 2.15 -12.25
C LYS A 83 -11.63 1.54 -13.33
N LYS A 84 -10.42 1.14 -12.94
CA LYS A 84 -9.40 0.72 -13.90
C LYS A 84 -9.39 -0.78 -14.10
N GLU A 85 -10.10 -1.53 -13.25
CA GLU A 85 -10.19 -2.98 -13.40
C GLU A 85 -11.03 -3.33 -14.63
N LYS A 86 -11.59 -2.29 -15.24
CA LYS A 86 -12.27 -2.41 -16.53
C LYS A 86 -11.32 -2.98 -17.57
N ASP A 87 -10.15 -2.36 -17.66
CA ASP A 87 -9.13 -2.77 -18.61
C ASP A 87 -7.95 -3.39 -17.89
N PRO A 88 -7.45 -4.53 -18.38
CA PRO A 88 -6.35 -5.26 -17.75
C PRO A 88 -5.11 -4.39 -17.54
N GLU A 89 -4.67 -3.72 -18.61
CA GLU A 89 -3.47 -2.91 -18.55
C GLU A 89 -3.70 -1.64 -17.74
N GLU A 90 -4.94 -1.19 -17.67
CA GLU A 90 -5.30 -0.05 -16.84
C GLU A 90 -5.03 -0.38 -15.37
N LEU A 91 -5.54 -1.53 -14.95
CA LEU A 91 -5.35 -1.99 -13.58
C LEU A 91 -3.89 -2.33 -13.32
N ASN A 92 -3.26 -3.03 -14.25
CA ASN A 92 -1.87 -3.45 -14.10
C ASN A 92 -0.96 -2.25 -13.92
N THR A 93 -1.14 -1.23 -14.75
CA THR A 93 -0.36 -0.02 -14.64
C THR A 93 -0.62 0.66 -13.31
N TYR A 94 -1.89 0.73 -12.93
CA TYR A 94 -2.30 1.34 -11.66
C TYR A 94 -1.63 0.64 -10.48
N LYS A 95 -1.70 -0.68 -10.47
CA LYS A 95 -1.03 -1.49 -9.44
C LYS A 95 0.45 -1.13 -9.35
N SER A 96 1.06 -0.92 -10.50
CA SER A 96 2.48 -0.61 -10.56
C SER A 96 2.76 0.79 -10.01
N ILE A 97 1.89 1.74 -10.35
CA ILE A 97 2.04 3.11 -9.88
C ILE A 97 1.77 3.20 -8.38
N LEU A 98 0.81 2.42 -7.90
CA LEU A 98 0.53 2.31 -6.47
C LEU A 98 1.79 1.94 -5.70
N ALA A 99 2.48 0.90 -6.16
CA ALA A 99 3.71 0.47 -5.52
C ALA A 99 4.78 1.53 -5.65
N SER A 100 4.77 2.25 -6.76
CA SER A 100 5.68 3.34 -7.01
C SER A 100 5.25 4.60 -6.24
N GLY A 101 4.20 4.44 -5.44
CA GLY A 101 3.74 5.52 -4.60
C GLY A 101 3.88 5.19 -3.13
N PHE A 102 4.03 3.90 -2.83
CA PHE A 102 4.27 3.44 -1.46
C PHE A 102 5.77 3.34 -1.21
N ASP A 103 6.49 3.10 -2.29
CA ASP A 103 7.95 2.91 -2.31
C ASP A 103 8.71 3.83 -1.36
N GLY A 104 8.31 5.09 -1.31
CA GLY A 104 9.06 6.08 -0.58
C GLY A 104 9.22 5.76 0.89
N ILE A 105 8.27 5.01 1.44
CA ILE A 105 8.27 4.69 2.86
C ILE A 105 9.54 3.94 3.26
N PHE A 106 10.09 3.16 2.33
CA PHE A 106 11.27 2.34 2.60
C PHE A 106 12.53 3.20 2.66
N ASN A 107 12.40 4.45 2.22
CA ASN A 107 13.51 5.39 2.25
C ASN A 107 13.39 6.26 3.51
N GLN A 108 12.64 5.74 4.49
CA GLN A 108 12.42 6.41 5.77
C GLN A 108 11.59 7.67 5.60
N ALA A 109 10.78 7.68 4.56
CA ALA A 109 9.89 8.79 4.28
C ALA A 109 8.70 8.80 5.24
N ASP A 110 8.01 9.92 5.28
CA ASP A 110 6.82 10.06 6.10
C ASP A 110 5.62 9.38 5.45
N SER A 111 4.73 8.90 6.28
CA SER A 111 3.61 8.08 5.81
C SER A 111 2.49 8.95 5.24
N LYS A 112 2.40 10.19 5.71
CA LYS A 112 1.39 11.11 5.22
C LYS A 112 1.81 11.62 3.85
N THR A 113 3.11 11.87 3.70
CA THR A 113 3.70 12.23 2.43
C THR A 113 3.48 11.11 1.41
N THR A 114 3.68 9.88 1.84
CA THR A 114 3.48 8.71 1.01
C THR A 114 1.99 8.50 0.71
N LEU A 115 1.14 8.80 1.70
CA LEU A 115 -0.30 8.77 1.55
C LEU A 115 -0.74 9.57 0.33
N ASN A 116 -0.14 10.73 0.17
CA ASN A 116 -0.47 11.62 -0.93
C ASN A 116 -0.34 10.93 -2.29
N LYS A 117 0.76 10.21 -2.49
CA LYS A 117 0.98 9.54 -3.77
C LYS A 117 0.00 8.38 -3.96
N LEU A 118 -0.46 7.79 -2.85
CA LEU A 118 -1.39 6.67 -2.91
C LEU A 118 -2.82 7.15 -3.19
N LYS A 119 -3.16 8.33 -2.68
CA LYS A 119 -4.46 8.93 -2.98
C LYS A 119 -4.45 9.51 -4.38
N ASP A 120 -3.35 10.17 -4.74
CA ASP A 120 -3.25 10.85 -6.02
C ASP A 120 -2.47 10.00 -7.02
N THR A 121 -2.90 8.76 -7.17
CA THR A 121 -2.29 7.88 -8.15
C THR A 121 -2.91 8.13 -9.53
N ILE A 122 -4.21 7.82 -9.65
CA ILE A 122 -5.00 7.99 -10.88
C ILE A 122 -4.18 7.91 -12.16
N GLY A 1 8.82 -14.38 0.95
CA GLY A 1 8.93 -13.83 2.34
C GLY A 1 7.59 -13.76 3.03
N ALA A 2 7.62 -13.77 4.36
CA ALA A 2 6.39 -13.72 5.13
C ALA A 2 6.64 -13.17 6.53
N MET A 3 6.14 -11.97 6.78
CA MET A 3 6.20 -11.37 8.11
C MET A 3 4.97 -11.78 8.89
N GLY A 4 3.84 -11.78 8.21
CA GLY A 4 2.60 -12.20 8.83
C GLY A 4 1.61 -11.07 8.87
N THR A 5 0.93 -10.91 9.99
CA THR A 5 -0.01 -9.82 10.13
C THR A 5 0.18 -9.07 11.43
N PRO A 6 1.24 -8.25 11.53
CA PRO A 6 1.46 -7.39 12.69
C PRO A 6 0.50 -6.22 12.66
N LEU A 7 0.12 -5.83 11.46
CA LEU A 7 -0.76 -4.69 11.25
C LEU A 7 -2.17 -5.00 11.72
N GLU A 8 -2.58 -6.25 11.61
CA GLU A 8 -3.93 -6.68 11.98
C GLU A 8 -4.22 -6.41 13.46
N LYS A 9 -3.17 -6.22 14.24
CA LYS A 9 -3.32 -6.00 15.67
C LYS A 9 -3.74 -4.56 15.94
N LEU A 10 -3.37 -3.67 15.04
CA LEU A 10 -3.75 -2.27 15.15
C LEU A 10 -4.86 -1.91 14.19
N VAL A 11 -4.94 -2.65 13.10
CA VAL A 11 -6.01 -2.48 12.14
C VAL A 11 -7.37 -2.68 12.81
N SER A 12 -7.43 -3.64 13.72
CA SER A 12 -8.66 -3.91 14.45
C SER A 12 -8.97 -2.78 15.44
N ARG A 13 -8.00 -1.90 15.69
CA ARG A 13 -8.23 -0.75 16.55
C ARG A 13 -8.73 0.43 15.72
N LEU A 14 -8.39 0.41 14.44
CA LEU A 14 -8.80 1.44 13.51
C LEU A 14 -10.22 1.18 13.05
N ASN A 15 -10.62 -0.09 13.19
CA ASN A 15 -11.98 -0.53 12.89
C ASN A 15 -12.28 -0.38 11.41
N LEU A 16 -11.57 -1.16 10.60
CA LEU A 16 -11.79 -1.16 9.17
C LEU A 16 -12.74 -2.28 8.79
N ASN A 17 -13.47 -2.10 7.71
CA ASN A 17 -14.45 -3.08 7.29
C ASN A 17 -13.98 -3.81 6.04
N ASN A 18 -14.79 -4.75 5.57
CA ASN A 18 -14.46 -5.57 4.40
C ASN A 18 -14.13 -4.72 3.19
N THR A 19 -14.76 -3.57 3.09
CA THR A 19 -14.55 -2.66 1.97
C THR A 19 -13.15 -2.06 2.03
N GLU A 20 -12.68 -1.80 3.24
CA GLU A 20 -11.38 -1.17 3.45
C GLU A 20 -10.26 -2.21 3.38
N LYS A 21 -10.44 -3.29 4.12
CA LYS A 21 -9.42 -4.31 4.24
C LYS A 21 -9.10 -4.98 2.91
N GLU A 22 -10.10 -5.15 2.06
CA GLU A 22 -9.87 -5.78 0.77
C GLU A 22 -9.07 -4.87 -0.16
N THR A 23 -9.27 -3.57 -0.02
CA THR A 23 -8.44 -2.61 -0.72
C THR A 23 -6.99 -2.75 -0.24
N LEU A 24 -6.84 -2.94 1.06
CA LEU A 24 -5.54 -3.12 1.67
C LEU A 24 -4.92 -4.46 1.26
N THR A 25 -5.75 -5.49 1.16
CA THR A 25 -5.32 -6.79 0.66
C THR A 25 -4.75 -6.63 -0.75
N PHE A 26 -5.51 -5.92 -1.59
CA PHE A 26 -5.08 -5.61 -2.95
C PHE A 26 -3.75 -4.87 -2.94
N LEU A 27 -3.68 -3.83 -2.12
CA LEU A 27 -2.49 -2.99 -2.03
C LEU A 27 -1.26 -3.81 -1.64
N THR A 28 -1.37 -4.50 -0.51
CA THR A 28 -0.25 -5.25 0.05
C THR A 28 0.29 -6.30 -0.93
N ASN A 29 -0.61 -6.90 -1.72
CA ASN A 29 -0.21 -7.96 -2.63
C ASN A 29 0.38 -7.41 -3.93
N LEU A 30 -0.07 -6.24 -4.35
CA LEU A 30 0.44 -5.65 -5.58
C LEU A 30 1.89 -5.21 -5.37
N LEU A 31 2.18 -4.70 -4.18
CA LEU A 31 3.52 -4.42 -3.76
C LEU A 31 4.42 -5.64 -3.88
N LYS A 32 3.89 -6.79 -3.45
CA LYS A 32 4.65 -8.04 -3.48
C LYS A 32 4.88 -8.50 -4.92
N GLU A 33 4.19 -7.86 -5.86
CA GLU A 33 4.29 -8.21 -7.26
C GLU A 33 5.23 -7.25 -7.99
N LYS A 34 5.13 -5.96 -7.65
CA LYS A 34 5.84 -4.93 -8.38
C LYS A 34 7.14 -4.48 -7.70
N LEU A 35 7.14 -4.41 -6.37
CA LEU A 35 8.30 -3.87 -5.63
C LEU A 35 9.55 -4.72 -5.83
N VAL A 36 9.39 -5.94 -6.33
CA VAL A 36 10.52 -6.82 -6.57
C VAL A 36 11.38 -6.31 -7.73
N ASP A 37 10.87 -5.31 -8.44
CA ASP A 37 11.62 -4.66 -9.51
C ASP A 37 12.39 -3.48 -8.95
N PRO A 38 13.70 -3.38 -9.24
CA PRO A 38 14.57 -2.31 -8.73
C PRO A 38 14.15 -0.91 -9.20
N ASN A 39 13.25 -0.85 -10.18
CA ASN A 39 12.78 0.43 -10.70
C ASN A 39 11.52 0.85 -9.96
N ILE A 40 10.85 -0.12 -9.38
CA ILE A 40 9.60 0.11 -8.67
C ILE A 40 9.85 0.14 -7.18
N GLY A 41 10.59 -0.85 -6.69
CA GLY A 41 10.92 -0.91 -5.28
C GLY A 41 12.38 -0.66 -5.04
N LEU A 42 12.84 0.54 -5.41
CA LEU A 42 14.23 0.91 -5.26
C LEU A 42 14.60 0.96 -3.78
N HIS A 43 13.72 1.55 -2.99
CA HIS A 43 13.97 1.67 -1.56
C HIS A 43 13.67 0.35 -0.89
N PHE A 44 12.63 -0.32 -1.38
CA PHE A 44 12.23 -1.62 -0.88
C PHE A 44 13.37 -2.63 -1.02
N LYS A 45 13.92 -2.73 -2.21
CA LYS A 45 14.98 -3.67 -2.52
C LYS A 45 16.22 -3.37 -1.69
N ASN A 46 16.51 -2.10 -1.51
CA ASN A 46 17.70 -1.71 -0.78
C ASN A 46 17.48 -1.74 0.74
N SER A 47 16.23 -1.95 1.14
CA SER A 47 15.90 -2.07 2.56
C SER A 47 15.84 -3.54 2.97
N GLY A 48 15.99 -4.42 1.99
CA GLY A 48 15.96 -5.84 2.27
C GLY A 48 15.46 -6.62 1.08
N GLY A 49 14.47 -6.07 0.39
CA GLY A 49 13.91 -6.74 -0.77
C GLY A 49 13.18 -8.01 -0.40
N ASP A 50 12.33 -7.94 0.61
CA ASP A 50 11.55 -9.10 1.03
C ASP A 50 10.13 -8.71 1.38
N GLU A 51 9.21 -9.65 1.17
CA GLU A 51 7.79 -9.41 1.38
C GLU A 51 7.47 -8.99 2.80
N SER A 52 8.29 -9.46 3.75
CA SER A 52 8.10 -9.12 5.16
C SER A 52 8.15 -7.61 5.36
N LYS A 53 9.10 -6.98 4.67
CA LYS A 53 9.34 -5.55 4.81
C LYS A 53 8.15 -4.74 4.29
N ILE A 54 7.39 -5.34 3.39
CA ILE A 54 6.18 -4.73 2.88
C ILE A 54 5.12 -4.68 3.96
N GLU A 55 4.91 -5.81 4.61
CA GLU A 55 3.89 -5.95 5.64
C GLU A 55 4.23 -5.11 6.88
N GLU A 56 5.52 -4.86 7.08
CA GLU A 56 5.98 -3.99 8.16
C GLU A 56 5.73 -2.53 7.81
N SER A 57 5.99 -2.17 6.56
CA SER A 57 5.86 -0.78 6.13
C SER A 57 4.40 -0.35 6.06
N VAL A 58 3.52 -1.25 5.61
CA VAL A 58 2.09 -0.97 5.60
C VAL A 58 1.61 -0.69 7.02
N GLN A 59 2.15 -1.43 7.97
CA GLN A 59 1.84 -1.24 9.37
C GLN A 59 2.26 0.16 9.83
N LYS A 60 3.52 0.51 9.58
CA LYS A 60 4.05 1.84 9.90
C LYS A 60 3.18 2.92 9.27
N PHE A 61 2.87 2.74 7.99
CA PHE A 61 2.14 3.70 7.19
C PHE A 61 0.79 4.03 7.81
N LEU A 62 -0.01 3.00 8.03
CA LEU A 62 -1.38 3.19 8.49
C LEU A 62 -1.43 3.57 9.97
N SER A 63 -0.38 3.27 10.70
CA SER A 63 -0.34 3.57 12.13
C SER A 63 -0.07 5.04 12.38
N GLU A 64 0.56 5.70 11.41
CA GLU A 64 0.87 7.11 11.55
C GLU A 64 -0.19 7.97 10.89
N LEU A 65 -1.27 7.35 10.46
CA LEU A 65 -2.38 8.06 9.84
C LEU A 65 -3.56 8.13 10.79
N LYS A 66 -4.52 8.97 10.46
CA LYS A 66 -5.78 9.01 11.18
C LYS A 66 -6.69 7.96 10.60
N GLU A 67 -7.69 7.55 11.35
CA GLU A 67 -8.68 6.61 10.85
C GLU A 67 -9.37 7.23 9.65
N ASP A 68 -9.61 8.53 9.74
CA ASP A 68 -10.24 9.30 8.67
C ASP A 68 -9.35 9.33 7.43
N GLU A 69 -8.04 9.41 7.65
CA GLU A 69 -7.07 9.42 6.56
C GLU A 69 -7.09 8.09 5.82
N ILE A 70 -7.18 7.02 6.58
CA ILE A 70 -7.21 5.68 6.03
C ILE A 70 -8.46 5.47 5.18
N LYS A 71 -9.61 5.86 5.72
CA LYS A 71 -10.87 5.78 4.99
C LYS A 71 -10.78 6.55 3.66
N ASP A 72 -10.16 7.73 3.70
CA ASP A 72 -10.05 8.56 2.51
C ASP A 72 -9.10 7.93 1.49
N LEU A 73 -7.95 7.47 1.97
CA LEU A 73 -6.95 6.87 1.11
C LEU A 73 -7.48 5.60 0.44
N LEU A 74 -7.96 4.67 1.25
CA LEU A 74 -8.44 3.40 0.75
C LEU A 74 -9.64 3.57 -0.18
N ALA A 75 -10.44 4.60 0.06
CA ALA A 75 -11.56 4.91 -0.81
C ALA A 75 -11.07 5.25 -2.22
N LYS A 76 -10.05 6.09 -2.28
CA LYS A 76 -9.42 6.46 -3.55
C LYS A 76 -8.87 5.22 -4.24
N ILE A 77 -8.04 4.47 -3.53
CA ILE A 77 -7.41 3.27 -4.09
C ILE A 77 -8.47 2.28 -4.58
N LYS A 78 -9.51 2.09 -3.77
CA LYS A 78 -10.59 1.18 -4.14
C LYS A 78 -11.25 1.60 -5.44
N GLU A 79 -11.78 2.81 -5.47
CA GLU A 79 -12.45 3.33 -6.67
C GLU A 79 -11.54 3.25 -7.88
N ASN A 80 -10.31 3.72 -7.74
CA ASN A 80 -9.35 3.69 -8.84
C ASN A 80 -9.13 2.25 -9.31
N LYS A 81 -9.00 1.34 -8.35
CA LYS A 81 -8.89 -0.08 -8.65
C LYS A 81 -10.11 -0.58 -9.39
N ASP A 82 -11.27 -0.39 -8.77
CA ASP A 82 -12.53 -0.93 -9.27
C ASP A 82 -12.96 -0.31 -10.59
N LYS A 83 -12.37 0.82 -10.93
CA LYS A 83 -12.63 1.44 -12.22
C LYS A 83 -11.62 0.99 -13.28
N LYS A 84 -10.38 0.76 -12.87
CA LYS A 84 -9.33 0.40 -13.82
C LYS A 84 -9.28 -1.11 -14.06
N GLU A 85 -9.92 -1.86 -13.17
CA GLU A 85 -9.96 -3.32 -13.28
C GLU A 85 -10.64 -3.77 -14.57
N LYS A 86 -11.35 -2.85 -15.20
CA LYS A 86 -11.97 -3.08 -16.49
C LYS A 86 -10.91 -3.30 -17.58
N ASP A 87 -9.72 -2.74 -17.36
CA ASP A 87 -8.67 -2.84 -18.36
C ASP A 87 -7.39 -3.34 -17.72
N PRO A 88 -6.81 -4.42 -18.27
CA PRO A 88 -5.57 -5.01 -17.74
C PRO A 88 -4.44 -3.99 -17.64
N GLU A 89 -4.31 -3.14 -18.66
CA GLU A 89 -3.25 -2.15 -18.70
C GLU A 89 -3.48 -1.03 -17.68
N GLU A 90 -4.73 -0.61 -17.55
CA GLU A 90 -5.09 0.40 -16.55
C GLU A 90 -4.77 -0.12 -15.15
N LEU A 91 -5.28 -1.30 -14.84
CA LEU A 91 -5.03 -1.93 -13.55
C LEU A 91 -3.53 -2.15 -13.34
N ASN A 92 -2.85 -2.70 -14.34
CA ASN A 92 -1.43 -3.00 -14.24
C ASN A 92 -0.63 -1.75 -13.96
N THR A 93 -0.84 -0.71 -14.75
CA THR A 93 -0.12 0.53 -14.59
C THR A 93 -0.39 1.12 -13.21
N TYR A 94 -1.65 1.06 -12.78
CA TYR A 94 -2.05 1.58 -11.48
C TYR A 94 -1.29 0.87 -10.35
N LYS A 95 -1.33 -0.45 -10.36
CA LYS A 95 -0.59 -1.26 -9.39
C LYS A 95 0.89 -0.88 -9.40
N SER A 96 1.43 -0.66 -10.59
CA SER A 96 2.83 -0.30 -10.74
C SER A 96 3.12 1.05 -10.09
N ILE A 97 2.21 2.01 -10.30
CA ILE A 97 2.35 3.34 -9.74
C ILE A 97 2.20 3.30 -8.22
N LEU A 98 1.22 2.54 -7.74
CA LEU A 98 0.98 2.40 -6.31
C LEU A 98 2.23 1.91 -5.58
N ALA A 99 2.82 0.86 -6.11
CA ALA A 99 4.01 0.29 -5.49
C ALA A 99 5.18 1.26 -5.58
N SER A 100 5.36 1.87 -6.74
CA SER A 100 6.44 2.84 -6.94
C SER A 100 6.21 4.06 -6.05
N GLY A 101 4.96 4.28 -5.67
CA GLY A 101 4.63 5.36 -4.77
C GLY A 101 4.87 4.99 -3.32
N PHE A 102 4.45 3.78 -2.95
CA PHE A 102 4.56 3.31 -1.57
C PHE A 102 6.02 3.05 -1.22
N ASP A 103 6.83 2.71 -2.23
CA ASP A 103 8.25 2.39 -2.05
C ASP A 103 8.99 3.48 -1.27
N GLY A 104 8.49 4.70 -1.34
CA GLY A 104 9.11 5.80 -0.62
C GLY A 104 9.18 5.57 0.87
N ILE A 105 8.21 4.82 1.40
CA ILE A 105 8.10 4.57 2.85
C ILE A 105 9.37 3.89 3.39
N PHE A 106 10.02 3.08 2.55
CA PHE A 106 11.21 2.34 2.95
C PHE A 106 12.41 3.27 3.08
N ASN A 107 12.22 4.51 2.64
CA ASN A 107 13.28 5.51 2.70
C ASN A 107 12.95 6.54 3.78
N GLN A 108 12.20 6.07 4.79
CA GLN A 108 11.83 6.90 5.94
C GLN A 108 10.98 8.08 5.52
N ALA A 109 10.23 7.88 4.46
CA ALA A 109 9.28 8.87 3.99
C ALA A 109 8.04 8.88 4.88
N ASP A 110 7.44 10.05 5.00
CA ASP A 110 6.25 10.20 5.81
C ASP A 110 5.04 9.53 5.17
N SER A 111 4.12 9.09 6.01
CA SER A 111 2.97 8.31 5.57
C SER A 111 1.92 9.21 4.92
N LYS A 112 1.79 10.45 5.39
CA LYS A 112 0.85 11.40 4.81
C LYS A 112 1.38 11.85 3.44
N THR A 113 2.69 12.02 3.37
CA THR A 113 3.37 12.32 2.13
C THR A 113 3.12 11.22 1.10
N THR A 114 3.34 9.99 1.51
CA THR A 114 3.16 8.85 0.63
C THR A 114 1.67 8.61 0.34
N LEU A 115 0.82 8.96 1.30
CA LEU A 115 -0.63 8.89 1.13
C LEU A 115 -1.03 9.67 -0.12
N ASN A 116 -0.51 10.88 -0.25
CA ASN A 116 -0.79 11.73 -1.40
C ASN A 116 -0.33 11.07 -2.69
N LYS A 117 0.83 10.44 -2.65
CA LYS A 117 1.39 9.78 -3.82
C LYS A 117 0.43 8.72 -4.36
N LEU A 118 -0.23 8.02 -3.44
CA LEU A 118 -1.15 6.95 -3.78
C LEU A 118 -2.49 7.50 -4.26
N LYS A 119 -2.88 8.65 -3.71
CA LYS A 119 -4.18 9.22 -4.01
C LYS A 119 -4.12 10.10 -5.25
N ASP A 120 -2.93 10.61 -5.55
CA ASP A 120 -2.73 11.54 -6.67
C ASP A 120 -2.46 10.77 -7.96
N THR A 121 -2.72 9.47 -7.96
CA THR A 121 -2.49 8.65 -9.13
C THR A 121 -3.58 8.89 -10.17
N ILE A 122 -4.71 8.19 -10.00
CA ILE A 122 -5.86 8.31 -10.90
C ILE A 122 -5.45 8.21 -12.37
N GLY A 1 5.32 -10.54 8.13
CA GLY A 1 6.45 -9.64 8.48
C GLY A 1 7.55 -10.41 9.18
N ALA A 2 8.42 -9.71 9.90
CA ALA A 2 9.43 -10.35 10.73
C ALA A 2 8.77 -11.21 11.80
N MET A 3 7.58 -10.79 12.20
CA MET A 3 6.75 -11.56 13.13
C MET A 3 5.44 -11.90 12.45
N GLY A 4 4.53 -12.55 13.17
CA GLY A 4 3.19 -12.76 12.65
C GLY A 4 2.55 -11.45 12.29
N THR A 5 1.74 -11.45 11.22
CA THR A 5 1.16 -10.23 10.65
C THR A 5 0.69 -9.24 11.72
N PRO A 6 1.51 -8.21 11.99
CA PRO A 6 1.26 -7.27 13.08
C PRO A 6 0.25 -6.19 12.72
N LEU A 7 -0.04 -6.08 11.43
CA LEU A 7 -0.92 -5.04 10.93
C LEU A 7 -2.34 -5.24 11.44
N GLU A 8 -2.77 -6.50 11.47
CA GLU A 8 -4.16 -6.84 11.78
C GLU A 8 -4.56 -6.43 13.19
N LYS A 9 -3.59 -6.22 14.07
CA LYS A 9 -3.88 -5.91 15.46
C LYS A 9 -4.40 -4.49 15.58
N LEU A 10 -3.79 -3.60 14.82
CA LEU A 10 -4.20 -2.21 14.82
C LEU A 10 -5.34 -2.01 13.83
N VAL A 11 -5.36 -2.83 12.80
CA VAL A 11 -6.45 -2.84 11.84
C VAL A 11 -7.79 -3.09 12.57
N SER A 12 -7.72 -3.84 13.67
CA SER A 12 -8.90 -4.15 14.46
C SER A 12 -9.49 -2.88 15.09
N ARG A 13 -8.62 -1.94 15.44
CA ARG A 13 -9.06 -0.70 16.06
C ARG A 13 -9.49 0.30 15.00
N LEU A 14 -9.07 0.05 13.77
CA LEU A 14 -9.43 0.92 12.64
C LEU A 14 -10.91 0.78 12.31
N ASN A 15 -11.46 -0.39 12.62
CA ASN A 15 -12.87 -0.70 12.32
C ASN A 15 -13.14 -0.50 10.83
N LEU A 16 -12.67 -1.44 10.04
CA LEU A 16 -12.77 -1.33 8.60
C LEU A 16 -14.07 -1.92 8.08
N ASN A 17 -14.33 -1.66 6.82
CA ASN A 17 -15.51 -2.17 6.13
C ASN A 17 -15.06 -2.90 4.88
N ASN A 18 -15.99 -3.51 4.14
CA ASN A 18 -15.65 -4.32 2.98
C ASN A 18 -14.90 -3.49 1.95
N THR A 19 -15.20 -2.20 1.94
CA THR A 19 -14.56 -1.27 1.01
C THR A 19 -13.05 -1.14 1.33
N GLU A 20 -12.72 -1.26 2.61
CA GLU A 20 -11.35 -1.06 3.05
C GLU A 20 -10.55 -2.35 2.93
N LYS A 21 -11.12 -3.43 3.44
CA LYS A 21 -10.41 -4.70 3.54
C LYS A 21 -10.15 -5.33 2.17
N GLU A 22 -11.05 -5.07 1.23
CA GLU A 22 -10.81 -5.47 -0.16
C GLU A 22 -9.61 -4.72 -0.72
N THR A 23 -9.57 -3.43 -0.44
CA THR A 23 -8.48 -2.58 -0.90
C THR A 23 -7.17 -2.94 -0.22
N LEU A 24 -7.23 -3.23 1.08
CA LEU A 24 -6.05 -3.63 1.83
C LEU A 24 -5.45 -4.91 1.26
N THR A 25 -6.32 -5.82 0.83
CA THR A 25 -5.89 -7.06 0.20
C THR A 25 -5.19 -6.74 -1.12
N PHE A 26 -5.80 -5.85 -1.90
CA PHE A 26 -5.27 -5.43 -3.19
C PHE A 26 -3.91 -4.74 -3.02
N LEU A 27 -3.88 -3.77 -2.12
CA LEU A 27 -2.69 -2.95 -1.88
C LEU A 27 -1.47 -3.81 -1.51
N THR A 28 -1.59 -4.56 -0.42
CA THR A 28 -0.49 -5.35 0.09
C THR A 28 0.00 -6.38 -0.94
N ASN A 29 -0.92 -6.89 -1.75
CA ASN A 29 -0.57 -7.89 -2.74
C ASN A 29 0.16 -7.28 -3.93
N LEU A 30 -0.23 -6.07 -4.33
CA LEU A 30 0.41 -5.43 -5.47
C LEU A 30 1.82 -4.99 -5.09
N LEU A 31 2.00 -4.56 -3.85
CA LEU A 31 3.32 -4.31 -3.31
C LEU A 31 4.19 -5.56 -3.39
N LYS A 32 3.64 -6.70 -3.05
CA LYS A 32 4.38 -7.96 -3.11
C LYS A 32 4.45 -8.49 -4.54
N GLU A 33 3.89 -7.73 -5.46
CA GLU A 33 3.85 -8.10 -6.87
C GLU A 33 4.84 -7.25 -7.67
N LYS A 34 4.78 -5.94 -7.44
CA LYS A 34 5.57 -4.99 -8.20
C LYS A 34 6.90 -4.65 -7.52
N LEU A 35 6.89 -4.51 -6.18
CA LEU A 35 8.09 -4.05 -5.47
C LEU A 35 9.23 -5.06 -5.49
N VAL A 36 8.94 -6.28 -5.95
CA VAL A 36 9.97 -7.30 -6.06
C VAL A 36 10.91 -7.01 -7.22
N ASP A 37 10.53 -6.02 -8.03
CA ASP A 37 11.33 -5.59 -9.16
C ASP A 37 12.24 -4.42 -8.74
N PRO A 38 13.54 -4.49 -9.06
CA PRO A 38 14.50 -3.47 -8.66
C PRO A 38 14.22 -2.08 -9.24
N ASN A 39 13.37 -2.02 -10.26
CA ASN A 39 13.04 -0.75 -10.90
C ASN A 39 11.82 -0.13 -10.24
N ILE A 40 11.03 -0.95 -9.59
CA ILE A 40 9.81 -0.51 -8.95
C ILE A 40 10.02 -0.36 -7.44
N GLY A 41 10.66 -1.35 -6.85
CA GLY A 41 11.01 -1.30 -5.45
C GLY A 41 12.45 -0.91 -5.28
N LEU A 42 12.77 0.29 -5.78
CA LEU A 42 14.13 0.78 -5.80
C LEU A 42 14.63 0.99 -4.37
N HIS A 43 13.77 1.54 -3.53
CA HIS A 43 14.11 1.75 -2.14
C HIS A 43 13.91 0.45 -1.38
N PHE A 44 12.86 -0.28 -1.74
CA PHE A 44 12.54 -1.55 -1.11
C PHE A 44 13.73 -2.51 -1.17
N LYS A 45 14.20 -2.77 -2.37
CA LYS A 45 15.23 -3.77 -2.59
C LYS A 45 16.55 -3.37 -1.97
N ASN A 46 16.82 -2.08 -1.96
CA ASN A 46 18.12 -1.61 -1.47
C ASN A 46 18.14 -1.45 0.04
N SER A 47 17.02 -1.03 0.62
CA SER A 47 16.98 -0.75 2.04
C SER A 47 16.46 -1.95 2.84
N GLY A 48 15.45 -2.63 2.30
CA GLY A 48 14.88 -3.77 2.98
C GLY A 48 15.29 -5.07 2.34
N GLY A 49 14.71 -5.36 1.18
CA GLY A 49 15.07 -6.56 0.44
C GLY A 49 14.28 -7.79 0.86
N ASP A 50 13.23 -7.61 1.65
CA ASP A 50 12.45 -8.77 2.13
C ASP A 50 10.97 -8.45 2.06
N GLU A 51 10.15 -9.46 1.73
CA GLU A 51 8.73 -9.32 1.69
C GLU A 51 8.19 -8.87 3.05
N SER A 52 8.86 -9.30 4.10
CA SER A 52 8.50 -8.93 5.46
C SER A 52 8.64 -7.43 5.66
N LYS A 53 9.62 -6.84 4.98
CA LYS A 53 9.92 -5.43 5.11
C LYS A 53 8.80 -4.59 4.49
N ILE A 54 7.95 -5.23 3.69
CA ILE A 54 6.82 -4.58 3.08
C ILE A 54 5.73 -4.40 4.11
N GLU A 55 5.38 -5.50 4.79
CA GLU A 55 4.32 -5.49 5.78
C GLU A 55 4.63 -4.55 6.93
N GLU A 56 5.87 -4.54 7.37
CA GLU A 56 6.31 -3.61 8.42
C GLU A 56 6.13 -2.17 7.98
N SER A 57 6.44 -1.90 6.71
CA SER A 57 6.31 -0.56 6.15
C SER A 57 4.84 -0.18 6.00
N VAL A 58 4.00 -1.11 5.54
CA VAL A 58 2.56 -0.87 5.45
C VAL A 58 2.00 -0.55 6.82
N GLN A 59 2.49 -1.25 7.83
CA GLN A 59 2.07 -1.02 9.20
C GLN A 59 2.53 0.35 9.67
N LYS A 60 3.80 0.68 9.43
CA LYS A 60 4.36 1.98 9.79
C LYS A 60 3.57 3.09 9.11
N PHE A 61 3.27 2.87 7.84
CA PHE A 61 2.51 3.80 7.03
C PHE A 61 1.19 4.14 7.71
N LEU A 62 0.42 3.12 8.01
CA LEU A 62 -0.91 3.29 8.57
C LEU A 62 -0.85 3.74 10.03
N SER A 63 0.26 3.41 10.70
CA SER A 63 0.41 3.73 12.11
C SER A 63 0.70 5.22 12.32
N GLU A 64 1.29 5.85 11.31
CA GLU A 64 1.64 7.26 11.40
C GLU A 64 0.49 8.15 10.94
N LEU A 65 -0.59 7.53 10.49
CA LEU A 65 -1.75 8.26 10.01
C LEU A 65 -2.84 8.32 11.07
N LYS A 66 -3.87 9.08 10.81
CA LYS A 66 -5.06 9.05 11.64
C LYS A 66 -6.02 8.00 11.09
N GLU A 67 -6.84 7.44 11.97
CA GLU A 67 -7.77 6.38 11.61
C GLU A 67 -8.64 6.82 10.44
N ASP A 68 -9.08 8.08 10.48
CA ASP A 68 -9.94 8.63 9.45
C ASP A 68 -9.21 8.71 8.12
N GLU A 69 -7.94 9.06 8.18
CA GLU A 69 -7.13 9.26 6.99
C GLU A 69 -6.88 7.92 6.29
N ILE A 70 -6.76 6.87 7.09
CA ILE A 70 -6.60 5.52 6.56
C ILE A 70 -7.84 5.11 5.77
N LYS A 71 -9.01 5.41 6.34
CA LYS A 71 -10.29 5.09 5.70
C LYS A 71 -10.42 5.79 4.35
N ASP A 72 -9.94 7.04 4.28
CA ASP A 72 -10.04 7.80 3.04
C ASP A 72 -9.10 7.25 1.99
N LEU A 73 -7.92 6.83 2.43
CA LEU A 73 -6.92 6.27 1.55
C LEU A 73 -7.47 5.03 0.84
N LEU A 74 -7.86 4.04 1.63
CA LEU A 74 -8.33 2.77 1.09
C LEU A 74 -9.56 2.93 0.22
N ALA A 75 -10.54 3.70 0.69
CA ALA A 75 -11.76 3.93 -0.07
C ALA A 75 -11.45 4.62 -1.40
N LYS A 76 -10.42 5.47 -1.39
CA LYS A 76 -10.00 6.16 -2.59
C LYS A 76 -9.32 5.19 -3.56
N ILE A 77 -8.42 4.37 -3.03
CA ILE A 77 -7.74 3.36 -3.82
C ILE A 77 -8.74 2.38 -4.40
N LYS A 78 -9.76 2.06 -3.61
CA LYS A 78 -10.83 1.17 -4.00
C LYS A 78 -11.47 1.63 -5.31
N GLU A 79 -11.95 2.86 -5.30
CA GLU A 79 -12.58 3.46 -6.47
C GLU A 79 -11.63 3.48 -7.66
N ASN A 80 -10.39 3.92 -7.40
CA ASN A 80 -9.38 4.05 -8.45
C ASN A 80 -8.97 2.68 -8.99
N LYS A 81 -9.01 1.68 -8.13
CA LYS A 81 -8.77 0.30 -8.51
C LYS A 81 -9.89 -0.20 -9.42
N ASP A 82 -11.10 -0.08 -8.91
CA ASP A 82 -12.30 -0.56 -9.58
C ASP A 82 -12.43 -0.01 -11.00
N LYS A 83 -12.18 1.28 -11.15
CA LYS A 83 -12.32 1.93 -12.45
C LYS A 83 -11.28 1.44 -13.45
N LYS A 84 -10.14 0.98 -12.96
CA LYS A 84 -9.03 0.62 -13.83
C LYS A 84 -9.00 -0.87 -14.13
N GLU A 85 -9.47 -1.68 -13.19
CA GLU A 85 -9.46 -3.13 -13.36
C GLU A 85 -10.36 -3.61 -14.50
N LYS A 86 -11.09 -2.67 -15.09
CA LYS A 86 -11.84 -2.94 -16.32
C LYS A 86 -10.85 -3.14 -17.47
N ASP A 87 -9.67 -2.58 -17.31
CA ASP A 87 -8.60 -2.67 -18.31
C ASP A 87 -7.37 -3.33 -17.69
N PRO A 88 -6.85 -4.37 -18.35
CA PRO A 88 -5.70 -5.12 -17.83
C PRO A 88 -4.46 -4.27 -17.63
N GLU A 89 -4.28 -3.27 -18.48
CA GLU A 89 -3.08 -2.44 -18.45
C GLU A 89 -3.24 -1.23 -17.55
N GLU A 90 -4.42 -0.60 -17.60
CA GLU A 90 -4.71 0.53 -16.71
C GLU A 90 -4.59 0.09 -15.26
N LEU A 91 -5.12 -1.10 -14.99
CA LEU A 91 -5.04 -1.68 -13.66
C LEU A 91 -3.61 -2.07 -13.32
N ASN A 92 -2.96 -2.78 -14.24
CA ASN A 92 -1.57 -3.21 -14.06
C ASN A 92 -0.65 -2.02 -13.77
N THR A 93 -0.79 -0.97 -14.58
CA THR A 93 0.03 0.23 -14.42
C THR A 93 -0.30 0.92 -13.10
N TYR A 94 -1.57 0.89 -12.71
CA TYR A 94 -2.01 1.46 -11.45
C TYR A 94 -1.23 0.85 -10.28
N LYS A 95 -1.17 -0.48 -10.27
CA LYS A 95 -0.37 -1.21 -9.28
C LYS A 95 1.06 -0.69 -9.27
N SER A 96 1.61 -0.50 -10.47
CA SER A 96 2.99 -0.08 -10.61
C SER A 96 3.19 1.32 -10.02
N ILE A 97 2.24 2.21 -10.30
CA ILE A 97 2.30 3.58 -9.79
C ILE A 97 2.17 3.59 -8.27
N LEU A 98 1.24 2.78 -7.76
CA LEU A 98 1.04 2.63 -6.33
C LEU A 98 2.32 2.12 -5.66
N ALA A 99 2.90 1.08 -6.24
CA ALA A 99 4.11 0.48 -5.69
C ALA A 99 5.27 1.47 -5.75
N SER A 100 5.43 2.12 -6.89
CA SER A 100 6.49 3.12 -7.06
C SER A 100 6.26 4.29 -6.11
N GLY A 101 5.03 4.43 -5.63
CA GLY A 101 4.70 5.45 -4.67
C GLY A 101 4.98 5.00 -3.26
N PHE A 102 4.56 3.78 -2.93
CA PHE A 102 4.77 3.24 -1.60
C PHE A 102 6.26 3.04 -1.32
N ASP A 103 6.99 2.63 -2.36
CA ASP A 103 8.43 2.35 -2.27
C ASP A 103 9.20 3.46 -1.53
N GLY A 104 8.73 4.69 -1.63
CA GLY A 104 9.38 5.81 -0.97
C GLY A 104 9.48 5.63 0.54
N ILE A 105 8.54 4.89 1.11
CA ILE A 105 8.47 4.69 2.57
C ILE A 105 9.77 4.08 3.11
N PHE A 106 10.43 3.27 2.28
CA PHE A 106 11.66 2.59 2.69
C PHE A 106 12.82 3.57 2.76
N ASN A 107 12.66 4.73 2.14
CA ASN A 107 13.70 5.74 2.12
C ASN A 107 13.36 6.82 3.15
N GLN A 108 12.59 6.42 4.16
CA GLN A 108 12.24 7.27 5.30
C GLN A 108 11.27 8.37 4.91
N ALA A 109 10.54 8.16 3.82
CA ALA A 109 9.49 9.09 3.43
C ALA A 109 8.35 9.03 4.43
N ASP A 110 7.65 10.14 4.59
CA ASP A 110 6.54 10.20 5.54
C ASP A 110 5.30 9.57 4.95
N SER A 111 4.51 8.96 5.81
CA SER A 111 3.38 8.16 5.39
C SER A 111 2.24 9.03 4.85
N LYS A 112 2.15 10.27 5.32
CA LYS A 112 1.13 11.19 4.84
C LYS A 112 1.50 11.67 3.43
N THR A 113 2.79 11.78 3.19
CA THR A 113 3.29 12.16 1.88
C THR A 113 2.99 11.07 0.86
N THR A 114 3.33 9.84 1.23
CA THR A 114 3.09 8.68 0.38
C THR A 114 1.58 8.44 0.19
N LEU A 115 0.80 8.75 1.24
CA LEU A 115 -0.65 8.64 1.19
C LEU A 115 -1.19 9.39 -0.03
N ASN A 116 -0.75 10.63 -0.18
CA ASN A 116 -1.22 11.47 -1.27
C ASN A 116 -0.86 10.88 -2.63
N LYS A 117 0.33 10.34 -2.74
CA LYS A 117 0.80 9.72 -3.97
C LYS A 117 -0.13 8.59 -4.40
N LEU A 118 -0.63 7.86 -3.41
CA LEU A 118 -1.50 6.72 -3.65
C LEU A 118 -2.94 7.16 -3.92
N LYS A 119 -3.37 8.22 -3.24
CA LYS A 119 -4.75 8.66 -3.31
C LYS A 119 -5.00 9.53 -4.55
N ASP A 120 -3.94 10.14 -5.05
CA ASP A 120 -4.06 11.12 -6.13
C ASP A 120 -3.72 10.52 -7.48
N THR A 121 -3.52 9.22 -7.53
CA THR A 121 -3.21 8.54 -8.78
C THR A 121 -4.36 8.71 -9.77
N ILE A 122 -5.52 8.17 -9.42
CA ILE A 122 -6.76 8.33 -10.18
C ILE A 122 -6.74 7.55 -11.50
N GLY A 1 -1.88 -14.96 2.93
CA GLY A 1 -0.76 -14.64 3.86
C GLY A 1 -0.87 -15.42 5.16
N ALA A 2 -0.43 -16.67 5.14
CA ALA A 2 -0.58 -17.58 6.28
C ALA A 2 0.39 -17.24 7.41
N MET A 3 1.16 -16.17 7.25
CA MET A 3 2.14 -15.75 8.25
C MET A 3 1.46 -15.20 9.50
N GLY A 4 0.20 -14.83 9.37
CA GLY A 4 -0.49 -14.16 10.45
C GLY A 4 -0.20 -12.68 10.44
N THR A 5 -1.20 -11.89 10.05
CA THR A 5 -1.04 -10.46 9.87
C THR A 5 -0.98 -9.71 11.21
N PRO A 6 0.21 -9.22 11.59
CA PRO A 6 0.40 -8.46 12.83
C PRO A 6 -0.17 -7.06 12.71
N LEU A 7 -0.38 -6.64 11.47
CA LEU A 7 -0.84 -5.30 11.17
C LEU A 7 -2.29 -5.12 11.55
N GLU A 8 -3.02 -6.22 11.69
CA GLU A 8 -4.45 -6.14 11.95
C GLU A 8 -4.76 -5.93 13.43
N LYS A 9 -3.73 -5.84 14.26
CA LYS A 9 -3.95 -5.60 15.68
C LYS A 9 -4.23 -4.12 15.92
N LEU A 10 -3.74 -3.28 15.01
CA LEU A 10 -4.06 -1.87 15.03
C LEU A 10 -5.26 -1.59 14.15
N VAL A 11 -5.46 -2.43 13.15
CA VAL A 11 -6.65 -2.36 12.31
C VAL A 11 -7.91 -2.46 13.16
N SER A 12 -7.82 -3.24 14.23
CA SER A 12 -8.94 -3.47 15.12
C SER A 12 -9.32 -2.22 15.92
N ARG A 13 -8.35 -1.34 16.14
CA ARG A 13 -8.60 -0.11 16.90
C ARG A 13 -9.11 0.99 15.98
N LEU A 14 -8.94 0.77 14.68
CA LEU A 14 -9.40 1.71 13.67
C LEU A 14 -10.76 1.30 13.15
N ASN A 15 -10.99 -0.02 13.10
CA ASN A 15 -12.26 -0.61 12.68
C ASN A 15 -12.50 -0.36 11.19
N LEU A 16 -11.90 -1.21 10.37
CA LEU A 16 -12.08 -1.11 8.93
C LEU A 16 -13.11 -2.13 8.46
N ASN A 17 -13.75 -1.84 7.33
CA ASN A 17 -14.75 -2.73 6.77
C ASN A 17 -14.14 -3.52 5.61
N ASN A 18 -14.90 -4.49 5.11
CA ASN A 18 -14.40 -5.39 4.06
C ASN A 18 -13.93 -4.60 2.85
N THR A 19 -14.64 -3.52 2.55
CA THR A 19 -14.31 -2.69 1.39
C THR A 19 -12.93 -2.05 1.57
N GLU A 20 -12.59 -1.73 2.81
CA GLU A 20 -11.30 -1.13 3.12
C GLU A 20 -10.22 -2.21 3.14
N LYS A 21 -10.53 -3.30 3.82
CA LYS A 21 -9.56 -4.38 4.02
C LYS A 21 -9.18 -5.09 2.73
N GLU A 22 -10.13 -5.27 1.82
CA GLU A 22 -9.84 -5.95 0.56
C GLU A 22 -9.04 -5.05 -0.39
N THR A 23 -9.28 -3.75 -0.31
CA THR A 23 -8.45 -2.80 -1.04
C THR A 23 -7.02 -2.84 -0.48
N LEU A 24 -6.93 -3.02 0.83
CA LEU A 24 -5.65 -3.19 1.50
C LEU A 24 -4.98 -4.48 1.01
N THR A 25 -5.78 -5.54 0.88
CA THR A 25 -5.31 -6.81 0.33
C THR A 25 -4.70 -6.59 -1.05
N PHE A 26 -5.44 -5.86 -1.88
CA PHE A 26 -5.00 -5.54 -3.23
C PHE A 26 -3.67 -4.77 -3.21
N LEU A 27 -3.60 -3.74 -2.38
CA LEU A 27 -2.41 -2.90 -2.29
C LEU A 27 -1.20 -3.74 -1.91
N THR A 28 -1.32 -4.49 -0.81
CA THR A 28 -0.23 -5.30 -0.32
C THR A 28 0.24 -6.32 -1.35
N ASN A 29 -0.70 -6.83 -2.16
CA ASN A 29 -0.36 -7.80 -3.19
C ASN A 29 0.36 -7.16 -4.37
N LEU A 30 -0.08 -5.98 -4.77
CA LEU A 30 0.52 -5.30 -5.91
C LEU A 30 1.93 -4.84 -5.56
N LEU A 31 2.15 -4.57 -4.27
CA LEU A 31 3.46 -4.18 -3.79
C LEU A 31 4.43 -5.35 -3.93
N LYS A 32 3.98 -6.55 -3.61
CA LYS A 32 4.80 -7.75 -3.77
C LYS A 32 4.92 -8.15 -5.24
N GLU A 33 4.26 -7.38 -6.09
CA GLU A 33 4.24 -7.67 -7.51
C GLU A 33 5.23 -6.75 -8.23
N LYS A 34 5.13 -5.46 -7.96
CA LYS A 34 5.96 -4.47 -8.63
C LYS A 34 7.25 -4.14 -7.88
N LEU A 35 7.21 -4.11 -6.55
CA LEU A 35 8.36 -3.65 -5.77
C LEU A 35 9.52 -4.64 -5.86
N VAL A 36 9.25 -5.86 -6.30
CA VAL A 36 10.30 -6.86 -6.48
C VAL A 36 11.14 -6.54 -7.71
N ASP A 37 10.74 -5.51 -8.44
CA ASP A 37 11.52 -5.03 -9.58
C ASP A 37 12.47 -3.93 -9.11
N PRO A 38 13.74 -4.00 -9.49
CA PRO A 38 14.77 -3.06 -9.03
C PRO A 38 14.52 -1.61 -9.47
N ASN A 39 13.63 -1.42 -10.44
CA ASN A 39 13.36 -0.10 -10.95
C ASN A 39 12.17 0.51 -10.24
N ILE A 40 11.35 -0.35 -9.66
CA ILE A 40 10.15 0.08 -8.97
C ILE A 40 10.37 0.11 -7.47
N GLY A 41 10.96 -0.97 -6.95
CA GLY A 41 11.27 -1.06 -5.53
C GLY A 41 12.70 -0.65 -5.27
N LEU A 42 13.05 0.56 -5.71
CA LEU A 42 14.39 1.07 -5.59
C LEU A 42 14.79 1.14 -4.12
N HIS A 43 13.89 1.65 -3.30
CA HIS A 43 14.15 1.77 -1.88
C HIS A 43 13.94 0.42 -1.22
N PHE A 44 12.92 -0.29 -1.68
CA PHE A 44 12.57 -1.59 -1.14
C PHE A 44 13.75 -2.56 -1.22
N LYS A 45 14.28 -2.74 -2.42
CA LYS A 45 15.33 -3.71 -2.66
C LYS A 45 16.63 -3.32 -1.97
N ASN A 46 16.88 -2.03 -1.86
CA ASN A 46 18.12 -1.58 -1.25
C ASN A 46 18.02 -1.60 0.27
N SER A 47 16.82 -1.38 0.79
CA SER A 47 16.61 -1.43 2.24
C SER A 47 16.69 -2.87 2.74
N GLY A 48 16.30 -3.82 1.89
CA GLY A 48 16.34 -5.21 2.27
C GLY A 48 15.85 -6.12 1.16
N GLY A 49 14.66 -5.81 0.65
CA GLY A 49 14.06 -6.65 -0.37
C GLY A 49 13.36 -7.86 0.23
N ASP A 50 12.55 -7.63 1.25
CA ASP A 50 11.84 -8.70 1.93
C ASP A 50 10.35 -8.43 1.94
N GLU A 51 9.55 -9.46 1.70
CA GLU A 51 8.10 -9.33 1.77
C GLU A 51 7.66 -8.70 3.08
N SER A 52 8.31 -9.12 4.16
CA SER A 52 7.98 -8.64 5.50
C SER A 52 8.15 -7.13 5.58
N LYS A 53 9.13 -6.61 4.85
CA LYS A 53 9.43 -5.19 4.86
C LYS A 53 8.30 -4.39 4.23
N ILE A 54 7.58 -5.02 3.31
CA ILE A 54 6.44 -4.39 2.68
C ILE A 54 5.30 -4.31 3.69
N GLU A 55 5.01 -5.44 4.29
CA GLU A 55 3.88 -5.59 5.19
C GLU A 55 4.09 -4.81 6.48
N GLU A 56 5.34 -4.66 6.91
CA GLU A 56 5.64 -3.86 8.10
C GLU A 56 5.55 -2.37 7.78
N SER A 57 5.92 -2.00 6.55
CA SER A 57 5.82 -0.61 6.13
C SER A 57 4.38 -0.20 5.98
N VAL A 58 3.54 -1.11 5.51
CA VAL A 58 2.09 -0.89 5.47
C VAL A 58 1.57 -0.64 6.87
N GLN A 59 2.09 -1.40 7.83
CA GLN A 59 1.70 -1.25 9.22
C GLN A 59 2.12 0.12 9.76
N LYS A 60 3.37 0.49 9.51
CA LYS A 60 3.88 1.80 9.91
C LYS A 60 3.06 2.92 9.27
N PHE A 61 2.85 2.77 7.97
CA PHE A 61 2.13 3.75 7.15
C PHE A 61 0.78 4.06 7.76
N LEU A 62 0.01 3.03 8.01
CA LEU A 62 -1.36 3.18 8.50
C LEU A 62 -1.39 3.57 9.98
N SER A 63 -0.35 3.19 10.70
CA SER A 63 -0.31 3.46 12.15
C SER A 63 0.01 4.93 12.42
N GLU A 64 0.64 5.60 11.46
CA GLU A 64 1.03 6.98 11.62
C GLU A 64 0.01 7.93 11.00
N LEU A 65 -1.08 7.38 10.50
CA LEU A 65 -2.12 8.18 9.89
C LEU A 65 -3.33 8.31 10.80
N LYS A 66 -4.30 9.09 10.36
CA LYS A 66 -5.57 9.18 11.03
C LYS A 66 -6.54 8.21 10.37
N GLU A 67 -7.51 7.73 11.13
CA GLU A 67 -8.51 6.81 10.58
C GLU A 67 -9.17 7.44 9.35
N ASP A 68 -9.46 8.73 9.44
CA ASP A 68 -10.09 9.47 8.35
C ASP A 68 -9.25 9.42 7.08
N GLU A 69 -7.95 9.59 7.23
CA GLU A 69 -7.03 9.55 6.10
C GLU A 69 -6.96 8.16 5.49
N ILE A 70 -7.05 7.15 6.34
CA ILE A 70 -7.03 5.76 5.90
C ILE A 70 -8.30 5.43 5.14
N LYS A 71 -9.43 5.87 5.66
CA LYS A 71 -10.73 5.62 5.02
C LYS A 71 -10.79 6.29 3.66
N ASP A 72 -10.17 7.46 3.54
CA ASP A 72 -10.11 8.15 2.25
C ASP A 72 -9.20 7.42 1.29
N LEU A 73 -8.02 7.05 1.77
CA LEU A 73 -7.02 6.37 0.98
C LEU A 73 -7.58 5.10 0.34
N LEU A 74 -7.98 4.16 1.17
CA LEU A 74 -8.47 2.87 0.68
C LEU A 74 -9.72 3.02 -0.18
N ALA A 75 -10.61 3.92 0.20
CA ALA A 75 -11.82 4.16 -0.59
C ALA A 75 -11.46 4.71 -1.97
N LYS A 76 -10.49 5.62 -1.98
CA LYS A 76 -10.00 6.21 -3.22
C LYS A 76 -9.44 5.11 -4.13
N ILE A 77 -8.56 4.29 -3.56
CA ILE A 77 -7.95 3.20 -4.30
C ILE A 77 -9.00 2.21 -4.78
N LYS A 78 -9.96 1.92 -3.92
CA LYS A 78 -11.03 0.98 -4.22
C LYS A 78 -11.74 1.37 -5.51
N GLU A 79 -12.22 2.60 -5.57
CA GLU A 79 -13.01 3.06 -6.71
C GLU A 79 -12.13 3.21 -7.95
N ASN A 80 -10.88 3.60 -7.75
CA ASN A 80 -9.92 3.70 -8.86
C ASN A 80 -9.63 2.32 -9.42
N LYS A 81 -9.42 1.37 -8.52
CA LYS A 81 -9.24 -0.03 -8.89
C LYS A 81 -10.45 -0.54 -9.64
N ASP A 82 -11.61 -0.31 -9.07
CA ASP A 82 -12.89 -0.74 -9.65
C ASP A 82 -13.03 -0.28 -11.10
N LYS A 83 -12.63 0.95 -11.35
CA LYS A 83 -12.73 1.54 -12.69
C LYS A 83 -11.61 1.04 -13.61
N LYS A 84 -10.50 0.62 -13.03
CA LYS A 84 -9.33 0.25 -13.82
C LYS A 84 -9.25 -1.24 -14.05
N GLU A 85 -9.84 -2.03 -13.15
CA GLU A 85 -9.83 -3.48 -13.30
C GLU A 85 -10.76 -3.91 -14.42
N LYS A 86 -11.37 -2.92 -15.06
CA LYS A 86 -12.09 -3.11 -16.31
C LYS A 86 -11.12 -3.57 -17.40
N ASP A 87 -9.88 -3.11 -17.28
CA ASP A 87 -8.83 -3.47 -18.22
C ASP A 87 -7.65 -4.06 -17.46
N PRO A 88 -7.17 -5.23 -17.88
CA PRO A 88 -6.07 -5.94 -17.20
C PRO A 88 -4.82 -5.08 -17.07
N GLU A 89 -4.52 -4.30 -18.09
CA GLU A 89 -3.26 -3.57 -18.11
C GLU A 89 -3.41 -2.13 -17.62
N GLU A 90 -4.60 -1.55 -17.74
CA GLU A 90 -4.86 -0.28 -17.08
C GLU A 90 -4.76 -0.47 -15.57
N LEU A 91 -5.37 -1.56 -15.10
CA LEU A 91 -5.29 -1.94 -13.71
C LEU A 91 -3.86 -2.30 -13.34
N ASN A 92 -3.22 -3.10 -14.19
CA ASN A 92 -1.82 -3.47 -14.03
C ASN A 92 -0.93 -2.25 -13.84
N THR A 93 -1.04 -1.29 -14.75
CA THR A 93 -0.24 -0.07 -14.71
C THR A 93 -0.50 0.70 -13.42
N TYR A 94 -1.75 0.68 -12.98
CA TYR A 94 -2.16 1.35 -11.75
C TYR A 94 -1.36 0.81 -10.57
N LYS A 95 -1.30 -0.52 -10.45
CA LYS A 95 -0.49 -1.19 -9.43
C LYS A 95 0.93 -0.64 -9.44
N SER A 96 1.51 -0.54 -10.62
CA SER A 96 2.90 -0.13 -10.77
C SER A 96 3.11 1.29 -10.27
N ILE A 97 2.16 2.16 -10.57
CA ILE A 97 2.21 3.54 -10.14
C ILE A 97 2.08 3.62 -8.61
N LEU A 98 1.15 2.84 -8.07
CA LEU A 98 0.94 2.79 -6.62
C LEU A 98 2.22 2.34 -5.91
N ALA A 99 2.81 1.26 -6.38
CA ALA A 99 4.02 0.72 -5.77
C ALA A 99 5.17 1.73 -5.83
N SER A 100 5.25 2.47 -6.92
CA SER A 100 6.29 3.47 -7.09
C SER A 100 6.12 4.60 -6.08
N GLY A 101 4.88 4.80 -5.64
CA GLY A 101 4.61 5.83 -4.65
C GLY A 101 4.83 5.32 -3.24
N PHE A 102 4.56 4.04 -3.02
CA PHE A 102 4.70 3.45 -1.70
C PHE A 102 6.15 3.18 -1.36
N ASP A 103 6.93 2.77 -2.37
CA ASP A 103 8.36 2.45 -2.21
C ASP A 103 9.13 3.54 -1.46
N GLY A 104 8.62 4.77 -1.51
CA GLY A 104 9.25 5.87 -0.80
C GLY A 104 9.36 5.63 0.70
N ILE A 105 8.42 4.84 1.24
CA ILE A 105 8.39 4.55 2.68
C ILE A 105 9.67 3.83 3.12
N PHE A 106 10.28 3.09 2.20
CA PHE A 106 11.48 2.32 2.49
C PHE A 106 12.71 3.22 2.56
N ASN A 107 12.50 4.51 2.31
CA ASN A 107 13.55 5.50 2.47
C ASN A 107 13.33 6.25 3.78
N GLN A 108 12.66 5.56 4.70
CA GLN A 108 12.37 6.11 6.04
C GLN A 108 11.55 7.38 5.91
N ALA A 109 10.75 7.43 4.86
CA ALA A 109 9.89 8.55 4.58
C ALA A 109 8.69 8.56 5.53
N ASP A 110 7.97 9.66 5.54
CA ASP A 110 6.77 9.78 6.37
C ASP A 110 5.58 9.14 5.68
N SER A 111 4.65 8.66 6.48
CA SER A 111 3.53 7.90 5.97
C SER A 111 2.47 8.82 5.35
N LYS A 112 2.32 10.02 5.89
CA LYS A 112 1.35 10.97 5.36
C LYS A 112 1.90 11.56 4.07
N THR A 113 3.21 11.77 4.05
CA THR A 113 3.90 12.22 2.86
C THR A 113 3.78 11.20 1.73
N THR A 114 3.90 9.93 2.09
CA THR A 114 3.74 8.85 1.13
C THR A 114 2.27 8.69 0.75
N LEU A 115 1.40 8.91 1.73
CA LEU A 115 -0.04 8.83 1.54
C LEU A 115 -0.51 9.75 0.44
N ASN A 116 -0.09 11.00 0.51
CA ASN A 116 -0.52 12.02 -0.43
C ASN A 116 -0.27 11.60 -1.88
N LYS A 117 0.86 10.97 -2.13
CA LYS A 117 1.18 10.51 -3.47
C LYS A 117 0.22 9.39 -3.91
N LEU A 118 -0.10 8.50 -2.98
CA LEU A 118 -1.01 7.39 -3.27
C LEU A 118 -2.44 7.88 -3.42
N LYS A 119 -2.82 8.83 -2.60
CA LYS A 119 -4.18 9.35 -2.61
C LYS A 119 -4.39 10.28 -3.81
N ASP A 120 -3.28 10.70 -4.39
CA ASP A 120 -3.29 11.58 -5.57
C ASP A 120 -3.13 10.81 -6.87
N THR A 121 -2.88 9.50 -6.75
CA THR A 121 -2.65 8.66 -7.93
C THR A 121 -3.88 8.65 -8.85
N ILE A 122 -4.98 8.09 -8.35
CA ILE A 122 -6.25 8.05 -9.09
C ILE A 122 -6.12 7.26 -10.39
N GLY A 1 8.78 -16.47 10.12
CA GLY A 1 8.32 -17.32 11.24
C GLY A 1 7.12 -16.72 11.94
N ALA A 2 7.23 -16.54 13.24
CA ALA A 2 6.13 -16.00 14.04
C ALA A 2 6.23 -14.48 14.13
N MET A 3 5.39 -13.80 13.37
CA MET A 3 5.38 -12.34 13.37
C MET A 3 4.48 -11.80 14.46
N GLY A 4 3.52 -12.61 14.87
CA GLY A 4 2.55 -12.18 15.86
C GLY A 4 1.49 -11.30 15.23
N THR A 5 1.44 -11.31 13.89
CA THR A 5 0.51 -10.51 13.11
C THR A 5 0.33 -9.09 13.66
N PRO A 6 1.31 -8.21 13.42
CA PRO A 6 1.30 -6.85 13.96
C PRO A 6 0.31 -5.93 13.24
N LEU A 7 -0.15 -6.35 12.06
CA LEU A 7 -1.04 -5.51 11.27
C LEU A 7 -2.46 -5.54 11.82
N GLU A 8 -2.94 -6.74 12.15
CA GLU A 8 -4.32 -6.93 12.63
C GLU A 8 -4.59 -6.12 13.90
N LYS A 9 -3.53 -5.76 14.62
CA LYS A 9 -3.69 -5.16 15.94
C LYS A 9 -4.26 -3.76 15.80
N LEU A 10 -3.83 -3.07 14.74
CA LEU A 10 -4.28 -1.72 14.49
C LEU A 10 -5.46 -1.69 13.54
N VAL A 11 -5.55 -2.68 12.69
CA VAL A 11 -6.69 -2.80 11.79
C VAL A 11 -8.00 -2.85 12.59
N SER A 12 -7.92 -3.44 13.78
CA SER A 12 -9.08 -3.57 14.64
C SER A 12 -9.51 -2.22 15.21
N ARG A 13 -8.54 -1.34 15.44
CA ARG A 13 -8.85 -0.02 16.02
C ARG A 13 -9.27 0.96 14.93
N LEU A 14 -8.91 0.64 13.69
CA LEU A 14 -9.30 1.47 12.55
C LEU A 14 -10.76 1.23 12.19
N ASN A 15 -11.19 -0.02 12.31
CA ASN A 15 -12.55 -0.41 11.96
C ASN A 15 -12.80 -0.23 10.47
N LEU A 16 -12.34 -1.18 9.69
CA LEU A 16 -12.50 -1.16 8.24
C LEU A 16 -13.63 -2.07 7.81
N ASN A 17 -14.21 -1.73 6.67
CA ASN A 17 -15.21 -2.56 6.04
C ASN A 17 -14.49 -3.62 5.21
N ASN A 18 -15.09 -4.79 5.06
CA ASN A 18 -14.49 -5.87 4.28
C ASN A 18 -14.03 -5.37 2.92
N THR A 19 -14.84 -4.51 2.31
CA THR A 19 -14.51 -3.95 1.01
C THR A 19 -13.23 -3.10 1.09
N GLU A 20 -13.06 -2.39 2.20
CA GLU A 20 -11.90 -1.53 2.37
C GLU A 20 -10.68 -2.35 2.76
N LYS A 21 -10.87 -3.27 3.68
CA LYS A 21 -9.83 -4.12 4.17
C LYS A 21 -9.26 -4.97 3.03
N GLU A 22 -10.12 -5.43 2.13
CA GLU A 22 -9.68 -6.22 1.00
C GLU A 22 -8.97 -5.37 -0.04
N THR A 23 -9.34 -4.10 -0.11
CA THR A 23 -8.58 -3.13 -0.90
C THR A 23 -7.16 -3.02 -0.35
N LEU A 24 -7.06 -3.06 0.98
CA LEU A 24 -5.76 -3.06 1.64
C LEU A 24 -5.00 -4.34 1.31
N THR A 25 -5.73 -5.45 1.31
CA THR A 25 -5.18 -6.73 0.89
C THR A 25 -4.65 -6.63 -0.55
N PHE A 26 -5.45 -5.99 -1.41
CA PHE A 26 -5.08 -5.75 -2.80
C PHE A 26 -3.79 -4.93 -2.88
N LEU A 27 -3.71 -3.87 -2.08
CA LEU A 27 -2.54 -3.00 -2.06
C LEU A 27 -1.30 -3.79 -1.63
N THR A 28 -1.41 -4.51 -0.52
CA THR A 28 -0.32 -5.31 -0.03
C THR A 28 0.11 -6.36 -1.07
N ASN A 29 -0.86 -6.91 -1.79
CA ASN A 29 -0.59 -7.90 -2.81
C ASN A 29 0.14 -7.30 -4.00
N LEU A 30 -0.29 -6.12 -4.43
CA LEU A 30 0.35 -5.47 -5.58
C LEU A 30 1.75 -4.99 -5.20
N LEU A 31 1.93 -4.67 -3.93
CA LEU A 31 3.25 -4.28 -3.44
C LEU A 31 4.21 -5.47 -3.49
N LYS A 32 3.74 -6.63 -3.07
CA LYS A 32 4.54 -7.85 -3.16
C LYS A 32 4.68 -8.32 -4.60
N GLU A 33 3.97 -7.66 -5.50
CA GLU A 33 3.96 -8.04 -6.91
C GLU A 33 4.89 -7.15 -7.71
N LYS A 34 4.88 -5.85 -7.42
CA LYS A 34 5.62 -4.89 -8.23
C LYS A 34 6.96 -4.53 -7.60
N LEU A 35 7.01 -4.43 -6.27
CA LEU A 35 8.22 -3.95 -5.59
C LEU A 35 9.39 -4.90 -5.74
N VAL A 36 9.12 -6.11 -6.20
CA VAL A 36 10.18 -7.09 -6.44
C VAL A 36 10.96 -6.74 -7.72
N ASP A 37 10.46 -5.76 -8.45
CA ASP A 37 11.16 -5.23 -9.62
C ASP A 37 12.08 -4.11 -9.19
N PRO A 38 13.36 -4.15 -9.60
CA PRO A 38 14.37 -3.17 -9.17
C PRO A 38 14.08 -1.74 -9.62
N ASN A 39 13.14 -1.58 -10.55
CA ASN A 39 12.79 -0.26 -11.05
C ASN A 39 11.60 0.30 -10.27
N ILE A 40 10.84 -0.61 -9.68
CA ILE A 40 9.66 -0.23 -8.93
C ILE A 40 9.98 -0.19 -7.44
N GLY A 41 10.67 -1.22 -6.96
CA GLY A 41 11.13 -1.26 -5.59
C GLY A 41 12.56 -0.81 -5.48
N LEU A 42 12.80 0.41 -5.93
CA LEU A 42 14.14 0.99 -5.95
C LEU A 42 14.68 1.07 -4.53
N HIS A 43 13.82 1.46 -3.60
CA HIS A 43 14.23 1.60 -2.23
C HIS A 43 13.96 0.32 -1.46
N PHE A 44 12.91 -0.38 -1.85
CA PHE A 44 12.61 -1.69 -1.28
C PHE A 44 13.80 -2.61 -1.40
N LYS A 45 14.31 -2.76 -2.61
CA LYS A 45 15.45 -3.61 -2.87
C LYS A 45 16.63 -3.24 -1.98
N ASN A 46 16.87 -1.95 -1.86
CA ASN A 46 18.10 -1.48 -1.25
C ASN A 46 17.99 -1.34 0.26
N SER A 47 16.77 -1.22 0.75
CA SER A 47 16.54 -0.98 2.17
C SER A 47 16.15 -2.29 2.87
N GLY A 48 15.65 -3.24 2.09
CA GLY A 48 15.22 -4.50 2.64
C GLY A 48 14.22 -5.19 1.75
N GLY A 49 14.72 -5.73 0.65
CA GLY A 49 13.88 -6.43 -0.30
C GLY A 49 13.33 -7.74 0.22
N ASP A 50 12.47 -7.64 1.23
CA ASP A 50 11.79 -8.82 1.77
C ASP A 50 10.32 -8.51 1.99
N GLU A 51 9.49 -9.53 1.84
CA GLU A 51 8.04 -9.39 2.01
C GLU A 51 7.68 -8.83 3.37
N SER A 52 8.40 -9.26 4.40
CA SER A 52 8.12 -8.86 5.76
C SER A 52 8.37 -7.36 5.94
N LYS A 53 9.27 -6.83 5.12
CA LYS A 53 9.62 -5.43 5.17
C LYS A 53 8.49 -4.59 4.57
N ILE A 54 7.68 -5.22 3.73
CA ILE A 54 6.52 -4.55 3.15
C ILE A 54 5.42 -4.47 4.19
N GLU A 55 5.12 -5.61 4.79
CA GLU A 55 4.05 -5.72 5.76
C GLU A 55 4.31 -4.86 6.99
N GLU A 56 5.58 -4.75 7.39
CA GLU A 56 5.93 -3.89 8.52
C GLU A 56 5.87 -2.41 8.11
N SER A 57 6.13 -2.15 6.83
CA SER A 57 6.13 -0.80 6.32
C SER A 57 4.70 -0.28 6.21
N VAL A 58 3.81 -1.10 5.63
CA VAL A 58 2.39 -0.76 5.53
C VAL A 58 1.81 -0.57 6.93
N GLN A 59 2.23 -1.43 7.84
CA GLN A 59 1.77 -1.36 9.22
C GLN A 59 2.17 -0.02 9.85
N LYS A 60 3.46 0.32 9.74
CA LYS A 60 3.96 1.59 10.26
C LYS A 60 3.28 2.77 9.58
N PHE A 61 3.19 2.68 8.25
CA PHE A 61 2.57 3.71 7.42
C PHE A 61 1.20 4.09 7.96
N LEU A 62 0.33 3.10 8.06
CA LEU A 62 -1.04 3.31 8.49
C LEU A 62 -1.10 3.69 9.96
N SER A 63 -0.12 3.22 10.72
CA SER A 63 -0.07 3.48 12.15
C SER A 63 0.26 4.94 12.46
N GLU A 64 0.77 5.65 11.47
CA GLU A 64 1.14 7.04 11.63
C GLU A 64 0.08 7.98 11.08
N LEU A 65 -1.00 7.42 10.57
CA LEU A 65 -2.05 8.21 9.93
C LEU A 65 -3.26 8.38 10.85
N LYS A 66 -4.24 9.11 10.35
CA LYS A 66 -5.51 9.24 11.03
C LYS A 66 -6.45 8.15 10.55
N GLU A 67 -7.48 7.85 11.33
CA GLU A 67 -8.47 6.88 10.90
C GLU A 67 -9.10 7.35 9.60
N ASP A 68 -9.37 8.65 9.53
CA ASP A 68 -10.04 9.24 8.38
C ASP A 68 -9.21 9.09 7.11
N GLU A 69 -7.89 9.19 7.25
CA GLU A 69 -6.99 9.11 6.11
C GLU A 69 -6.97 7.70 5.54
N ILE A 70 -6.92 6.71 6.42
CA ILE A 70 -6.88 5.32 6.01
C ILE A 70 -8.19 4.93 5.31
N LYS A 71 -9.31 5.30 5.91
CA LYS A 71 -10.62 5.08 5.32
C LYS A 71 -10.70 5.71 3.93
N ASP A 72 -10.23 6.94 3.82
CA ASP A 72 -10.31 7.69 2.56
C ASP A 72 -9.34 7.11 1.53
N LEU A 73 -8.16 6.70 1.99
CA LEU A 73 -7.16 6.08 1.13
C LEU A 73 -7.73 4.84 0.46
N LEU A 74 -8.20 3.91 1.28
CA LEU A 74 -8.75 2.66 0.77
C LEU A 74 -9.96 2.92 -0.11
N ALA A 75 -10.74 3.94 0.24
CA ALA A 75 -11.88 4.34 -0.58
C ALA A 75 -11.40 4.79 -1.96
N LYS A 76 -10.34 5.59 -1.97
CA LYS A 76 -9.73 6.04 -3.22
C LYS A 76 -9.23 4.86 -4.03
N ILE A 77 -8.43 4.01 -3.39
CA ILE A 77 -7.85 2.85 -4.07
C ILE A 77 -8.95 1.94 -4.60
N LYS A 78 -10.00 1.76 -3.82
CA LYS A 78 -11.14 0.95 -4.24
C LYS A 78 -11.79 1.54 -5.49
N GLU A 79 -12.17 2.81 -5.39
CA GLU A 79 -12.88 3.50 -6.45
C GLU A 79 -12.01 3.63 -7.71
N ASN A 80 -10.71 3.68 -7.53
CA ASN A 80 -9.79 3.82 -8.63
C ASN A 80 -9.41 2.46 -9.21
N LYS A 81 -9.38 1.44 -8.36
CA LYS A 81 -9.22 0.07 -8.83
C LYS A 81 -10.42 -0.33 -9.68
N ASP A 82 -11.60 -0.09 -9.12
CA ASP A 82 -12.87 -0.43 -9.77
C ASP A 82 -12.95 0.11 -11.20
N LYS A 83 -12.52 1.35 -11.38
CA LYS A 83 -12.58 1.98 -12.69
C LYS A 83 -11.52 1.43 -13.65
N LYS A 84 -10.35 1.08 -13.11
CA LYS A 84 -9.23 0.70 -13.95
C LYS A 84 -9.15 -0.80 -14.18
N GLU A 85 -9.80 -1.58 -13.33
CA GLU A 85 -9.76 -3.04 -13.45
C GLU A 85 -10.54 -3.49 -14.68
N LYS A 86 -11.20 -2.53 -15.32
CA LYS A 86 -11.80 -2.74 -16.62
C LYS A 86 -10.72 -3.13 -17.64
N ASP A 87 -9.52 -2.59 -17.45
CA ASP A 87 -8.42 -2.84 -18.35
C ASP A 87 -7.22 -3.41 -17.60
N PRO A 88 -6.69 -4.54 -18.07
CA PRO A 88 -5.58 -5.24 -17.41
C PRO A 88 -4.32 -4.39 -17.31
N GLU A 89 -4.11 -3.54 -18.30
CA GLU A 89 -2.89 -2.75 -18.38
C GLU A 89 -3.02 -1.43 -17.64
N GLU A 90 -4.22 -0.85 -17.67
CA GLU A 90 -4.49 0.35 -16.91
C GLU A 90 -4.43 0.03 -15.41
N LEU A 91 -5.05 -1.09 -15.03
CA LEU A 91 -4.95 -1.55 -13.65
C LEU A 91 -3.50 -1.91 -13.32
N ASN A 92 -2.80 -2.53 -14.28
CA ASN A 92 -1.39 -2.85 -14.12
C ASN A 92 -0.58 -1.61 -13.81
N THR A 93 -0.81 -0.57 -14.60
CA THR A 93 -0.13 0.71 -14.41
C THR A 93 -0.51 1.31 -13.06
N TYR A 94 -1.81 1.26 -12.73
CA TYR A 94 -2.28 1.75 -11.45
C TYR A 94 -1.52 1.10 -10.29
N LYS A 95 -1.52 -0.22 -10.28
CA LYS A 95 -0.82 -0.98 -9.25
C LYS A 95 0.67 -0.62 -9.21
N SER A 96 1.23 -0.40 -10.37
CA SER A 96 2.65 -0.05 -10.48
C SER A 96 2.92 1.34 -9.90
N ILE A 97 2.04 2.29 -10.20
CA ILE A 97 2.18 3.66 -9.70
C ILE A 97 2.17 3.67 -8.17
N LEU A 98 1.11 3.12 -7.58
CA LEU A 98 1.01 2.96 -6.15
C LEU A 98 2.27 2.35 -5.53
N ALA A 99 2.79 1.31 -6.17
CA ALA A 99 3.98 0.65 -5.65
C ALA A 99 5.21 1.55 -5.75
N SER A 100 5.39 2.20 -6.91
CA SER A 100 6.54 3.07 -7.10
C SER A 100 6.45 4.31 -6.21
N GLY A 101 5.25 4.60 -5.72
CA GLY A 101 5.08 5.69 -4.79
C GLY A 101 5.27 5.24 -3.35
N PHE A 102 4.80 4.03 -3.04
CA PHE A 102 4.95 3.49 -1.71
C PHE A 102 6.41 3.20 -1.41
N ASP A 103 7.10 2.67 -2.42
CA ASP A 103 8.53 2.33 -2.33
C ASP A 103 9.36 3.44 -1.68
N GLY A 104 8.93 4.69 -1.88
CA GLY A 104 9.63 5.82 -1.30
C GLY A 104 9.79 5.72 0.22
N ILE A 105 8.82 5.06 0.87
CA ILE A 105 8.84 4.93 2.32
C ILE A 105 10.05 4.15 2.81
N PHE A 106 10.57 3.26 1.97
CA PHE A 106 11.73 2.44 2.32
C PHE A 106 13.00 3.29 2.32
N ASN A 107 12.87 4.51 1.86
CA ASN A 107 13.98 5.46 1.86
C ASN A 107 13.82 6.42 3.04
N GLN A 108 13.22 5.89 4.11
CA GLN A 108 13.03 6.64 5.36
C GLN A 108 12.17 7.86 5.12
N ALA A 109 11.19 7.70 4.24
CA ALA A 109 10.25 8.77 3.92
C ALA A 109 9.10 8.82 4.92
N ASP A 110 8.34 9.90 4.86
CA ASP A 110 7.17 10.07 5.70
C ASP A 110 5.98 9.32 5.11
N SER A 111 5.04 8.97 5.96
CA SER A 111 3.89 8.16 5.54
C SER A 111 2.78 9.05 4.99
N LYS A 112 2.76 10.31 5.40
CA LYS A 112 1.76 11.26 4.90
C LYS A 112 2.11 11.69 3.46
N THR A 113 3.37 12.02 3.21
CA THR A 113 3.79 12.42 1.88
C THR A 113 3.63 11.26 0.89
N THR A 114 3.81 10.03 1.38
CA THR A 114 3.60 8.85 0.57
C THR A 114 2.11 8.56 0.41
N LEU A 115 1.35 8.85 1.46
CA LEU A 115 -0.09 8.67 1.46
C LEU A 115 -0.75 9.51 0.40
N ASN A 116 -0.41 10.79 0.39
CA ASN A 116 -0.97 11.73 -0.57
C ASN A 116 -0.75 11.23 -1.98
N LYS A 117 0.43 10.69 -2.23
CA LYS A 117 0.76 10.13 -3.55
C LYS A 117 -0.26 9.07 -3.94
N LEU A 118 -0.49 8.13 -3.03
CA LEU A 118 -1.41 7.02 -3.27
C LEU A 118 -2.85 7.51 -3.39
N LYS A 119 -3.23 8.41 -2.50
CA LYS A 119 -4.60 8.91 -2.44
C LYS A 119 -4.88 9.87 -3.59
N ASP A 120 -3.81 10.37 -4.20
CA ASP A 120 -3.93 11.33 -5.29
C ASP A 120 -3.54 10.69 -6.63
N THR A 121 -3.42 9.37 -6.65
CA THR A 121 -3.01 8.67 -7.86
C THR A 121 -4.11 8.72 -8.93
N ILE A 122 -5.31 8.27 -8.55
CA ILE A 122 -6.42 8.11 -9.47
C ILE A 122 -6.07 7.11 -10.56
N GLY A 1 8.38 -15.04 2.43
CA GLY A 1 7.88 -14.59 3.75
C GLY A 1 6.39 -14.37 3.76
N ALA A 2 5.67 -15.19 4.51
CA ALA A 2 4.23 -15.08 4.63
C ALA A 2 3.85 -14.30 5.87
N MET A 3 4.48 -14.65 7.00
CA MET A 3 4.25 -13.99 8.29
C MET A 3 2.82 -14.21 8.80
N GLY A 4 1.88 -13.49 8.22
CA GLY A 4 0.51 -13.54 8.67
C GLY A 4 -0.10 -12.16 8.74
N THR A 5 -0.75 -11.85 9.85
CA THR A 5 -1.36 -10.55 10.02
C THR A 5 -0.91 -9.89 11.33
N PRO A 6 0.24 -9.21 11.33
CA PRO A 6 0.72 -8.46 12.49
C PRO A 6 0.06 -7.09 12.60
N LEU A 7 -0.42 -6.58 11.48
CA LEU A 7 -1.02 -5.27 11.43
C LEU A 7 -2.52 -5.32 11.72
N GLU A 8 -3.05 -6.53 11.87
CA GLU A 8 -4.48 -6.71 12.10
C GLU A 8 -4.95 -6.03 13.39
N LYS A 9 -4.02 -5.80 14.32
CA LYS A 9 -4.38 -5.33 15.64
C LYS A 9 -4.72 -3.85 15.57
N LEU A 10 -3.95 -3.13 14.80
CA LEU A 10 -4.20 -1.74 14.55
C LEU A 10 -5.33 -1.60 13.55
N VAL A 11 -5.33 -2.45 12.55
CA VAL A 11 -6.40 -2.44 11.55
C VAL A 11 -7.78 -2.58 12.21
N SER A 12 -7.85 -3.38 13.27
CA SER A 12 -9.11 -3.61 13.97
C SER A 12 -9.50 -2.37 14.80
N ARG A 13 -8.52 -1.59 15.21
CA ARG A 13 -8.79 -0.40 16.01
C ARG A 13 -9.00 0.82 15.11
N LEU A 14 -8.47 0.76 13.90
CA LEU A 14 -8.78 1.77 12.89
C LEU A 14 -10.13 1.47 12.27
N ASN A 15 -10.65 0.28 12.58
CA ASN A 15 -11.98 -0.15 12.17
C ASN A 15 -12.18 -0.08 10.67
N LEU A 16 -11.61 -1.03 9.97
CA LEU A 16 -11.79 -1.12 8.53
C LEU A 16 -12.88 -2.13 8.20
N ASN A 17 -13.60 -1.90 7.12
CA ASN A 17 -14.69 -2.79 6.73
C ASN A 17 -14.40 -3.42 5.38
N ASN A 18 -15.39 -4.11 4.82
CA ASN A 18 -15.26 -4.76 3.52
C ASN A 18 -14.73 -3.81 2.46
N THR A 19 -15.02 -2.54 2.62
CA THR A 19 -14.57 -1.52 1.68
C THR A 19 -13.06 -1.34 1.78
N GLU A 20 -12.57 -1.18 3.00
CA GLU A 20 -11.15 -0.94 3.23
C GLU A 20 -10.33 -2.23 3.15
N LYS A 21 -10.87 -3.31 3.70
CA LYS A 21 -10.14 -4.57 3.82
C LYS A 21 -9.86 -5.19 2.45
N GLU A 22 -10.80 -5.06 1.52
CA GLU A 22 -10.60 -5.56 0.17
C GLU A 22 -9.43 -4.83 -0.49
N THR A 23 -9.42 -3.52 -0.32
CA THR A 23 -8.36 -2.67 -0.84
C THR A 23 -7.01 -3.05 -0.24
N LEU A 24 -6.99 -3.18 1.08
CA LEU A 24 -5.78 -3.49 1.82
C LEU A 24 -5.16 -4.81 1.36
N THR A 25 -6.02 -5.78 1.06
CA THR A 25 -5.57 -7.06 0.54
C THR A 25 -4.93 -6.88 -0.83
N PHE A 26 -5.61 -6.14 -1.70
CA PHE A 26 -5.11 -5.83 -3.03
C PHE A 26 -3.79 -5.07 -2.96
N LEU A 27 -3.74 -4.07 -2.08
CA LEU A 27 -2.60 -3.20 -1.94
C LEU A 27 -1.35 -3.98 -1.52
N THR A 28 -1.45 -4.67 -0.39
CA THR A 28 -0.32 -5.39 0.18
C THR A 28 0.22 -6.46 -0.78
N ASN A 29 -0.68 -7.11 -1.51
CA ASN A 29 -0.28 -8.17 -2.42
C ASN A 29 0.40 -7.62 -3.66
N LEU A 30 -0.06 -6.47 -4.16
CA LEU A 30 0.50 -5.89 -5.38
C LEU A 30 1.92 -5.41 -5.10
N LEU A 31 2.13 -4.85 -3.91
CA LEU A 31 3.46 -4.49 -3.46
C LEU A 31 4.42 -5.68 -3.50
N LYS A 32 3.97 -6.85 -3.07
CA LYS A 32 4.80 -8.05 -3.10
C LYS A 32 5.05 -8.54 -4.54
N GLU A 33 4.35 -7.93 -5.49
CA GLU A 33 4.49 -8.30 -6.89
C GLU A 33 5.37 -7.29 -7.62
N LYS A 34 5.13 -6.01 -7.37
CA LYS A 34 5.77 -4.95 -8.11
C LYS A 34 7.08 -4.47 -7.46
N LEU A 35 7.09 -4.36 -6.13
CA LEU A 35 8.24 -3.77 -5.44
C LEU A 35 9.51 -4.61 -5.58
N VAL A 36 9.35 -5.88 -5.95
CA VAL A 36 10.50 -6.77 -6.10
C VAL A 36 11.30 -6.40 -7.35
N ASP A 37 10.76 -5.50 -8.16
CA ASP A 37 11.44 -5.01 -9.35
C ASP A 37 12.25 -3.77 -9.00
N PRO A 38 13.52 -3.70 -9.44
CA PRO A 38 14.43 -2.59 -9.10
C PRO A 38 13.95 -1.23 -9.64
N ASN A 39 13.00 -1.25 -10.56
CA ASN A 39 12.49 -0.01 -11.14
C ASN A 39 11.30 0.49 -10.34
N ILE A 40 10.64 -0.45 -9.66
CA ILE A 40 9.44 -0.12 -8.91
C ILE A 40 9.77 0.02 -7.43
N GLY A 41 10.51 -0.94 -6.90
CA GLY A 41 10.92 -0.90 -5.52
C GLY A 41 12.38 -0.56 -5.39
N LEU A 42 12.74 0.63 -5.83
CA LEU A 42 14.11 1.08 -5.82
C LEU A 42 14.63 1.16 -4.40
N HIS A 43 13.80 1.70 -3.52
CA HIS A 43 14.20 1.87 -2.13
C HIS A 43 13.97 0.57 -1.38
N PHE A 44 12.93 -0.14 -1.80
CA PHE A 44 12.60 -1.45 -1.23
C PHE A 44 13.75 -2.44 -1.41
N LYS A 45 14.17 -2.61 -2.66
CA LYS A 45 15.26 -3.53 -2.99
C LYS A 45 16.52 -3.15 -2.25
N ASN A 46 16.82 -1.86 -2.20
CA ASN A 46 18.05 -1.41 -1.60
C ASN A 46 17.93 -1.23 -0.09
N SER A 47 16.76 -1.56 0.45
CA SER A 47 16.56 -1.54 1.89
C SER A 47 16.73 -2.95 2.44
N GLY A 48 16.63 -3.94 1.54
CA GLY A 48 16.77 -5.32 1.93
C GLY A 48 16.06 -6.25 0.98
N GLY A 49 14.94 -5.79 0.43
CA GLY A 49 14.17 -6.60 -0.49
C GLY A 49 13.53 -7.79 0.20
N ASP A 50 12.77 -7.50 1.25
CA ASP A 50 12.12 -8.56 2.01
C ASP A 50 10.60 -8.38 1.96
N GLU A 51 9.91 -9.48 1.82
CA GLU A 51 8.46 -9.46 1.67
C GLU A 51 7.77 -8.98 2.94
N SER A 52 8.39 -9.23 4.08
CA SER A 52 7.81 -8.84 5.35
C SER A 52 8.10 -7.37 5.62
N LYS A 53 9.13 -6.84 4.96
CA LYS A 53 9.45 -5.41 5.04
C LYS A 53 8.30 -4.58 4.49
N ILE A 54 7.57 -5.18 3.57
CA ILE A 54 6.38 -4.56 3.02
C ILE A 54 5.29 -4.50 4.07
N GLU A 55 5.06 -5.65 4.71
CA GLU A 55 4.07 -5.77 5.78
C GLU A 55 4.41 -4.81 6.92
N GLU A 56 5.70 -4.76 7.25
CA GLU A 56 6.20 -3.86 8.29
C GLU A 56 5.88 -2.41 7.94
N SER A 57 6.20 -2.04 6.71
CA SER A 57 6.04 -0.66 6.27
C SER A 57 4.57 -0.29 6.16
N VAL A 58 3.74 -1.21 5.70
CA VAL A 58 2.30 -0.98 5.63
C VAL A 58 1.74 -0.79 7.05
N GLN A 59 2.22 -1.61 7.97
CA GLN A 59 1.82 -1.51 9.37
C GLN A 59 2.17 -0.13 9.93
N LYS A 60 3.44 0.26 9.76
CA LYS A 60 3.93 1.56 10.21
C LYS A 60 3.14 2.69 9.55
N PHE A 61 3.01 2.61 8.24
CA PHE A 61 2.35 3.64 7.43
C PHE A 61 0.96 3.96 7.98
N LEU A 62 0.15 2.93 8.12
CA LEU A 62 -1.23 3.10 8.52
C LEU A 62 -1.35 3.38 10.02
N SER A 63 -0.32 3.00 10.77
CA SER A 63 -0.33 3.20 12.21
C SER A 63 -0.05 4.67 12.55
N GLU A 64 0.65 5.36 11.67
CA GLU A 64 0.97 6.75 11.88
C GLU A 64 -0.16 7.67 11.43
N LEU A 65 -1.08 7.13 10.65
CA LEU A 65 -2.17 7.91 10.10
C LEU A 65 -3.36 7.90 11.04
N LYS A 66 -4.36 8.72 10.72
CA LYS A 66 -5.59 8.73 11.46
C LYS A 66 -6.61 7.82 10.83
N GLU A 67 -7.70 7.63 11.55
CA GLU A 67 -8.76 6.72 11.14
C GLU A 67 -9.43 7.26 9.88
N ASP A 68 -9.57 8.57 9.84
CA ASP A 68 -10.21 9.25 8.71
C ASP A 68 -9.31 9.22 7.48
N GLU A 69 -8.01 9.35 7.70
CA GLU A 69 -7.05 9.44 6.62
C GLU A 69 -6.87 8.10 5.93
N ILE A 70 -7.00 7.01 6.70
CA ILE A 70 -6.90 5.67 6.14
C ILE A 70 -8.12 5.37 5.28
N LYS A 71 -9.30 5.73 5.76
CA LYS A 71 -10.54 5.59 4.99
C LYS A 71 -10.40 6.21 3.61
N ASP A 72 -9.94 7.46 3.57
CA ASP A 72 -9.80 8.21 2.32
C ASP A 72 -8.95 7.43 1.31
N LEU A 73 -7.80 6.96 1.78
CA LEU A 73 -6.87 6.23 0.95
C LEU A 73 -7.52 4.99 0.34
N LEU A 74 -7.92 4.06 1.22
CA LEU A 74 -8.38 2.76 0.78
C LEU A 74 -9.68 2.83 0.00
N ALA A 75 -10.49 3.85 0.29
CA ALA A 75 -11.73 4.05 -0.46
C ALA A 75 -11.41 4.44 -1.91
N LYS A 76 -10.43 5.33 -2.06
CA LYS A 76 -10.04 5.78 -3.39
C LYS A 76 -9.33 4.68 -4.15
N ILE A 77 -8.39 4.01 -3.50
CA ILE A 77 -7.66 2.92 -4.14
C ILE A 77 -8.63 1.84 -4.61
N LYS A 78 -9.74 1.70 -3.89
CA LYS A 78 -10.80 0.78 -4.28
C LYS A 78 -11.50 1.28 -5.54
N GLU A 79 -12.15 2.44 -5.44
CA GLU A 79 -12.89 3.03 -6.56
C GLU A 79 -12.02 3.16 -7.79
N ASN A 80 -10.78 3.58 -7.58
CA ASN A 80 -9.83 3.79 -8.67
C ASN A 80 -9.36 2.45 -9.25
N LYS A 81 -9.44 1.42 -8.43
CA LYS A 81 -9.19 0.05 -8.89
C LYS A 81 -10.36 -0.42 -9.75
N ASP A 82 -11.55 -0.28 -9.19
CA ASP A 82 -12.79 -0.73 -9.83
C ASP A 82 -12.95 -0.15 -11.24
N LYS A 83 -12.49 1.07 -11.44
CA LYS A 83 -12.62 1.73 -12.72
C LYS A 83 -11.55 1.27 -13.72
N LYS A 84 -10.33 0.99 -13.22
CA LYS A 84 -9.23 0.64 -14.10
C LYS A 84 -9.16 -0.86 -14.36
N GLU A 85 -9.74 -1.64 -13.46
CA GLU A 85 -9.67 -3.10 -13.56
C GLU A 85 -10.45 -3.61 -14.77
N LYS A 86 -11.22 -2.72 -15.39
CA LYS A 86 -11.87 -3.01 -16.65
C LYS A 86 -10.85 -3.54 -17.65
N ASP A 87 -9.72 -2.85 -17.75
CA ASP A 87 -8.63 -3.28 -18.58
C ASP A 87 -7.50 -3.78 -17.70
N PRO A 88 -7.19 -5.08 -17.78
CA PRO A 88 -6.19 -5.73 -16.92
C PRO A 88 -4.86 -4.98 -16.88
N GLU A 89 -4.43 -4.48 -18.03
CA GLU A 89 -3.13 -3.81 -18.14
C GLU A 89 -3.22 -2.36 -17.71
N GLU A 90 -4.43 -1.80 -17.70
CA GLU A 90 -4.66 -0.47 -17.17
C GLU A 90 -4.52 -0.52 -15.66
N LEU A 91 -5.17 -1.51 -15.06
CA LEU A 91 -5.04 -1.77 -13.63
C LEU A 91 -3.61 -2.13 -13.29
N ASN A 92 -2.96 -2.90 -14.16
CA ASN A 92 -1.59 -3.32 -13.96
C ASN A 92 -0.67 -2.11 -13.85
N THR A 93 -0.95 -1.08 -14.64
CA THR A 93 -0.21 0.16 -14.57
C THR A 93 -0.50 0.87 -13.25
N TYR A 94 -1.76 0.87 -12.85
CA TYR A 94 -2.20 1.48 -11.60
C TYR A 94 -1.44 0.88 -10.42
N LYS A 95 -1.43 -0.44 -10.36
CA LYS A 95 -0.71 -1.19 -9.33
C LYS A 95 0.76 -0.76 -9.29
N SER A 96 1.35 -0.60 -10.46
CA SER A 96 2.75 -0.28 -10.57
C SER A 96 3.02 1.13 -10.05
N ILE A 97 2.10 2.05 -10.33
CA ILE A 97 2.20 3.42 -9.84
C ILE A 97 2.06 3.44 -8.32
N LEU A 98 1.09 2.70 -7.82
CA LEU A 98 0.85 2.60 -6.38
C LEU A 98 2.11 2.13 -5.65
N ALA A 99 2.71 1.06 -6.15
CA ALA A 99 3.91 0.50 -5.54
C ALA A 99 5.07 1.48 -5.64
N SER A 100 5.22 2.11 -6.79
CA SER A 100 6.27 3.11 -7.00
C SER A 100 6.10 4.26 -6.02
N GLY A 101 4.85 4.55 -5.67
CA GLY A 101 4.55 5.61 -4.75
C GLY A 101 4.82 5.21 -3.32
N PHE A 102 4.50 3.97 -2.98
CA PHE A 102 4.72 3.48 -1.63
C PHE A 102 6.20 3.28 -1.37
N ASP A 103 6.94 2.85 -2.39
CA ASP A 103 8.38 2.56 -2.28
C ASP A 103 9.16 3.72 -1.67
N GLY A 104 8.63 4.94 -1.80
CA GLY A 104 9.28 6.10 -1.23
C GLY A 104 9.49 5.98 0.27
N ILE A 105 8.59 5.26 0.94
CA ILE A 105 8.65 5.11 2.39
C ILE A 105 9.90 4.32 2.81
N PHE A 106 10.41 3.50 1.91
CA PHE A 106 11.60 2.69 2.19
C PHE A 106 12.85 3.54 2.12
N ASN A 107 12.66 4.85 1.93
CA ASN A 107 13.75 5.81 1.98
C ASN A 107 13.50 6.75 3.15
N GLN A 108 12.83 6.20 4.16
CA GLN A 108 12.60 6.89 5.42
C GLN A 108 11.75 8.13 5.21
N ALA A 109 10.75 7.96 4.35
CA ALA A 109 9.79 9.02 4.08
C ALA A 109 8.62 8.92 5.04
N ASP A 110 8.00 10.06 5.32
CA ASP A 110 6.85 10.12 6.21
C ASP A 110 5.64 9.44 5.59
N SER A 111 4.81 8.87 6.44
CA SER A 111 3.65 8.09 6.00
C SER A 111 2.57 9.02 5.46
N LYS A 112 2.38 10.16 6.10
CA LYS A 112 1.36 11.11 5.67
C LYS A 112 1.80 11.78 4.38
N THR A 113 3.09 12.04 4.27
CA THR A 113 3.67 12.58 3.06
C THR A 113 3.47 11.62 1.89
N THR A 114 3.71 10.33 2.15
CA THR A 114 3.55 9.30 1.13
C THR A 114 2.06 9.07 0.80
N LEU A 115 1.20 9.34 1.79
CA LEU A 115 -0.25 9.27 1.61
C LEU A 115 -0.66 10.10 0.40
N ASN A 116 -0.07 11.29 0.29
CA ASN A 116 -0.38 12.23 -0.78
C ASN A 116 -0.12 11.63 -2.15
N LYS A 117 0.86 10.73 -2.23
CA LYS A 117 1.21 10.08 -3.49
C LYS A 117 0.09 9.13 -3.92
N LEU A 118 -0.33 8.26 -3.01
CA LEU A 118 -1.38 7.28 -3.30
C LEU A 118 -2.71 7.99 -3.57
N LYS A 119 -2.97 9.03 -2.79
CA LYS A 119 -4.15 9.85 -2.94
C LYS A 119 -4.16 10.56 -4.30
N ASP A 120 -2.98 10.89 -4.80
CA ASP A 120 -2.86 11.70 -6.00
C ASP A 120 -2.90 10.85 -7.27
N THR A 121 -2.88 9.54 -7.10
CA THR A 121 -2.77 8.66 -8.25
C THR A 121 -4.04 8.68 -9.09
N ILE A 122 -5.17 8.43 -8.43
CA ILE A 122 -6.48 8.36 -9.10
C ILE A 122 -6.47 7.25 -10.15
N GLY A 1 11.80 -9.70 13.63
CA GLY A 1 10.95 -10.75 13.03
C GLY A 1 9.48 -10.50 13.31
N ALA A 2 8.62 -11.26 12.64
CA ALA A 2 7.19 -11.08 12.79
C ALA A 2 6.68 -11.80 14.03
N MET A 3 5.69 -11.21 14.68
CA MET A 3 5.06 -11.83 15.86
C MET A 3 3.94 -12.76 15.42
N GLY A 4 3.86 -12.97 14.11
CA GLY A 4 2.74 -13.69 13.53
C GLY A 4 2.02 -12.81 12.54
N THR A 5 1.17 -11.93 13.05
CA THR A 5 0.49 -10.94 12.23
C THR A 5 0.50 -9.58 12.94
N PRO A 6 1.56 -8.80 12.73
CA PRO A 6 1.79 -7.55 13.47
C PRO A 6 0.92 -6.39 13.00
N LEU A 7 0.32 -6.53 11.82
CA LEU A 7 -0.41 -5.42 11.23
C LEU A 7 -1.90 -5.47 11.51
N GLU A 8 -2.45 -6.65 11.76
CA GLU A 8 -3.89 -6.80 11.88
C GLU A 8 -4.42 -6.21 13.18
N LYS A 9 -3.55 -6.06 14.17
CA LYS A 9 -3.98 -5.71 15.50
C LYS A 9 -4.28 -4.22 15.59
N LEU A 10 -3.62 -3.44 14.78
CA LEU A 10 -3.90 -2.02 14.71
C LEU A 10 -4.99 -1.76 13.67
N VAL A 11 -5.05 -2.62 12.67
CA VAL A 11 -6.11 -2.55 11.69
C VAL A 11 -7.46 -2.86 12.35
N SER A 12 -7.44 -3.76 13.32
CA SER A 12 -8.63 -4.18 14.03
C SER A 12 -9.21 -3.04 14.84
N ARG A 13 -8.35 -2.25 15.47
CA ARG A 13 -8.79 -1.15 16.32
C ARG A 13 -9.33 0.02 15.50
N LEU A 14 -9.07 -0.02 14.20
CA LEU A 14 -9.52 1.02 13.30
C LEU A 14 -10.94 0.72 12.84
N ASN A 15 -11.22 -0.57 12.73
CA ASN A 15 -12.51 -1.07 12.25
C ASN A 15 -12.76 -0.64 10.81
N LEU A 16 -12.26 -1.43 9.88
CA LEU A 16 -12.48 -1.20 8.47
C LEU A 16 -13.59 -2.12 7.98
N ASN A 17 -14.11 -1.83 6.80
CA ASN A 17 -15.12 -2.67 6.20
C ASN A 17 -14.52 -3.43 5.03
N ASN A 18 -15.24 -4.43 4.53
CA ASN A 18 -14.74 -5.27 3.44
C ASN A 18 -14.28 -4.43 2.27
N THR A 19 -14.98 -3.33 2.03
CA THR A 19 -14.62 -2.42 0.94
C THR A 19 -13.22 -1.88 1.14
N GLU A 20 -12.92 -1.47 2.37
CA GLU A 20 -11.62 -0.93 2.70
C GLU A 20 -10.59 -2.07 2.78
N LYS A 21 -11.00 -3.17 3.37
CA LYS A 21 -10.12 -4.32 3.58
C LYS A 21 -9.69 -4.95 2.26
N GLU A 22 -10.59 -5.00 1.30
CA GLU A 22 -10.27 -5.56 -0.01
C GLU A 22 -9.31 -4.66 -0.76
N THR A 23 -9.51 -3.35 -0.64
CA THR A 23 -8.58 -2.38 -1.21
C THR A 23 -7.21 -2.51 -0.55
N LEU A 24 -7.22 -2.64 0.78
CA LEU A 24 -5.98 -2.83 1.54
C LEU A 24 -5.27 -4.10 1.09
N THR A 25 -6.04 -5.16 0.88
CA THR A 25 -5.50 -6.42 0.39
C THR A 25 -4.87 -6.23 -0.98
N PHE A 26 -5.61 -5.56 -1.86
CA PHE A 26 -5.14 -5.24 -3.20
C PHE A 26 -3.80 -4.51 -3.15
N LEU A 27 -3.72 -3.49 -2.30
CA LEU A 27 -2.52 -2.70 -2.14
C LEU A 27 -1.36 -3.59 -1.68
N THR A 28 -1.56 -4.30 -0.57
CA THR A 28 -0.53 -5.15 -0.01
C THR A 28 -0.12 -6.25 -0.99
N ASN A 29 -1.08 -6.76 -1.76
CA ASN A 29 -0.81 -7.79 -2.76
C ASN A 29 0.11 -7.27 -3.85
N LEU A 30 -0.22 -6.10 -4.39
CA LEU A 30 0.56 -5.53 -5.49
C LEU A 30 1.94 -5.09 -5.01
N LEU A 31 2.06 -4.79 -3.72
CA LEU A 31 3.34 -4.42 -3.15
C LEU A 31 4.30 -5.61 -3.18
N LYS A 32 3.80 -6.77 -2.80
CA LYS A 32 4.61 -7.99 -2.83
C LYS A 32 4.81 -8.49 -4.26
N GLU A 33 4.14 -7.84 -5.20
CA GLU A 33 4.18 -8.24 -6.60
C GLU A 33 5.09 -7.32 -7.40
N LYS A 34 4.93 -6.03 -7.20
CA LYS A 34 5.62 -5.02 -8.01
C LYS A 34 6.94 -4.59 -7.38
N LEU A 35 6.98 -4.47 -6.05
CA LEU A 35 8.15 -3.90 -5.38
C LEU A 35 9.39 -4.79 -5.52
N VAL A 36 9.20 -6.06 -5.85
CA VAL A 36 10.31 -6.98 -6.04
C VAL A 36 11.12 -6.61 -7.28
N ASP A 37 10.54 -5.73 -8.10
CA ASP A 37 11.21 -5.20 -9.27
C ASP A 37 12.05 -4.00 -8.88
N PRO A 38 13.33 -3.98 -9.27
CA PRO A 38 14.28 -2.92 -8.89
C PRO A 38 13.89 -1.53 -9.41
N ASN A 39 12.96 -1.48 -10.36
CA ASN A 39 12.54 -0.21 -10.94
C ASN A 39 11.31 0.31 -10.20
N ILE A 40 10.60 -0.60 -9.55
CA ILE A 40 9.39 -0.25 -8.84
C ILE A 40 9.66 -0.14 -7.35
N GLY A 41 10.40 -1.12 -6.83
CA GLY A 41 10.81 -1.08 -5.45
C GLY A 41 12.25 -0.60 -5.35
N LEU A 42 12.48 0.60 -5.85
CA LEU A 42 13.81 1.18 -5.88
C LEU A 42 14.33 1.37 -4.48
N HIS A 43 13.47 1.84 -3.60
CA HIS A 43 13.84 2.05 -2.21
C HIS A 43 13.74 0.72 -1.46
N PHE A 44 12.73 -0.06 -1.83
CA PHE A 44 12.52 -1.38 -1.24
C PHE A 44 13.76 -2.24 -1.38
N LYS A 45 14.18 -2.48 -2.62
CA LYS A 45 15.30 -3.36 -2.90
C LYS A 45 16.56 -2.91 -2.20
N ASN A 46 16.77 -1.60 -2.17
CA ASN A 46 18.02 -1.06 -1.67
C ASN A 46 18.04 -0.90 -0.16
N SER A 47 16.87 -0.73 0.45
CA SER A 47 16.78 -0.56 1.89
C SER A 47 16.62 -1.91 2.57
N GLY A 48 15.91 -2.81 1.91
CA GLY A 48 15.68 -4.13 2.43
C GLY A 48 14.61 -4.84 1.63
N GLY A 49 14.99 -5.31 0.44
CA GLY A 49 14.07 -6.01 -0.43
C GLY A 49 13.67 -7.37 0.11
N ASP A 50 12.91 -7.36 1.19
CA ASP A 50 12.42 -8.60 1.79
C ASP A 50 10.92 -8.50 2.01
N GLU A 51 10.24 -9.62 1.93
CA GLU A 51 8.77 -9.66 2.05
C GLU A 51 8.31 -9.08 3.38
N SER A 52 9.05 -9.36 4.44
CA SER A 52 8.66 -8.92 5.78
C SER A 52 8.75 -7.41 5.90
N LYS A 53 9.61 -6.81 5.09
CA LYS A 53 9.81 -5.37 5.11
C LYS A 53 8.56 -4.66 4.64
N ILE A 54 7.90 -5.25 3.65
CA ILE A 54 6.65 -4.72 3.13
C ILE A 54 5.60 -4.74 4.24
N GLU A 55 5.57 -5.84 4.96
CA GLU A 55 4.60 -6.05 6.02
C GLU A 55 4.88 -5.13 7.20
N GLU A 56 6.13 -4.73 7.36
CA GLU A 56 6.50 -3.77 8.40
C GLU A 56 6.16 -2.35 7.97
N SER A 57 6.48 -2.01 6.73
CA SER A 57 6.26 -0.66 6.23
C SER A 57 4.78 -0.30 6.17
N VAL A 58 3.94 -1.19 5.65
CA VAL A 58 2.49 -0.96 5.64
C VAL A 58 1.99 -0.72 7.05
N GLN A 59 2.53 -1.48 7.98
CA GLN A 59 2.14 -1.42 9.38
C GLN A 59 2.54 -0.07 9.98
N LYS A 60 3.80 0.32 9.78
CA LYS A 60 4.34 1.54 10.34
C LYS A 60 3.71 2.76 9.66
N PHE A 61 3.40 2.59 8.38
CA PHE A 61 2.77 3.63 7.58
C PHE A 61 1.44 4.04 8.20
N LEU A 62 0.59 3.05 8.41
CA LEU A 62 -0.78 3.29 8.86
C LEU A 62 -0.85 3.60 10.34
N SER A 63 0.15 3.15 11.10
CA SER A 63 0.16 3.35 12.55
C SER A 63 0.33 4.83 12.91
N GLU A 64 0.94 5.60 12.02
CA GLU A 64 1.16 7.01 12.26
C GLU A 64 -0.02 7.84 11.77
N LEU A 65 -0.80 7.25 10.87
CA LEU A 65 -1.88 7.98 10.22
C LEU A 65 -3.09 8.14 11.13
N LYS A 66 -4.16 8.65 10.56
CA LYS A 66 -5.42 8.80 11.27
C LYS A 66 -6.49 7.98 10.60
N GLU A 67 -7.44 7.52 11.39
CA GLU A 67 -8.48 6.62 10.94
C GLU A 67 -9.25 7.23 9.76
N ASP A 68 -9.46 8.54 9.83
CA ASP A 68 -10.16 9.27 8.78
C ASP A 68 -9.37 9.24 7.47
N GLU A 69 -8.08 9.47 7.56
CA GLU A 69 -7.22 9.45 6.38
C GLU A 69 -7.11 8.06 5.79
N ILE A 70 -7.13 7.06 6.65
CA ILE A 70 -7.09 5.67 6.22
C ILE A 70 -8.32 5.32 5.38
N LYS A 71 -9.51 5.56 5.92
CA LYS A 71 -10.75 5.41 5.18
C LYS A 71 -10.73 6.18 3.86
N ASP A 72 -10.29 7.43 3.93
CA ASP A 72 -10.31 8.31 2.77
C ASP A 72 -9.34 7.81 1.69
N LEU A 73 -8.22 7.26 2.13
CA LEU A 73 -7.21 6.72 1.23
C LEU A 73 -7.74 5.48 0.50
N LEU A 74 -8.16 4.49 1.28
CA LEU A 74 -8.61 3.20 0.73
C LEU A 74 -9.81 3.39 -0.19
N ALA A 75 -10.74 4.25 0.21
CA ALA A 75 -11.92 4.52 -0.60
C ALA A 75 -11.52 5.13 -1.94
N LYS A 76 -10.48 5.95 -1.92
CA LYS A 76 -9.99 6.60 -3.12
C LYS A 76 -9.35 5.57 -4.05
N ILE A 77 -8.50 4.73 -3.48
CA ILE A 77 -7.81 3.70 -4.25
C ILE A 77 -8.82 2.75 -4.88
N LYS A 78 -9.89 2.45 -4.14
CA LYS A 78 -10.92 1.55 -4.64
C LYS A 78 -11.50 2.05 -5.94
N GLU A 79 -11.90 3.31 -5.97
CA GLU A 79 -12.55 3.88 -7.15
C GLU A 79 -11.61 3.94 -8.35
N ASN A 80 -10.35 4.24 -8.10
CA ASN A 80 -9.36 4.26 -9.17
C ASN A 80 -9.16 2.85 -9.72
N LYS A 81 -9.05 1.90 -8.80
CA LYS A 81 -8.97 0.50 -9.17
C LYS A 81 -10.22 0.06 -9.91
N ASP A 82 -11.35 0.43 -9.34
CA ASP A 82 -12.66 0.03 -9.85
C ASP A 82 -12.82 0.33 -11.34
N LYS A 83 -12.39 1.51 -11.77
CA LYS A 83 -12.54 1.89 -13.17
C LYS A 83 -11.42 1.27 -14.03
N LYS A 84 -10.30 0.93 -13.41
CA LYS A 84 -9.16 0.43 -14.16
C LYS A 84 -9.13 -1.08 -14.20
N GLU A 85 -9.78 -1.72 -13.24
CA GLU A 85 -9.81 -3.18 -13.20
C GLU A 85 -10.76 -3.71 -14.26
N LYS A 86 -11.47 -2.79 -14.90
CA LYS A 86 -12.25 -3.08 -16.09
C LYS A 86 -11.33 -3.60 -17.20
N ASP A 87 -10.10 -3.10 -17.20
CA ASP A 87 -9.14 -3.46 -18.22
C ASP A 87 -7.90 -4.08 -17.58
N PRO A 88 -7.35 -5.11 -18.22
CA PRO A 88 -6.15 -5.81 -17.74
C PRO A 88 -4.96 -4.86 -17.54
N GLU A 89 -4.56 -4.19 -18.61
CA GLU A 89 -3.36 -3.36 -18.57
C GLU A 89 -3.59 -2.05 -17.80
N GLU A 90 -4.82 -1.57 -17.79
CA GLU A 90 -5.17 -0.41 -16.97
C GLU A 90 -4.88 -0.69 -15.50
N LEU A 91 -5.40 -1.80 -15.01
CA LEU A 91 -5.19 -2.19 -13.63
C LEU A 91 -3.73 -2.55 -13.38
N ASN A 92 -3.14 -3.29 -14.31
CA ASN A 92 -1.77 -3.76 -14.19
C ASN A 92 -0.80 -2.59 -14.05
N THR A 93 -0.98 -1.57 -14.88
CA THR A 93 -0.17 -0.37 -14.81
C THR A 93 -0.37 0.32 -13.47
N TYR A 94 -1.63 0.38 -13.03
CA TYR A 94 -2.00 1.10 -11.83
C TYR A 94 -1.32 0.50 -10.58
N LYS A 95 -1.38 -0.82 -10.47
CA LYS A 95 -0.69 -1.54 -9.40
C LYS A 95 0.77 -1.13 -9.32
N SER A 96 1.39 -0.96 -10.48
CA SER A 96 2.80 -0.58 -10.55
C SER A 96 3.00 0.85 -10.02
N ILE A 97 2.02 1.72 -10.26
CA ILE A 97 2.10 3.09 -9.81
C ILE A 97 1.99 3.15 -8.28
N LEU A 98 0.95 2.49 -7.78
CA LEU A 98 0.70 2.40 -6.35
C LEU A 98 1.94 1.92 -5.60
N ALA A 99 2.58 0.88 -6.12
CA ALA A 99 3.75 0.32 -5.47
C ALA A 99 4.94 1.26 -5.53
N SER A 100 5.19 1.87 -6.68
CA SER A 100 6.30 2.78 -6.82
C SER A 100 6.06 4.06 -6.03
N GLY A 101 4.81 4.27 -5.63
CA GLY A 101 4.48 5.37 -4.76
C GLY A 101 4.68 5.01 -3.29
N PHE A 102 4.29 3.80 -2.93
CA PHE A 102 4.44 3.32 -1.56
C PHE A 102 5.92 3.09 -1.25
N ASP A 103 6.65 2.62 -2.26
CA ASP A 103 8.08 2.31 -2.18
C ASP A 103 8.89 3.37 -1.43
N GLY A 104 8.44 4.63 -1.49
CA GLY A 104 9.14 5.70 -0.81
C GLY A 104 9.30 5.47 0.68
N ILE A 105 8.34 4.76 1.27
CA ILE A 105 8.33 4.52 2.73
C ILE A 105 9.60 3.79 3.17
N PHE A 106 10.14 2.92 2.31
CA PHE A 106 11.32 2.15 2.63
C PHE A 106 12.55 3.06 2.72
N ASN A 107 12.44 4.23 2.12
CA ASN A 107 13.52 5.20 2.12
C ASN A 107 13.32 6.18 3.28
N GLN A 108 12.48 5.77 4.22
CA GLN A 108 12.18 6.54 5.43
C GLN A 108 11.36 7.78 5.10
N ALA A 109 10.64 7.72 3.98
CA ALA A 109 9.74 8.80 3.62
C ALA A 109 8.58 8.85 4.60
N ASP A 110 8.07 10.04 4.81
CA ASP A 110 6.98 10.26 5.75
C ASP A 110 5.70 9.58 5.27
N SER A 111 4.92 9.11 6.23
CA SER A 111 3.73 8.32 5.92
C SER A 111 2.60 9.22 5.41
N LYS A 112 2.53 10.44 5.93
CA LYS A 112 1.54 11.40 5.49
C LYS A 112 1.87 11.89 4.09
N THR A 113 3.17 12.10 3.86
CA THR A 113 3.67 12.51 2.57
C THR A 113 3.39 11.45 1.51
N THR A 114 3.71 10.21 1.84
CA THR A 114 3.52 9.09 0.92
C THR A 114 2.02 8.81 0.71
N LEU A 115 1.21 9.08 1.74
CA LEU A 115 -0.24 8.93 1.65
C LEU A 115 -0.78 9.76 0.49
N ASN A 116 -0.36 11.02 0.44
CA ASN A 116 -0.81 11.95 -0.59
C ASN A 116 -0.54 11.39 -1.98
N LYS A 117 0.62 10.78 -2.17
CA LYS A 117 0.99 10.21 -3.46
C LYS A 117 0.02 9.11 -3.87
N LEU A 118 -0.35 8.27 -2.91
CA LEU A 118 -1.25 7.15 -3.16
C LEU A 118 -2.67 7.63 -3.44
N LYS A 119 -3.12 8.61 -2.68
CA LYS A 119 -4.44 9.15 -2.81
C LYS A 119 -4.58 9.95 -4.12
N ASP A 120 -3.48 10.51 -4.57
CA ASP A 120 -3.48 11.38 -5.74
C ASP A 120 -2.92 10.66 -6.97
N THR A 121 -2.78 9.35 -6.88
CA THR A 121 -2.23 8.56 -7.97
C THR A 121 -3.09 8.66 -9.22
N ILE A 122 -4.19 7.90 -9.25
CA ILE A 122 -5.13 7.89 -10.37
C ILE A 122 -4.41 7.58 -11.69
N GLY A 1 1.09 -13.40 5.45
CA GLY A 1 2.30 -13.01 4.69
C GLY A 1 3.56 -13.57 5.31
N ALA A 2 4.71 -13.05 4.86
CA ALA A 2 6.00 -13.52 5.35
C ALA A 2 6.23 -13.01 6.77
N MET A 3 5.78 -11.79 7.01
CA MET A 3 5.85 -11.22 8.35
C MET A 3 4.66 -11.68 9.17
N GLY A 4 3.53 -11.79 8.50
CA GLY A 4 2.31 -12.23 9.16
C GLY A 4 1.37 -11.07 9.39
N THR A 5 1.70 -9.93 8.79
CA THR A 5 0.93 -8.69 8.93
C THR A 5 0.55 -8.41 10.38
N PRO A 6 1.51 -7.92 11.19
CA PRO A 6 1.28 -7.63 12.60
C PRO A 6 0.36 -6.44 12.79
N LEU A 7 0.08 -5.77 11.67
CA LEU A 7 -0.84 -4.65 11.63
C LEU A 7 -2.26 -5.08 11.99
N GLU A 8 -2.50 -6.38 11.99
CA GLU A 8 -3.82 -6.97 12.29
C GLU A 8 -4.48 -6.35 13.53
N LYS A 9 -3.68 -6.11 14.56
CA LYS A 9 -4.22 -5.74 15.87
C LYS A 9 -4.62 -4.27 15.90
N LEU A 10 -3.89 -3.45 15.17
CA LEU A 10 -4.21 -2.04 15.08
C LEU A 10 -5.27 -1.81 14.03
N VAL A 11 -5.29 -2.66 13.03
CA VAL A 11 -6.34 -2.64 12.02
C VAL A 11 -7.71 -2.86 12.68
N SER A 12 -7.73 -3.71 13.70
CA SER A 12 -8.95 -4.05 14.40
C SER A 12 -9.51 -2.83 15.15
N ARG A 13 -8.63 -1.97 15.64
CA ARG A 13 -9.04 -0.79 16.41
C ARG A 13 -9.41 0.36 15.47
N LEU A 14 -9.06 0.23 14.20
CA LEU A 14 -9.37 1.24 13.20
C LEU A 14 -10.72 0.95 12.56
N ASN A 15 -11.15 -0.31 12.69
CA ASN A 15 -12.42 -0.77 12.15
C ASN A 15 -12.53 -0.54 10.66
N LEU A 16 -11.99 -1.47 9.89
CA LEU A 16 -12.14 -1.43 8.45
C LEU A 16 -13.25 -2.37 8.02
N ASN A 17 -13.90 -2.07 6.92
CA ASN A 17 -14.98 -2.93 6.43
C ASN A 17 -14.61 -3.52 5.09
N ASN A 18 -15.56 -4.22 4.47
CA ASN A 18 -15.34 -4.87 3.19
C ASN A 18 -14.77 -3.90 2.16
N THR A 19 -15.13 -2.64 2.30
CA THR A 19 -14.69 -1.62 1.36
C THR A 19 -13.20 -1.35 1.52
N GLU A 20 -12.71 -1.34 2.75
CA GLU A 20 -11.32 -1.04 3.02
C GLU A 20 -10.45 -2.29 2.87
N LYS A 21 -10.94 -3.40 3.40
CA LYS A 21 -10.15 -4.63 3.46
C LYS A 21 -9.87 -5.20 2.08
N GLU A 22 -10.85 -5.13 1.19
CA GLU A 22 -10.67 -5.63 -0.16
C GLU A 22 -9.60 -4.82 -0.89
N THR A 23 -9.57 -3.52 -0.63
CA THR A 23 -8.53 -2.66 -1.13
C THR A 23 -7.18 -3.09 -0.61
N LEU A 24 -7.12 -3.20 0.70
CA LEU A 24 -5.89 -3.43 1.39
C LEU A 24 -5.29 -4.78 1.00
N THR A 25 -6.14 -5.75 0.75
CA THR A 25 -5.70 -7.06 0.26
C THR A 25 -5.06 -6.90 -1.12
N PHE A 26 -5.66 -6.05 -1.94
CA PHE A 26 -5.17 -5.76 -3.28
C PHE A 26 -3.85 -4.97 -3.21
N LEU A 27 -3.85 -3.92 -2.40
CA LEU A 27 -2.69 -3.03 -2.28
C LEU A 27 -1.45 -3.79 -1.81
N THR A 28 -1.57 -4.47 -0.68
CA THR A 28 -0.45 -5.20 -0.10
C THR A 28 0.12 -6.23 -1.09
N ASN A 29 -0.75 -6.84 -1.88
CA ASN A 29 -0.33 -7.85 -2.83
C ASN A 29 0.28 -7.25 -4.08
N LEU A 30 -0.21 -6.08 -4.50
CA LEU A 30 0.33 -5.43 -5.68
C LEU A 30 1.71 -4.86 -5.38
N LEU A 31 1.93 -4.50 -4.12
CA LEU A 31 3.23 -4.02 -3.69
C LEU A 31 4.26 -5.13 -3.82
N LYS A 32 3.88 -6.33 -3.43
CA LYS A 32 4.76 -7.49 -3.54
C LYS A 32 4.91 -7.93 -4.98
N GLU A 33 4.07 -7.37 -5.84
CA GLU A 33 4.06 -7.71 -7.24
C GLU A 33 4.99 -6.79 -8.01
N LYS A 34 5.06 -5.53 -7.58
CA LYS A 34 5.78 -4.51 -8.30
C LYS A 34 7.11 -4.14 -7.64
N LEU A 35 7.13 -4.05 -6.31
CA LEU A 35 8.31 -3.56 -5.59
C LEU A 35 9.50 -4.51 -5.72
N VAL A 36 9.23 -5.73 -6.16
CA VAL A 36 10.29 -6.70 -6.37
C VAL A 36 11.14 -6.33 -7.59
N ASP A 37 10.63 -5.40 -8.39
CA ASP A 37 11.36 -4.89 -9.53
C ASP A 37 12.24 -3.73 -9.09
N PRO A 38 13.53 -3.75 -9.44
CA PRO A 38 14.50 -2.73 -9.02
C PRO A 38 14.19 -1.33 -9.59
N ASN A 39 13.23 -1.26 -10.50
CA ASN A 39 12.83 0.02 -11.08
C ASN A 39 11.63 0.58 -10.35
N ILE A 40 10.97 -0.29 -9.60
CA ILE A 40 9.76 0.09 -8.89
C ILE A 40 10.02 0.15 -7.40
N GLY A 41 10.63 -0.91 -6.88
CA GLY A 41 10.96 -0.97 -5.47
C GLY A 41 12.41 -0.64 -5.25
N LEU A 42 12.79 0.55 -5.65
CA LEU A 42 14.17 1.01 -5.57
C LEU A 42 14.60 1.04 -4.10
N HIS A 43 13.73 1.56 -3.26
CA HIS A 43 14.07 1.70 -1.85
C HIS A 43 13.80 0.38 -1.15
N PHE A 44 12.78 -0.33 -1.61
CA PHE A 44 12.43 -1.63 -1.06
C PHE A 44 13.59 -2.61 -1.21
N LYS A 45 14.06 -2.78 -2.44
CA LYS A 45 15.10 -3.76 -2.73
C LYS A 45 16.39 -3.43 -2.01
N ASN A 46 16.68 -2.15 -1.87
CA ASN A 46 17.97 -1.74 -1.34
C ASN A 46 17.95 -1.51 0.17
N SER A 47 16.78 -1.60 0.78
CA SER A 47 16.67 -1.35 2.21
C SER A 47 15.91 -2.46 2.94
N GLY A 48 15.45 -3.46 2.20
CA GLY A 48 14.72 -4.55 2.80
C GLY A 48 14.81 -5.83 1.99
N GLY A 49 14.23 -5.81 0.80
CA GLY A 49 14.31 -6.94 -0.09
C GLY A 49 13.55 -8.16 0.40
N ASP A 50 12.49 -7.95 1.18
CA ASP A 50 11.68 -9.07 1.67
C ASP A 50 10.24 -8.65 1.88
N GLU A 51 9.33 -9.59 1.70
CA GLU A 51 7.89 -9.35 1.86
C GLU A 51 7.57 -8.80 3.25
N SER A 52 8.29 -9.29 4.24
CA SER A 52 8.07 -8.89 5.62
C SER A 52 8.23 -7.38 5.76
N LYS A 53 9.21 -6.85 5.04
CA LYS A 53 9.53 -5.44 5.10
C LYS A 53 8.41 -4.59 4.50
N ILE A 54 7.65 -5.19 3.59
CA ILE A 54 6.48 -4.53 3.04
C ILE A 54 5.36 -4.51 4.08
N GLU A 55 5.10 -5.66 4.67
CA GLU A 55 4.06 -5.81 5.68
C GLU A 55 4.35 -4.91 6.89
N GLU A 56 5.63 -4.74 7.21
CA GLU A 56 6.03 -3.84 8.28
C GLU A 56 5.79 -2.38 7.87
N SER A 57 6.10 -2.06 6.62
CA SER A 57 5.97 -0.70 6.13
C SER A 57 4.50 -0.28 6.04
N VAL A 58 3.64 -1.20 5.63
CA VAL A 58 2.20 -0.94 5.61
C VAL A 58 1.71 -0.61 7.01
N GLN A 59 2.26 -1.32 8.00
CA GLN A 59 1.94 -1.08 9.39
C GLN A 59 2.45 0.29 9.82
N LYS A 60 3.74 0.54 9.59
CA LYS A 60 4.38 1.81 9.90
C LYS A 60 3.61 2.97 9.27
N PHE A 61 3.28 2.81 8.01
CA PHE A 61 2.62 3.84 7.22
C PHE A 61 1.30 4.26 7.86
N LEU A 62 0.43 3.30 8.07
CA LEU A 62 -0.93 3.58 8.54
C LEU A 62 -0.95 3.96 10.01
N SER A 63 0.09 3.60 10.73
CA SER A 63 0.16 3.90 12.16
C SER A 63 0.53 5.35 12.41
N GLU A 64 1.16 5.99 11.43
CA GLU A 64 1.57 7.37 11.53
C GLU A 64 0.47 8.32 11.05
N LEU A 65 -0.58 7.74 10.49
CA LEU A 65 -1.66 8.51 9.89
C LEU A 65 -2.86 8.59 10.83
N LYS A 66 -3.92 9.23 10.34
CA LYS A 66 -5.18 9.26 11.05
C LYS A 66 -6.10 8.16 10.54
N GLU A 67 -7.05 7.78 11.38
CA GLU A 67 -8.04 6.77 11.01
C GLU A 67 -8.85 7.25 9.80
N ASP A 68 -9.14 8.55 9.80
CA ASP A 68 -9.79 9.23 8.69
C ASP A 68 -9.03 9.01 7.38
N GLU A 69 -7.71 9.16 7.45
CA GLU A 69 -6.87 9.11 6.26
C GLU A 69 -6.77 7.70 5.72
N ILE A 70 -6.75 6.73 6.62
CA ILE A 70 -6.74 5.33 6.22
C ILE A 70 -7.99 4.98 5.42
N LYS A 71 -9.14 5.43 5.91
CA LYS A 71 -10.39 5.29 5.17
C LYS A 71 -10.30 5.95 3.79
N ASP A 72 -9.90 7.22 3.77
CA ASP A 72 -9.80 7.97 2.50
C ASP A 72 -8.93 7.24 1.51
N LEU A 73 -7.81 6.72 1.99
CA LEU A 73 -6.90 5.99 1.16
C LEU A 73 -7.57 4.77 0.53
N LEU A 74 -7.93 3.82 1.38
CA LEU A 74 -8.43 2.53 0.91
C LEU A 74 -9.77 2.64 0.18
N ALA A 75 -10.65 3.52 0.64
CA ALA A 75 -11.97 3.65 0.02
C ALA A 75 -11.83 4.25 -1.38
N LYS A 76 -10.77 5.01 -1.58
CA LYS A 76 -10.50 5.65 -2.86
C LYS A 76 -9.78 4.68 -3.79
N ILE A 77 -8.75 4.01 -3.27
CA ILE A 77 -8.02 3.01 -4.06
C ILE A 77 -8.99 1.93 -4.53
N LYS A 78 -9.97 1.63 -3.68
CA LYS A 78 -11.03 0.69 -3.98
C LYS A 78 -11.72 1.05 -5.30
N GLU A 79 -12.29 2.24 -5.33
CA GLU A 79 -13.02 2.73 -6.50
C GLU A 79 -12.10 2.77 -7.72
N ASN A 80 -10.89 3.31 -7.53
CA ASN A 80 -9.92 3.42 -8.61
C ASN A 80 -9.61 2.06 -9.20
N LYS A 81 -9.33 1.09 -8.32
CA LYS A 81 -9.10 -0.29 -8.72
C LYS A 81 -10.27 -0.80 -9.54
N ASP A 82 -11.44 -0.69 -8.95
CA ASP A 82 -12.65 -1.29 -9.52
C ASP A 82 -13.09 -0.64 -10.83
N LYS A 83 -12.60 0.55 -11.12
CA LYS A 83 -12.90 1.16 -12.41
C LYS A 83 -11.71 1.10 -13.36
N LYS A 84 -10.65 0.41 -12.94
CA LYS A 84 -9.51 0.18 -13.81
C LYS A 84 -9.33 -1.30 -14.13
N GLU A 85 -9.79 -2.17 -13.22
CA GLU A 85 -9.63 -3.61 -13.37
C GLU A 85 -10.33 -4.13 -14.62
N LYS A 86 -11.28 -3.34 -15.12
CA LYS A 86 -11.93 -3.61 -16.40
C LYS A 86 -10.89 -3.81 -17.51
N ASP A 87 -9.92 -2.92 -17.54
CA ASP A 87 -8.84 -2.98 -18.51
C ASP A 87 -7.55 -3.36 -17.81
N PRO A 88 -7.04 -4.58 -18.08
CA PRO A 88 -5.90 -5.17 -17.38
C PRO A 88 -4.70 -4.22 -17.27
N GLU A 89 -4.33 -3.59 -18.38
CA GLU A 89 -3.16 -2.73 -18.40
C GLU A 89 -3.43 -1.39 -17.68
N GLU A 90 -4.69 -1.01 -17.60
CA GLU A 90 -5.07 0.20 -16.87
C GLU A 90 -4.90 -0.05 -15.38
N LEU A 91 -5.30 -1.25 -14.97
CA LEU A 91 -5.21 -1.67 -13.58
C LEU A 91 -3.76 -1.99 -13.21
N ASN A 92 -3.10 -2.76 -14.07
CA ASN A 92 -1.71 -3.16 -13.84
C ASN A 92 -0.80 -1.94 -13.65
N THR A 93 -1.03 -0.90 -14.44
CA THR A 93 -0.23 0.32 -14.34
C THR A 93 -0.56 1.05 -13.03
N TYR A 94 -1.84 1.01 -12.64
CA TYR A 94 -2.28 1.60 -11.38
C TYR A 94 -1.51 1.00 -10.20
N LYS A 95 -1.43 -0.34 -10.18
CA LYS A 95 -0.59 -1.05 -9.22
C LYS A 95 0.82 -0.46 -9.20
N SER A 96 1.36 -0.25 -10.38
CA SER A 96 2.75 0.16 -10.54
C SER A 96 2.97 1.57 -9.98
N ILE A 97 2.03 2.46 -10.26
CA ILE A 97 2.11 3.83 -9.77
C ILE A 97 1.97 3.84 -8.24
N LEU A 98 1.03 3.05 -7.73
CA LEU A 98 0.85 2.87 -6.30
C LEU A 98 2.16 2.43 -5.63
N ALA A 99 2.74 1.37 -6.18
CA ALA A 99 3.97 0.83 -5.63
C ALA A 99 5.11 1.83 -5.72
N SER A 100 5.19 2.54 -6.84
CA SER A 100 6.22 3.57 -7.02
C SER A 100 6.02 4.70 -6.01
N GLY A 101 4.80 4.82 -5.50
CA GLY A 101 4.53 5.79 -4.47
C GLY A 101 4.90 5.25 -3.11
N PHE A 102 4.45 4.03 -2.82
CA PHE A 102 4.64 3.43 -1.51
C PHE A 102 6.12 3.13 -1.22
N ASP A 103 6.85 2.74 -2.26
CA ASP A 103 8.29 2.39 -2.14
C ASP A 103 9.08 3.43 -1.36
N GLY A 104 8.63 4.68 -1.38
CA GLY A 104 9.30 5.74 -0.65
C GLY A 104 9.38 5.47 0.84
N ILE A 105 8.38 4.75 1.38
CA ILE A 105 8.31 4.47 2.81
C ILE A 105 9.54 3.70 3.31
N PHE A 106 10.21 3.01 2.40
CA PHE A 106 11.39 2.22 2.75
C PHE A 106 12.61 3.11 2.88
N ASN A 107 12.50 4.34 2.39
CA ASN A 107 13.59 5.29 2.46
C ASN A 107 13.33 6.29 3.58
N GLN A 108 12.91 5.76 4.74
CA GLN A 108 12.55 6.56 5.92
C GLN A 108 11.73 7.80 5.56
N ALA A 109 10.79 7.61 4.64
CA ALA A 109 9.93 8.71 4.21
C ALA A 109 8.76 8.86 5.16
N ASP A 110 8.12 10.03 5.10
CA ASP A 110 6.96 10.31 5.92
C ASP A 110 5.70 9.73 5.29
N SER A 111 4.78 9.32 6.13
CA SER A 111 3.60 8.61 5.69
C SER A 111 2.57 9.56 5.09
N LYS A 112 2.55 10.80 5.58
CA LYS A 112 1.63 11.81 5.04
C LYS A 112 2.08 12.18 3.64
N THR A 113 3.38 12.32 3.47
CA THR A 113 4.01 12.59 2.19
C THR A 113 3.68 11.49 1.19
N THR A 114 3.93 10.24 1.58
CA THR A 114 3.70 9.10 0.70
C THR A 114 2.19 8.91 0.45
N LEU A 115 1.38 9.27 1.43
CA LEU A 115 -0.08 9.20 1.31
C LEU A 115 -0.54 9.99 0.08
N ASN A 116 0.04 11.18 -0.08
CA ASN A 116 -0.34 12.06 -1.18
C ASN A 116 -0.06 11.42 -2.54
N LYS A 117 1.04 10.68 -2.64
CA LYS A 117 1.35 9.96 -3.86
C LYS A 117 0.29 8.90 -4.14
N LEU A 118 -0.15 8.23 -3.07
CA LEU A 118 -1.12 7.15 -3.18
C LEU A 118 -2.51 7.70 -3.46
N LYS A 119 -2.80 8.90 -2.96
CA LYS A 119 -4.11 9.50 -3.17
C LYS A 119 -4.18 10.14 -4.55
N ASP A 120 -3.02 10.55 -5.06
CA ASP A 120 -2.94 11.21 -6.35
C ASP A 120 -2.50 10.23 -7.44
N THR A 121 -2.54 8.94 -7.13
CA THR A 121 -2.12 7.92 -8.09
C THR A 121 -3.01 7.94 -9.33
N ILE A 122 -4.32 7.72 -9.10
CA ILE A 122 -5.35 7.66 -10.14
C ILE A 122 -4.81 7.38 -11.56
N GLY A 1 5.24 -12.90 3.60
CA GLY A 1 4.63 -14.26 3.68
C GLY A 1 4.94 -14.92 5.01
N ALA A 2 6.20 -15.31 5.21
CA ALA A 2 6.64 -15.86 6.47
C ALA A 2 6.90 -14.72 7.45
N MET A 3 5.84 -14.25 8.06
CA MET A 3 5.88 -13.06 8.89
C MET A 3 4.63 -12.99 9.76
N GLY A 4 4.81 -12.68 11.03
CA GLY A 4 3.69 -12.48 11.92
C GLY A 4 3.02 -11.14 11.65
N THR A 5 2.09 -11.14 10.69
CA THR A 5 1.43 -9.93 10.20
C THR A 5 1.01 -9.00 11.33
N PRO A 6 1.78 -7.93 11.55
CA PRO A 6 1.55 -7.00 12.64
C PRO A 6 0.52 -5.92 12.31
N LEU A 7 0.31 -5.69 11.02
CA LEU A 7 -0.64 -4.69 10.58
C LEU A 7 -2.05 -5.08 10.97
N GLU A 8 -2.37 -6.37 10.80
CA GLU A 8 -3.71 -6.88 11.06
C GLU A 8 -4.09 -6.80 12.52
N LYS A 9 -3.14 -6.43 13.37
CA LYS A 9 -3.39 -6.31 14.79
C LYS A 9 -3.93 -4.93 15.12
N LEU A 10 -3.43 -3.92 14.41
CA LEU A 10 -3.83 -2.55 14.68
C LEU A 10 -4.86 -2.05 13.69
N VAL A 11 -4.87 -2.67 12.51
CA VAL A 11 -5.88 -2.37 11.48
C VAL A 11 -7.29 -2.37 12.07
N SER A 12 -7.48 -3.20 13.10
CA SER A 12 -8.77 -3.32 13.77
C SER A 12 -9.22 -1.98 14.39
N ARG A 13 -8.25 -1.16 14.79
CA ARG A 13 -8.57 0.09 15.48
C ARG A 13 -8.98 1.18 14.49
N LEU A 14 -8.70 0.95 13.22
CA LEU A 14 -8.98 1.95 12.19
C LEU A 14 -10.41 1.80 11.68
N ASN A 15 -11.07 0.74 12.14
CA ASN A 15 -12.48 0.49 11.84
C ASN A 15 -12.71 0.42 10.34
N LEU A 16 -11.99 -0.48 9.70
CA LEU A 16 -12.10 -0.66 8.27
C LEU A 16 -13.12 -1.73 7.96
N ASN A 17 -13.82 -1.58 6.85
CA ASN A 17 -14.88 -2.53 6.50
C ASN A 17 -14.46 -3.35 5.29
N ASN A 18 -15.39 -4.15 4.76
CA ASN A 18 -15.12 -5.01 3.62
C ASN A 18 -14.54 -4.22 2.45
N THR A 19 -14.89 -2.96 2.39
CA THR A 19 -14.42 -2.07 1.34
C THR A 19 -12.93 -1.74 1.50
N GLU A 20 -12.55 -1.33 2.70
CA GLU A 20 -11.17 -0.90 2.95
C GLU A 20 -10.21 -2.07 2.96
N LYS A 21 -10.59 -3.15 3.63
CA LYS A 21 -9.70 -4.29 3.77
C LYS A 21 -9.48 -5.00 2.43
N GLU A 22 -10.46 -4.90 1.55
CA GLU A 22 -10.32 -5.35 0.18
C GLU A 22 -9.16 -4.62 -0.48
N THR A 23 -9.20 -3.30 -0.36
CA THR A 23 -8.17 -2.42 -0.91
C THR A 23 -6.82 -2.65 -0.23
N LEU A 24 -6.85 -2.85 1.08
CA LEU A 24 -5.63 -3.11 1.84
C LEU A 24 -4.97 -4.41 1.38
N THR A 25 -5.80 -5.41 1.12
CA THR A 25 -5.31 -6.68 0.59
C THR A 25 -4.73 -6.46 -0.80
N PHE A 26 -5.46 -5.71 -1.62
CA PHE A 26 -5.03 -5.37 -2.98
C PHE A 26 -3.67 -4.71 -2.97
N LEU A 27 -3.53 -3.67 -2.15
CA LEU A 27 -2.29 -2.90 -2.08
C LEU A 27 -1.12 -3.79 -1.65
N THR A 28 -1.27 -4.46 -0.53
CA THR A 28 -0.23 -5.33 0.01
C THR A 28 0.14 -6.43 -0.99
N ASN A 29 -0.85 -6.90 -1.74
CA ASN A 29 -0.63 -7.93 -2.75
C ASN A 29 0.16 -7.39 -3.94
N LEU A 30 -0.25 -6.24 -4.46
CA LEU A 30 0.39 -5.66 -5.64
C LEU A 30 1.82 -5.24 -5.33
N LEU A 31 2.07 -4.87 -4.07
CA LEU A 31 3.41 -4.48 -3.65
C LEU A 31 4.38 -5.64 -3.80
N LYS A 32 3.91 -6.85 -3.51
CA LYS A 32 4.75 -8.04 -3.62
C LYS A 32 4.96 -8.42 -5.08
N GLU A 33 4.15 -7.83 -5.96
CA GLU A 33 4.24 -8.11 -7.38
C GLU A 33 5.12 -7.08 -8.08
N LYS A 34 5.07 -5.85 -7.58
CA LYS A 34 5.75 -4.75 -8.24
C LYS A 34 7.06 -4.35 -7.57
N LEU A 35 7.08 -4.29 -6.24
CA LEU A 35 8.25 -3.79 -5.52
C LEU A 35 9.45 -4.73 -5.66
N VAL A 36 9.19 -5.96 -6.06
CA VAL A 36 10.25 -6.93 -6.28
C VAL A 36 11.08 -6.56 -7.52
N ASP A 37 10.59 -5.59 -8.27
CA ASP A 37 11.31 -5.09 -9.43
C ASP A 37 12.17 -3.91 -9.01
N PRO A 38 13.46 -3.93 -9.37
CA PRO A 38 14.41 -2.87 -8.99
C PRO A 38 14.06 -1.50 -9.57
N ASN A 39 13.13 -1.48 -10.52
CA ASN A 39 12.74 -0.23 -11.15
C ASN A 39 11.51 0.33 -10.47
N ILE A 40 10.86 -0.49 -9.65
CA ILE A 40 9.65 -0.08 -8.95
C ILE A 40 9.91 0.03 -7.47
N GLY A 41 10.59 -0.97 -6.92
CA GLY A 41 10.94 -0.96 -5.52
C GLY A 41 12.38 -0.57 -5.33
N LEU A 42 12.70 0.65 -5.72
CA LEU A 42 14.05 1.16 -5.65
C LEU A 42 14.48 1.25 -4.20
N HIS A 43 13.58 1.71 -3.36
CA HIS A 43 13.88 1.84 -1.94
C HIS A 43 13.71 0.51 -1.25
N PHE A 44 12.71 -0.26 -1.69
CA PHE A 44 12.45 -1.59 -1.17
C PHE A 44 13.67 -2.49 -1.30
N LYS A 45 14.20 -2.58 -2.52
CA LYS A 45 15.35 -3.42 -2.79
C LYS A 45 16.59 -2.94 -2.06
N ASN A 46 16.67 -1.64 -1.84
CA ASN A 46 17.85 -1.07 -1.19
C ASN A 46 17.64 -0.94 0.33
N SER A 47 16.47 -1.38 0.80
CA SER A 47 16.20 -1.40 2.23
C SER A 47 16.40 -2.82 2.77
N GLY A 48 16.13 -3.80 1.92
CA GLY A 48 16.29 -5.19 2.32
C GLY A 48 15.81 -6.13 1.25
N GLY A 49 14.65 -5.82 0.67
CA GLY A 49 14.11 -6.63 -0.39
C GLY A 49 13.48 -7.92 0.09
N ASP A 50 12.59 -7.82 1.07
CA ASP A 50 11.88 -8.99 1.57
C ASP A 50 10.42 -8.67 1.83
N GLU A 51 9.57 -9.67 1.71
CA GLU A 51 8.13 -9.49 1.89
C GLU A 51 7.82 -8.91 3.26
N SER A 52 8.56 -9.37 4.26
CA SER A 52 8.34 -8.94 5.64
C SER A 52 8.46 -7.42 5.74
N LYS A 53 9.33 -6.85 4.91
CA LYS A 53 9.57 -5.43 4.91
C LYS A 53 8.38 -4.67 4.33
N ILE A 54 7.66 -5.31 3.42
CA ILE A 54 6.43 -4.74 2.90
C ILE A 54 5.36 -4.80 3.96
N GLU A 55 5.26 -5.95 4.60
CA GLU A 55 4.23 -6.24 5.58
C GLU A 55 4.47 -5.45 6.87
N GLU A 56 5.69 -5.00 7.08
CA GLU A 56 6.01 -4.08 8.17
C GLU A 56 5.69 -2.63 7.77
N SER A 57 6.08 -2.25 6.56
CA SER A 57 5.92 -0.88 6.10
C SER A 57 4.46 -0.46 6.05
N VAL A 58 3.59 -1.36 5.60
CA VAL A 58 2.15 -1.09 5.59
C VAL A 58 1.67 -0.75 7.00
N GLN A 59 2.20 -1.48 7.98
CA GLN A 59 1.87 -1.24 9.38
C GLN A 59 2.37 0.13 9.82
N LYS A 60 3.66 0.40 9.58
CA LYS A 60 4.29 1.65 9.99
C LYS A 60 3.59 2.84 9.35
N PHE A 61 3.23 2.68 8.09
CA PHE A 61 2.53 3.71 7.32
C PHE A 61 1.22 4.09 7.99
N LEU A 62 0.40 3.08 8.27
CA LEU A 62 -0.94 3.29 8.80
C LEU A 62 -0.91 3.56 10.30
N SER A 63 0.22 3.27 10.93
CA SER A 63 0.36 3.40 12.38
C SER A 63 0.23 4.85 12.84
N GLU A 64 0.75 5.78 12.05
CA GLU A 64 0.71 7.18 12.40
C GLU A 64 -0.52 7.88 11.83
N LEU A 65 -1.25 7.15 11.00
CA LEU A 65 -2.44 7.70 10.38
C LEU A 65 -3.64 7.47 11.28
N LYS A 66 -4.63 8.34 11.16
CA LYS A 66 -5.88 8.20 11.88
C LYS A 66 -6.87 7.44 11.03
N GLU A 67 -7.88 6.88 11.68
CA GLU A 67 -8.89 6.09 10.99
C GLU A 67 -9.47 6.88 9.83
N ASP A 68 -9.76 8.14 10.09
CA ASP A 68 -10.41 9.00 9.11
C ASP A 68 -9.52 9.20 7.89
N GLU A 69 -8.21 9.16 8.10
CA GLU A 69 -7.25 9.33 7.03
C GLU A 69 -7.19 8.08 6.17
N ILE A 70 -7.11 6.92 6.82
CA ILE A 70 -6.99 5.66 6.12
C ILE A 70 -8.25 5.33 5.32
N LYS A 71 -9.41 5.57 5.94
CA LYS A 71 -10.69 5.45 5.24
C LYS A 71 -10.66 6.23 3.93
N ASP A 72 -10.23 7.49 4.04
CA ASP A 72 -10.23 8.41 2.91
C ASP A 72 -9.17 8.03 1.87
N LEU A 73 -8.11 7.40 2.34
CA LEU A 73 -7.04 6.95 1.46
C LEU A 73 -7.49 5.72 0.66
N LEU A 74 -7.91 4.68 1.37
CA LEU A 74 -8.29 3.43 0.74
C LEU A 74 -9.53 3.59 -0.13
N ALA A 75 -10.37 4.57 0.19
CA ALA A 75 -11.56 4.87 -0.61
C ALA A 75 -11.16 5.19 -2.05
N LYS A 76 -10.18 6.09 -2.20
CA LYS A 76 -9.64 6.44 -3.50
C LYS A 76 -9.15 5.21 -4.24
N ILE A 77 -8.27 4.46 -3.59
CA ILE A 77 -7.63 3.31 -4.19
C ILE A 77 -8.66 2.24 -4.56
N LYS A 78 -9.66 2.08 -3.71
CA LYS A 78 -10.73 1.10 -3.93
C LYS A 78 -11.44 1.37 -5.24
N GLU A 79 -11.98 2.57 -5.37
CA GLU A 79 -12.76 2.92 -6.54
C GLU A 79 -11.89 2.89 -7.78
N ASN A 80 -10.70 3.47 -7.67
CA ASN A 80 -9.75 3.52 -8.78
C ASN A 80 -9.43 2.11 -9.27
N LYS A 81 -9.22 1.20 -8.33
CA LYS A 81 -8.98 -0.20 -8.65
C LYS A 81 -10.16 -0.78 -9.41
N ASP A 82 -11.31 -0.69 -8.79
CA ASP A 82 -12.52 -1.34 -9.29
C ASP A 82 -13.09 -0.68 -10.55
N LYS A 83 -12.58 0.49 -10.90
CA LYS A 83 -13.01 1.15 -12.13
C LYS A 83 -12.00 0.93 -13.26
N LYS A 84 -10.79 0.51 -12.91
CA LYS A 84 -9.74 0.27 -13.90
C LYS A 84 -9.57 -1.22 -14.19
N GLU A 85 -10.03 -2.06 -13.27
CA GLU A 85 -9.87 -3.52 -13.38
C GLU A 85 -10.44 -4.08 -14.68
N LYS A 86 -11.30 -3.31 -15.33
CA LYS A 86 -11.87 -3.70 -16.61
C LYS A 86 -10.77 -4.00 -17.62
N ASP A 87 -9.71 -3.19 -17.59
CA ASP A 87 -8.55 -3.42 -18.46
C ASP A 87 -7.40 -3.98 -17.64
N PRO A 88 -6.93 -5.17 -18.03
CA PRO A 88 -5.85 -5.87 -17.31
C PRO A 88 -4.62 -5.00 -17.07
N GLU A 89 -4.12 -4.38 -18.12
CA GLU A 89 -2.90 -3.60 -18.02
C GLU A 89 -3.15 -2.22 -17.40
N GLU A 90 -4.31 -1.64 -17.65
CA GLU A 90 -4.66 -0.35 -17.05
C GLU A 90 -4.71 -0.50 -15.54
N LEU A 91 -5.35 -1.56 -15.09
CA LEU A 91 -5.40 -1.91 -13.68
C LEU A 91 -4.00 -2.25 -13.15
N ASN A 92 -3.29 -3.10 -13.88
CA ASN A 92 -1.94 -3.52 -13.51
C ASN A 92 -0.99 -2.32 -13.41
N THR A 93 -1.16 -1.33 -14.28
CA THR A 93 -0.34 -0.14 -14.24
C THR A 93 -0.63 0.67 -12.99
N TYR A 94 -1.90 0.70 -12.59
CA TYR A 94 -2.30 1.37 -11.37
C TYR A 94 -1.55 0.79 -10.18
N LYS A 95 -1.54 -0.54 -10.09
CA LYS A 95 -0.71 -1.26 -9.10
C LYS A 95 0.72 -0.75 -9.12
N SER A 96 1.26 -0.60 -10.33
CA SER A 96 2.65 -0.24 -10.50
C SER A 96 2.93 1.16 -9.97
N ILE A 97 2.03 2.09 -10.28
CA ILE A 97 2.16 3.47 -9.83
C ILE A 97 2.04 3.55 -8.32
N LEU A 98 1.04 2.83 -7.78
CA LEU A 98 0.83 2.75 -6.34
C LEU A 98 2.09 2.26 -5.64
N ALA A 99 2.64 1.16 -6.13
CA ALA A 99 3.82 0.56 -5.53
C ALA A 99 5.01 1.49 -5.61
N SER A 100 5.19 2.13 -6.75
CA SER A 100 6.31 3.05 -6.94
C SER A 100 6.17 4.26 -6.03
N GLY A 101 4.93 4.56 -5.62
CA GLY A 101 4.70 5.63 -4.68
C GLY A 101 4.88 5.17 -3.25
N PHE A 102 4.44 3.96 -2.95
CA PHE A 102 4.55 3.42 -1.61
C PHE A 102 6.00 3.11 -1.26
N ASP A 103 6.75 2.69 -2.28
CA ASP A 103 8.18 2.35 -2.14
C ASP A 103 8.95 3.42 -1.35
N GLY A 104 8.50 4.67 -1.43
CA GLY A 104 9.14 5.75 -0.72
C GLY A 104 9.23 5.50 0.79
N ILE A 105 8.28 4.76 1.33
CA ILE A 105 8.21 4.50 2.77
C ILE A 105 9.47 3.79 3.26
N PHE A 106 10.07 2.97 2.40
CA PHE A 106 11.26 2.21 2.76
C PHE A 106 12.47 3.13 2.90
N ASN A 107 12.34 4.33 2.37
CA ASN A 107 13.42 5.31 2.42
C ASN A 107 13.18 6.27 3.58
N GLN A 108 12.42 5.79 4.58
CA GLN A 108 12.15 6.54 5.79
C GLN A 108 11.27 7.75 5.51
N ALA A 109 10.48 7.66 4.45
CA ALA A 109 9.59 8.74 4.05
C ALA A 109 8.41 8.85 5.00
N ASP A 110 7.81 10.03 5.04
CA ASP A 110 6.66 10.28 5.89
C ASP A 110 5.42 9.62 5.31
N SER A 111 4.52 9.22 6.19
CA SER A 111 3.36 8.44 5.79
C SER A 111 2.24 9.36 5.29
N LYS A 112 2.19 10.58 5.79
CA LYS A 112 1.22 11.55 5.32
C LYS A 112 1.64 12.05 3.94
N THR A 113 2.95 12.18 3.76
CA THR A 113 3.52 12.56 2.48
C THR A 113 3.24 11.48 1.43
N THR A 114 3.46 10.22 1.81
CA THR A 114 3.21 9.10 0.92
C THR A 114 1.70 8.85 0.77
N LEU A 115 0.94 9.25 1.79
CA LEU A 115 -0.52 9.21 1.73
C LEU A 115 -1.00 10.01 0.52
N ASN A 116 -0.43 11.20 0.36
CA ASN A 116 -0.78 12.07 -0.76
C ASN A 116 -0.38 11.46 -2.09
N LYS A 117 0.71 10.69 -2.08
CA LYS A 117 1.18 10.02 -3.28
C LYS A 117 0.16 8.99 -3.77
N LEU A 118 -0.32 8.15 -2.86
CA LEU A 118 -1.29 7.13 -3.20
C LEU A 118 -2.61 7.74 -3.64
N LYS A 119 -2.93 8.89 -3.04
CA LYS A 119 -4.11 9.64 -3.44
C LYS A 119 -3.94 10.23 -4.83
N ASP A 120 -2.79 10.84 -5.05
CA ASP A 120 -2.54 11.59 -6.27
C ASP A 120 -2.10 10.67 -7.41
N THR A 121 -2.36 9.38 -7.26
CA THR A 121 -2.10 8.44 -8.33
C THR A 121 -3.13 8.67 -9.44
N ILE A 122 -4.38 8.32 -9.16
CA ILE A 122 -5.49 8.65 -10.02
C ILE A 122 -6.50 9.51 -9.28
N GLY A 1 -1.15 -18.75 6.14
CA GLY A 1 -0.57 -18.03 7.30
C GLY A 1 0.94 -18.17 7.37
N ALA A 2 1.64 -17.66 6.37
CA ALA A 2 3.10 -17.70 6.37
C ALA A 2 3.65 -16.69 7.37
N MET A 3 3.02 -15.54 7.42
CA MET A 3 3.40 -14.48 8.35
C MET A 3 2.17 -13.92 9.03
N GLY A 4 2.19 -13.89 10.35
CA GLY A 4 1.11 -13.26 11.09
C GLY A 4 1.10 -11.77 10.86
N THR A 5 0.18 -11.32 10.03
CA THR A 5 0.10 -9.93 9.61
C THR A 5 0.07 -8.97 10.81
N PRO A 6 1.17 -8.24 11.03
CA PRO A 6 1.31 -7.34 12.17
C PRO A 6 0.36 -6.13 12.06
N LEU A 7 0.04 -5.77 10.82
CA LEU A 7 -0.84 -4.65 10.57
C LEU A 7 -2.26 -4.98 10.99
N GLU A 8 -2.71 -6.19 10.66
CA GLU A 8 -4.10 -6.61 10.91
C GLU A 8 -4.44 -6.62 12.40
N LYS A 9 -3.41 -6.57 13.23
CA LYS A 9 -3.60 -6.64 14.67
C LYS A 9 -3.96 -5.25 15.22
N LEU A 10 -3.72 -4.22 14.42
CA LEU A 10 -4.08 -2.87 14.77
C LEU A 10 -5.05 -2.28 13.76
N VAL A 11 -4.98 -2.75 12.53
CA VAL A 11 -5.90 -2.32 11.46
C VAL A 11 -7.35 -2.45 11.92
N SER A 12 -7.61 -3.40 12.79
CA SER A 12 -8.94 -3.63 13.33
C SER A 12 -9.45 -2.39 14.08
N ARG A 13 -8.54 -1.63 14.68
CA ARG A 13 -8.93 -0.47 15.47
C ARG A 13 -9.23 0.74 14.58
N LEU A 14 -8.89 0.64 13.30
CA LEU A 14 -9.20 1.69 12.34
C LEU A 14 -10.60 1.45 11.77
N ASN A 15 -11.11 0.25 12.03
CA ASN A 15 -12.48 -0.14 11.68
C ASN A 15 -12.71 -0.05 10.18
N LEU A 16 -12.18 -1.02 9.45
CA LEU A 16 -12.37 -1.08 8.01
C LEU A 16 -13.36 -2.18 7.64
N ASN A 17 -14.04 -2.00 6.51
CA ASN A 17 -14.99 -3.00 6.04
C ASN A 17 -14.30 -3.94 5.03
N ASN A 18 -15.01 -4.98 4.63
CA ASN A 18 -14.46 -5.98 3.70
C ASN A 18 -14.03 -5.32 2.40
N THR A 19 -14.75 -4.29 2.00
CA THR A 19 -14.49 -3.61 0.73
C THR A 19 -13.17 -2.83 0.80
N GLU A 20 -12.91 -2.25 1.95
CA GLU A 20 -11.67 -1.51 2.19
C GLU A 20 -10.52 -2.47 2.38
N LYS A 21 -10.76 -3.57 3.07
CA LYS A 21 -9.75 -4.59 3.27
C LYS A 21 -9.43 -5.32 1.98
N GLU A 22 -10.41 -5.42 1.08
CA GLU A 22 -10.16 -5.89 -0.27
C GLU A 22 -9.06 -5.04 -0.91
N THR A 23 -9.22 -3.74 -0.77
CA THR A 23 -8.26 -2.78 -1.26
C THR A 23 -6.92 -2.88 -0.52
N LEU A 24 -7.00 -3.08 0.79
CA LEU A 24 -5.81 -3.23 1.61
C LEU A 24 -5.03 -4.47 1.15
N THR A 25 -5.74 -5.57 0.95
CA THR A 25 -5.15 -6.79 0.45
C THR A 25 -4.58 -6.56 -0.94
N PHE A 26 -5.35 -5.87 -1.78
CA PHE A 26 -4.93 -5.49 -3.12
C PHE A 26 -3.62 -4.73 -3.08
N LEU A 27 -3.55 -3.70 -2.24
CA LEU A 27 -2.37 -2.86 -2.12
C LEU A 27 -1.16 -3.70 -1.69
N THR A 28 -1.31 -4.41 -0.58
CA THR A 28 -0.23 -5.23 -0.05
C THR A 28 0.22 -6.28 -1.05
N ASN A 29 -0.71 -6.79 -1.86
CA ASN A 29 -0.39 -7.78 -2.87
C ASN A 29 0.39 -7.17 -4.03
N LEU A 30 -0.04 -5.99 -4.48
CA LEU A 30 0.60 -5.33 -5.61
C LEU A 30 1.99 -4.82 -5.21
N LEU A 31 2.17 -4.57 -3.93
CA LEU A 31 3.48 -4.16 -3.42
C LEU A 31 4.44 -5.35 -3.48
N LYS A 32 3.93 -6.53 -3.13
CA LYS A 32 4.73 -7.76 -3.22
C LYS A 32 4.83 -8.21 -4.68
N GLU A 33 4.18 -7.47 -5.55
CA GLU A 33 4.12 -7.79 -6.96
C GLU A 33 5.07 -6.90 -7.75
N LYS A 34 4.97 -5.60 -7.52
CA LYS A 34 5.74 -4.62 -8.27
C LYS A 34 7.06 -4.26 -7.59
N LEU A 35 7.06 -4.15 -6.26
CA LEU A 35 8.24 -3.67 -5.53
C LEU A 35 9.41 -4.65 -5.61
N VAL A 36 9.13 -5.90 -5.99
CA VAL A 36 10.18 -6.91 -6.11
C VAL A 36 11.04 -6.65 -7.35
N ASP A 37 10.65 -5.63 -8.12
CA ASP A 37 11.42 -5.21 -9.28
C ASP A 37 12.34 -4.05 -8.89
N PRO A 38 13.62 -4.12 -9.25
CA PRO A 38 14.60 -3.09 -8.88
C PRO A 38 14.32 -1.73 -9.51
N ASN A 39 13.39 -1.68 -10.46
CA ASN A 39 13.03 -0.42 -11.11
C ASN A 39 11.83 0.22 -10.42
N ILE A 40 11.14 -0.58 -9.62
CA ILE A 40 9.94 -0.12 -8.94
C ILE A 40 10.18 -0.01 -7.45
N GLY A 41 10.82 -1.03 -6.88
CA GLY A 41 11.13 -1.01 -5.47
C GLY A 41 12.58 -0.65 -5.25
N LEU A 42 12.93 0.56 -5.66
CA LEU A 42 14.30 1.04 -5.57
C LEU A 42 14.75 1.02 -4.12
N HIS A 43 13.88 1.49 -3.24
CA HIS A 43 14.20 1.55 -1.83
C HIS A 43 13.90 0.22 -1.18
N PHE A 44 12.81 -0.41 -1.61
CA PHE A 44 12.41 -1.72 -1.10
C PHE A 44 13.54 -2.73 -1.25
N LYS A 45 14.07 -2.83 -2.46
CA LYS A 45 15.16 -3.74 -2.75
C LYS A 45 16.38 -3.41 -1.91
N ASN A 46 16.66 -2.13 -1.81
CA ASN A 46 17.88 -1.69 -1.17
C ASN A 46 17.81 -1.78 0.35
N SER A 47 16.61 -1.77 0.89
CA SER A 47 16.43 -1.86 2.33
C SER A 47 16.43 -3.32 2.79
N GLY A 48 15.88 -4.20 1.97
CA GLY A 48 15.84 -5.60 2.32
C GLY A 48 15.30 -6.46 1.19
N GLY A 49 14.26 -5.98 0.52
CA GLY A 49 13.66 -6.75 -0.54
C GLY A 49 12.97 -8.00 -0.01
N ASP A 50 12.17 -7.82 1.03
CA ASP A 50 11.47 -8.95 1.64
C ASP A 50 10.01 -8.61 1.86
N GLU A 51 9.16 -9.63 1.81
CA GLU A 51 7.72 -9.44 1.95
C GLU A 51 7.36 -8.77 3.27
N SER A 52 8.06 -9.15 4.33
CA SER A 52 7.76 -8.63 5.66
C SER A 52 8.06 -7.13 5.73
N LYS A 53 9.01 -6.69 4.92
CA LYS A 53 9.41 -5.29 4.89
C LYS A 53 8.25 -4.41 4.46
N ILE A 54 7.42 -4.97 3.58
CA ILE A 54 6.25 -4.27 3.09
C ILE A 54 5.22 -4.17 4.20
N GLU A 55 4.90 -5.30 4.80
CA GLU A 55 3.91 -5.39 5.85
C GLU A 55 4.31 -4.53 7.05
N GLU A 56 5.61 -4.48 7.33
CA GLU A 56 6.12 -3.64 8.41
C GLU A 56 5.95 -2.17 8.06
N SER A 57 6.23 -1.81 6.82
CA SER A 57 6.11 -0.43 6.38
C SER A 57 4.65 0.00 6.34
N VAL A 58 3.77 -0.87 5.83
CA VAL A 58 2.33 -0.60 5.81
C VAL A 58 1.82 -0.38 7.23
N GLN A 59 2.32 -1.19 8.16
CA GLN A 59 1.94 -1.08 9.56
C GLN A 59 2.29 0.31 10.10
N LYS A 60 3.55 0.72 9.90
CA LYS A 60 4.02 1.99 10.42
C LYS A 60 3.32 3.14 9.70
N PHE A 61 3.17 2.98 8.40
CA PHE A 61 2.54 3.97 7.53
C PHE A 61 1.19 4.40 8.10
N LEU A 62 0.33 3.42 8.32
CA LEU A 62 -1.03 3.67 8.76
C LEU A 62 -1.06 4.12 10.21
N SER A 63 -0.07 3.70 10.99
CA SER A 63 -0.02 4.04 12.41
C SER A 63 0.35 5.51 12.60
N GLU A 64 0.94 6.11 11.58
CA GLU A 64 1.33 7.51 11.63
C GLU A 64 0.24 8.40 11.04
N LEU A 65 -0.87 7.79 10.65
CA LEU A 65 -1.94 8.54 10.01
C LEU A 65 -3.12 8.74 10.95
N LYS A 66 -4.13 9.46 10.48
CA LYS A 66 -5.36 9.59 11.21
C LYS A 66 -6.30 8.45 10.83
N GLU A 67 -7.13 8.02 11.77
CA GLU A 67 -8.09 6.95 11.52
C GLU A 67 -9.00 7.33 10.35
N ASP A 68 -9.30 8.61 10.27
CA ASP A 68 -10.14 9.15 9.20
C ASP A 68 -9.44 9.08 7.85
N GLU A 69 -8.12 9.28 7.85
CA GLU A 69 -7.34 9.33 6.63
C GLU A 69 -7.11 7.94 6.07
N ILE A 70 -6.98 6.95 6.94
CA ILE A 70 -6.84 5.56 6.52
C ILE A 70 -8.10 5.12 5.76
N LYS A 71 -9.26 5.49 6.29
CA LYS A 71 -10.52 5.27 5.60
C LYS A 71 -10.49 5.95 4.23
N ASP A 72 -10.16 7.23 4.23
CA ASP A 72 -10.09 8.04 3.01
C ASP A 72 -9.18 7.40 1.96
N LEU A 73 -8.01 6.97 2.39
CA LEU A 73 -7.02 6.39 1.51
C LEU A 73 -7.58 5.17 0.79
N LEU A 74 -7.97 4.17 1.56
CA LEU A 74 -8.46 2.92 1.00
C LEU A 74 -9.76 3.11 0.23
N ALA A 75 -10.61 4.02 0.71
CA ALA A 75 -11.87 4.31 0.04
C ALA A 75 -11.61 4.88 -1.36
N LYS A 76 -10.53 5.64 -1.49
CA LYS A 76 -10.13 6.21 -2.76
C LYS A 76 -9.54 5.12 -3.66
N ILE A 77 -8.56 4.40 -3.13
CA ILE A 77 -7.90 3.33 -3.88
C ILE A 77 -8.91 2.28 -4.34
N LYS A 78 -9.87 2.01 -3.48
CA LYS A 78 -10.94 1.03 -3.76
C LYS A 78 -11.62 1.30 -5.09
N GLU A 79 -12.06 2.53 -5.28
CA GLU A 79 -12.83 2.87 -6.47
C GLU A 79 -11.93 3.15 -7.65
N ASN A 80 -10.70 3.59 -7.40
CA ASN A 80 -9.72 3.71 -8.47
C ASN A 80 -9.41 2.33 -9.01
N LYS A 81 -9.24 1.39 -8.08
CA LYS A 81 -9.07 -0.01 -8.39
C LYS A 81 -10.27 -0.51 -9.19
N ASP A 82 -11.45 -0.28 -8.63
CA ASP A 82 -12.72 -0.70 -9.24
C ASP A 82 -12.85 -0.24 -10.68
N LYS A 83 -12.54 1.02 -10.93
CA LYS A 83 -12.74 1.59 -12.26
C LYS A 83 -11.59 1.22 -13.21
N LYS A 84 -10.43 0.84 -12.67
CA LYS A 84 -9.30 0.49 -13.51
C LYS A 84 -9.19 -1.00 -13.73
N GLU A 85 -9.70 -1.80 -12.79
CA GLU A 85 -9.69 -3.25 -12.93
C GLU A 85 -10.63 -3.67 -14.07
N LYS A 86 -11.37 -2.68 -14.56
CA LYS A 86 -12.13 -2.80 -15.81
C LYS A 86 -11.20 -3.20 -16.95
N ASP A 87 -9.95 -2.74 -16.86
CA ASP A 87 -8.95 -3.01 -17.88
C ASP A 87 -7.71 -3.59 -17.24
N PRO A 88 -7.35 -4.83 -17.59
CA PRO A 88 -6.20 -5.52 -17.00
C PRO A 88 -4.93 -4.67 -16.99
N GLU A 89 -4.71 -3.89 -18.05
CA GLU A 89 -3.49 -3.12 -18.17
C GLU A 89 -3.60 -1.77 -17.47
N GLU A 90 -4.79 -1.17 -17.45
CA GLU A 90 -5.02 0.05 -16.68
C GLU A 90 -4.77 -0.25 -15.20
N LEU A 91 -5.37 -1.32 -14.74
CA LEU A 91 -5.24 -1.78 -13.37
C LEU A 91 -3.79 -2.14 -13.05
N ASN A 92 -3.18 -2.91 -13.95
CA ASN A 92 -1.79 -3.35 -13.79
C ASN A 92 -0.84 -2.16 -13.60
N THR A 93 -0.96 -1.14 -14.44
CA THR A 93 -0.11 0.03 -14.34
C THR A 93 -0.42 0.81 -13.06
N TYR A 94 -1.69 0.85 -12.68
CA TYR A 94 -2.12 1.49 -11.45
C TYR A 94 -1.37 0.91 -10.26
N LYS A 95 -1.31 -0.41 -10.21
CA LYS A 95 -0.52 -1.13 -9.21
C LYS A 95 0.92 -0.61 -9.17
N SER A 96 1.50 -0.43 -10.35
CA SER A 96 2.90 -0.05 -10.47
C SER A 96 3.12 1.35 -9.92
N ILE A 97 2.21 2.25 -10.24
CA ILE A 97 2.30 3.63 -9.76
C ILE A 97 2.13 3.67 -8.24
N LEU A 98 1.17 2.92 -7.73
CA LEU A 98 0.96 2.78 -6.29
C LEU A 98 2.25 2.34 -5.60
N ALA A 99 2.83 1.26 -6.09
CA ALA A 99 4.03 0.70 -5.49
C ALA A 99 5.20 1.67 -5.61
N SER A 100 5.35 2.30 -6.76
CA SER A 100 6.43 3.25 -6.99
C SER A 100 6.24 4.51 -6.15
N GLY A 101 5.06 4.65 -5.56
CA GLY A 101 4.81 5.73 -4.63
C GLY A 101 5.07 5.30 -3.20
N PHE A 102 4.69 4.06 -2.88
CA PHE A 102 4.84 3.54 -1.53
C PHE A 102 6.31 3.24 -1.21
N ASP A 103 7.05 2.81 -2.24
CA ASP A 103 8.47 2.44 -2.10
C ASP A 103 9.28 3.46 -1.31
N GLY A 104 8.88 4.72 -1.37
CA GLY A 104 9.57 5.77 -0.64
C GLY A 104 9.67 5.50 0.85
N ILE A 105 8.67 4.82 1.39
CA ILE A 105 8.60 4.53 2.83
C ILE A 105 9.83 3.75 3.30
N PHE A 106 10.42 2.96 2.39
CA PHE A 106 11.57 2.14 2.72
C PHE A 106 12.83 2.98 2.82
N ASN A 107 12.72 4.24 2.42
CA ASN A 107 13.80 5.20 2.56
C ASN A 107 13.41 6.24 3.60
N GLN A 108 12.55 5.81 4.51
CA GLN A 108 12.10 6.60 5.65
C GLN A 108 11.36 7.84 5.18
N ALA A 109 10.73 7.75 4.01
CA ALA A 109 9.85 8.81 3.53
C ALA A 109 8.61 8.87 4.38
N ASP A 110 8.20 10.08 4.73
CA ASP A 110 7.03 10.30 5.57
C ASP A 110 5.77 9.68 4.96
N SER A 111 4.92 9.21 5.83
CA SER A 111 3.73 8.48 5.44
C SER A 111 2.64 9.43 4.94
N LYS A 112 2.66 10.66 5.43
CA LYS A 112 1.71 11.68 4.98
C LYS A 112 1.98 12.02 3.52
N THR A 113 3.26 12.18 3.21
CA THR A 113 3.72 12.45 1.85
C THR A 113 3.30 11.32 0.91
N THR A 114 3.58 10.10 1.32
CA THR A 114 3.27 8.93 0.54
C THR A 114 1.75 8.76 0.37
N LEU A 115 1.01 9.09 1.43
CA LEU A 115 -0.45 9.04 1.41
C LEU A 115 -0.99 9.86 0.24
N ASN A 116 -0.50 11.09 0.11
CA ASN A 116 -1.00 12.02 -0.89
C ASN A 116 -0.86 11.47 -2.31
N LYS A 117 0.23 10.78 -2.58
CA LYS A 117 0.45 10.23 -3.90
C LYS A 117 -0.43 8.99 -4.13
N LEU A 118 -0.71 8.26 -3.07
CA LEU A 118 -1.58 7.09 -3.16
C LEU A 118 -3.03 7.52 -3.35
N LYS A 119 -3.40 8.58 -2.64
CA LYS A 119 -4.71 9.18 -2.78
C LYS A 119 -4.93 9.72 -4.18
N ASP A 120 -3.86 10.24 -4.76
CA ASP A 120 -3.93 10.92 -6.06
C ASP A 120 -3.17 10.15 -7.13
N THR A 121 -3.20 8.83 -7.05
CA THR A 121 -2.48 8.00 -8.02
C THR A 121 -3.13 8.06 -9.39
N ILE A 122 -4.38 7.58 -9.47
CA ILE A 122 -5.17 7.46 -10.72
C ILE A 122 -4.33 7.52 -12.00
N GLY A 1 11.01 -15.10 15.62
CA GLY A 1 10.46 -15.39 16.97
C GLY A 1 8.96 -15.57 16.95
N ALA A 2 8.29 -15.02 17.95
CA ALA A 2 6.84 -15.05 18.01
C ALA A 2 6.29 -13.64 18.08
N MET A 3 5.82 -13.14 16.95
CA MET A 3 5.38 -11.74 16.86
C MET A 3 3.87 -11.65 16.88
N GLY A 4 3.21 -12.59 16.22
CA GLY A 4 1.77 -12.61 16.17
C GLY A 4 1.21 -11.60 15.20
N THR A 5 1.96 -11.33 14.13
CA THR A 5 1.57 -10.37 13.08
C THR A 5 0.92 -9.10 13.64
N PRO A 6 1.73 -8.09 13.95
CA PRO A 6 1.27 -6.91 14.67
C PRO A 6 0.45 -5.94 13.80
N LEU A 7 0.29 -6.30 12.53
CA LEU A 7 -0.48 -5.47 11.60
C LEU A 7 -1.97 -5.56 11.95
N GLU A 8 -2.52 -6.76 11.79
CA GLU A 8 -3.96 -6.98 11.99
C GLU A 8 -4.31 -7.02 13.46
N LYS A 9 -3.35 -6.68 14.31
CA LYS A 9 -3.60 -6.49 15.73
C LYS A 9 -4.15 -5.09 15.97
N LEU A 10 -3.76 -4.16 15.11
CA LEU A 10 -4.21 -2.79 15.23
C LEU A 10 -5.23 -2.43 14.15
N VAL A 11 -5.12 -3.05 12.99
CA VAL A 11 -6.05 -2.78 11.89
C VAL A 11 -7.51 -2.95 12.33
N SER A 12 -7.75 -3.80 13.33
CA SER A 12 -9.10 -4.05 13.81
C SER A 12 -9.65 -2.86 14.62
N ARG A 13 -8.76 -2.04 15.18
CA ARG A 13 -9.19 -0.88 15.98
C ARG A 13 -9.63 0.25 15.06
N LEU A 14 -9.32 0.11 13.78
CA LEU A 14 -9.69 1.11 12.79
C LEU A 14 -11.15 0.92 12.39
N ASN A 15 -11.71 -0.23 12.75
CA ASN A 15 -13.10 -0.58 12.44
C ASN A 15 -13.30 -0.69 10.93
N LEU A 16 -13.37 -1.91 10.46
CA LEU A 16 -13.26 -2.18 9.03
C LEU A 16 -14.57 -2.59 8.40
N ASN A 17 -14.65 -2.38 7.10
CA ASN A 17 -15.75 -2.85 6.27
C ASN A 17 -15.16 -3.63 5.11
N ASN A 18 -16.00 -4.11 4.20
CA ASN A 18 -15.51 -4.94 3.09
C ASN A 18 -14.46 -4.18 2.29
N THR A 19 -14.64 -2.89 2.17
CA THR A 19 -13.80 -2.06 1.32
C THR A 19 -12.43 -1.82 1.95
N GLU A 20 -12.37 -1.94 3.27
CA GLU A 20 -11.13 -1.71 4.00
C GLU A 20 -10.11 -2.81 3.71
N LYS A 21 -10.41 -4.02 4.15
CA LYS A 21 -9.44 -5.11 4.10
C LYS A 21 -9.23 -5.62 2.68
N GLU A 22 -10.25 -5.49 1.83
CA GLU A 22 -10.10 -5.87 0.43
C GLU A 22 -9.04 -5.01 -0.23
N THR A 23 -9.16 -3.71 -0.06
CA THR A 23 -8.21 -2.76 -0.62
C THR A 23 -6.85 -2.90 0.05
N LEU A 24 -6.85 -3.08 1.36
CA LEU A 24 -5.62 -3.27 2.11
C LEU A 24 -4.87 -4.51 1.63
N THR A 25 -5.61 -5.59 1.39
CA THR A 25 -5.03 -6.81 0.86
C THR A 25 -4.52 -6.56 -0.55
N PHE A 26 -5.34 -5.91 -1.37
CA PHE A 26 -4.97 -5.59 -2.74
C PHE A 26 -3.65 -4.79 -2.78
N LEU A 27 -3.57 -3.76 -1.94
CA LEU A 27 -2.39 -2.92 -1.88
C LEU A 27 -1.17 -3.73 -1.47
N THR A 28 -1.27 -4.41 -0.33
CA THR A 28 -0.18 -5.25 0.16
C THR A 28 0.20 -6.33 -0.86
N ASN A 29 -0.79 -6.83 -1.59
CA ASN A 29 -0.55 -7.84 -2.62
C ASN A 29 0.19 -7.24 -3.81
N LEU A 30 -0.24 -6.08 -4.26
CA LEU A 30 0.40 -5.44 -5.42
C LEU A 30 1.81 -4.99 -5.06
N LEU A 31 2.04 -4.71 -3.78
CA LEU A 31 3.37 -4.35 -3.31
C LEU A 31 4.28 -5.57 -3.37
N LYS A 32 3.76 -6.73 -2.97
CA LYS A 32 4.51 -7.98 -3.07
C LYS A 32 4.47 -8.51 -4.51
N GLU A 33 3.90 -7.72 -5.41
CA GLU A 33 3.77 -8.10 -6.81
C GLU A 33 4.75 -7.28 -7.66
N LYS A 34 4.77 -5.98 -7.43
CA LYS A 34 5.56 -5.07 -8.25
C LYS A 34 6.86 -4.63 -7.60
N LEU A 35 6.92 -4.55 -6.27
CA LEU A 35 8.11 -4.03 -5.60
C LEU A 35 9.28 -5.01 -5.71
N VAL A 36 9.01 -6.22 -6.15
CA VAL A 36 10.07 -7.21 -6.34
C VAL A 36 10.81 -6.95 -7.65
N ASP A 37 10.42 -5.90 -8.35
CA ASP A 37 11.12 -5.44 -9.54
C ASP A 37 12.06 -4.30 -9.17
N PRO A 38 13.30 -4.30 -9.67
CA PRO A 38 14.31 -3.31 -9.28
C PRO A 38 14.02 -1.90 -9.82
N ASN A 39 13.05 -1.79 -10.72
CA ASN A 39 12.69 -0.50 -11.28
C ASN A 39 11.55 0.10 -10.47
N ILE A 40 10.78 -0.78 -9.85
CA ILE A 40 9.62 -0.37 -9.09
C ILE A 40 9.96 -0.26 -7.61
N GLY A 41 10.59 -1.31 -7.09
CA GLY A 41 11.00 -1.31 -5.70
C GLY A 41 12.44 -0.92 -5.55
N LEU A 42 12.77 0.26 -6.05
CA LEU A 42 14.13 0.77 -6.03
C LEU A 42 14.61 0.92 -4.60
N HIS A 43 13.74 1.45 -3.76
CA HIS A 43 14.07 1.65 -2.36
C HIS A 43 13.89 0.35 -1.61
N PHE A 44 12.86 -0.40 -1.98
CA PHE A 44 12.53 -1.67 -1.35
C PHE A 44 13.71 -2.65 -1.46
N LYS A 45 14.15 -2.89 -2.69
CA LYS A 45 15.21 -3.86 -2.94
C LYS A 45 16.50 -3.45 -2.25
N ASN A 46 16.78 -2.17 -2.22
CA ASN A 46 18.04 -1.69 -1.67
C ASN A 46 17.97 -1.55 -0.15
N SER A 47 16.77 -1.57 0.40
CA SER A 47 16.58 -1.51 1.84
C SER A 47 16.68 -2.90 2.45
N GLY A 48 16.39 -3.91 1.64
CA GLY A 48 16.43 -5.29 2.11
C GLY A 48 15.73 -6.22 1.16
N GLY A 49 14.67 -5.73 0.53
CA GLY A 49 13.94 -6.51 -0.44
C GLY A 49 13.30 -7.76 0.15
N ASP A 50 12.56 -7.60 1.24
CA ASP A 50 11.92 -8.73 1.89
C ASP A 50 10.44 -8.45 2.11
N GLU A 51 9.64 -9.50 2.02
CA GLU A 51 8.19 -9.40 2.16
C GLU A 51 7.79 -8.70 3.46
N SER A 52 8.44 -9.07 4.55
CA SER A 52 8.06 -8.58 5.86
C SER A 52 8.35 -7.10 5.98
N LYS A 53 9.30 -6.62 5.18
CA LYS A 53 9.66 -5.22 5.18
C LYS A 53 8.57 -4.38 4.54
N ILE A 54 7.75 -5.02 3.71
CA ILE A 54 6.58 -4.37 3.15
C ILE A 54 5.50 -4.26 4.21
N GLU A 55 5.27 -5.38 4.89
CA GLU A 55 4.26 -5.47 5.92
C GLU A 55 4.58 -4.53 7.08
N GLU A 56 5.85 -4.41 7.43
CA GLU A 56 6.29 -3.46 8.46
C GLU A 56 5.98 -2.03 8.02
N SER A 57 6.18 -1.75 6.74
CA SER A 57 5.95 -0.42 6.19
C SER A 57 4.46 -0.09 6.15
N VAL A 58 3.65 -1.04 5.71
CA VAL A 58 2.19 -0.84 5.67
C VAL A 58 1.66 -0.52 7.07
N GLN A 59 2.16 -1.25 8.06
CA GLN A 59 1.77 -1.02 9.44
C GLN A 59 2.18 0.39 9.89
N LYS A 60 3.47 0.69 9.75
CA LYS A 60 4.01 2.01 10.11
C LYS A 60 3.26 3.14 9.42
N PHE A 61 3.02 2.95 8.13
CA PHE A 61 2.34 3.95 7.31
C PHE A 61 1.01 4.35 7.93
N LEU A 62 0.15 3.38 8.15
CA LEU A 62 -1.20 3.62 8.63
C LEU A 62 -1.20 3.95 10.12
N SER A 63 -0.17 3.53 10.83
CA SER A 63 -0.05 3.76 12.26
C SER A 63 0.10 5.25 12.55
N GLU A 64 0.74 5.98 11.65
CA GLU A 64 0.98 7.39 11.83
C GLU A 64 -0.12 8.24 11.18
N LEU A 65 -1.20 7.59 10.80
CA LEU A 65 -2.33 8.28 10.18
C LEU A 65 -3.54 8.28 11.11
N LYS A 66 -4.61 8.92 10.66
CA LYS A 66 -5.87 8.89 11.38
C LYS A 66 -6.73 7.74 10.87
N GLU A 67 -7.77 7.43 11.61
CA GLU A 67 -8.72 6.41 11.21
C GLU A 67 -9.45 6.86 9.96
N ASP A 68 -9.73 8.15 9.89
CA ASP A 68 -10.40 8.74 8.73
C ASP A 68 -9.50 8.76 7.51
N GLU A 69 -8.21 9.03 7.71
CA GLU A 69 -7.26 9.11 6.61
C GLU A 69 -7.13 7.78 5.90
N ILE A 70 -7.15 6.71 6.69
CA ILE A 70 -7.10 5.36 6.14
C ILE A 70 -8.33 5.09 5.27
N LYS A 71 -9.49 5.50 5.75
CA LYS A 71 -10.73 5.40 4.98
C LYS A 71 -10.62 6.13 3.66
N ASP A 72 -10.24 7.40 3.73
CA ASP A 72 -10.08 8.25 2.56
C ASP A 72 -9.09 7.65 1.57
N LEU A 73 -7.99 7.14 2.09
CA LEU A 73 -6.94 6.55 1.26
C LEU A 73 -7.46 5.30 0.55
N LEU A 74 -7.93 4.33 1.32
CA LEU A 74 -8.36 3.04 0.78
C LEU A 74 -9.55 3.19 -0.16
N ALA A 75 -10.37 4.21 0.06
CA ALA A 75 -11.53 4.45 -0.77
C ALA A 75 -11.10 4.77 -2.18
N LYS A 76 -10.13 5.66 -2.28
CA LYS A 76 -9.56 6.05 -3.57
C LYS A 76 -8.94 4.84 -4.25
N ILE A 77 -8.07 4.15 -3.54
CA ILE A 77 -7.39 2.98 -4.10
C ILE A 77 -8.40 1.98 -4.63
N LYS A 78 -9.45 1.72 -3.85
CA LYS A 78 -10.51 0.79 -4.24
C LYS A 78 -11.18 1.28 -5.52
N GLU A 79 -11.71 2.49 -5.46
CA GLU A 79 -12.50 3.04 -6.55
C GLU A 79 -11.68 3.17 -7.84
N ASN A 80 -10.45 3.65 -7.71
CA ASN A 80 -9.57 3.78 -8.87
C ASN A 80 -9.23 2.41 -9.44
N LYS A 81 -8.98 1.46 -8.54
CA LYS A 81 -8.76 0.07 -8.93
C LYS A 81 -9.93 -0.44 -9.75
N ASP A 82 -11.12 -0.30 -9.18
CA ASP A 82 -12.34 -0.85 -9.77
C ASP A 82 -12.79 -0.09 -11.01
N LYS A 83 -12.19 1.04 -11.30
CA LYS A 83 -12.48 1.73 -12.54
C LYS A 83 -11.44 1.37 -13.61
N LYS A 84 -10.24 0.98 -13.18
CA LYS A 84 -9.17 0.65 -14.11
C LYS A 84 -9.14 -0.84 -14.41
N GLU A 85 -9.73 -1.64 -13.53
CA GLU A 85 -9.80 -3.09 -13.71
C GLU A 85 -10.48 -3.49 -15.02
N LYS A 86 -11.23 -2.56 -15.60
CA LYS A 86 -11.89 -2.79 -16.88
C LYS A 86 -10.84 -2.92 -17.98
N ASP A 87 -9.65 -2.39 -17.70
CA ASP A 87 -8.53 -2.47 -18.60
C ASP A 87 -7.38 -3.17 -17.90
N PRO A 88 -7.01 -4.36 -18.38
CA PRO A 88 -5.95 -5.17 -17.76
C PRO A 88 -4.66 -4.38 -17.53
N GLU A 89 -4.31 -3.54 -18.49
CA GLU A 89 -3.07 -2.80 -18.43
C GLU A 89 -3.19 -1.60 -17.50
N GLU A 90 -4.31 -0.89 -17.56
CA GLU A 90 -4.52 0.25 -16.66
C GLU A 90 -4.51 -0.21 -15.21
N LEU A 91 -5.23 -1.28 -14.94
CA LEU A 91 -5.29 -1.85 -13.60
C LEU A 91 -3.89 -2.26 -13.15
N ASN A 92 -3.19 -2.99 -14.01
CA ASN A 92 -1.84 -3.45 -13.72
C ASN A 92 -0.89 -2.27 -13.50
N THR A 93 -1.03 -1.24 -14.32
CA THR A 93 -0.19 -0.05 -14.21
C THR A 93 -0.51 0.71 -12.93
N TYR A 94 -1.78 0.73 -12.55
CA TYR A 94 -2.21 1.40 -11.33
C TYR A 94 -1.44 0.88 -10.13
N LYS A 95 -1.43 -0.44 -9.96
CA LYS A 95 -0.63 -1.09 -8.94
C LYS A 95 0.79 -0.56 -8.95
N SER A 96 1.35 -0.49 -10.15
CA SER A 96 2.74 -0.13 -10.33
C SER A 96 3.01 1.30 -9.89
N ILE A 97 2.07 2.19 -10.20
CA ILE A 97 2.17 3.59 -9.79
C ILE A 97 2.16 3.71 -8.27
N LEU A 98 1.11 3.17 -7.65
CA LEU A 98 1.00 3.10 -6.21
C LEU A 98 2.24 2.47 -5.57
N ALA A 99 2.73 1.39 -6.16
CA ALA A 99 3.92 0.73 -5.62
C ALA A 99 5.14 1.63 -5.72
N SER A 100 5.29 2.31 -6.84
CA SER A 100 6.39 3.25 -7.03
C SER A 100 6.30 4.40 -6.04
N GLY A 101 5.08 4.70 -5.60
CA GLY A 101 4.87 5.75 -4.64
C GLY A 101 5.11 5.26 -3.23
N PHE A 102 4.63 4.05 -2.93
CA PHE A 102 4.78 3.49 -1.60
C PHE A 102 6.24 3.15 -1.34
N ASP A 103 6.94 2.68 -2.37
CA ASP A 103 8.36 2.33 -2.28
C ASP A 103 9.19 3.45 -1.65
N GLY A 104 8.71 4.68 -1.77
CA GLY A 104 9.38 5.81 -1.16
C GLY A 104 9.54 5.66 0.35
N ILE A 105 8.61 4.94 0.98
CA ILE A 105 8.63 4.75 2.42
C ILE A 105 9.85 3.96 2.86
N PHE A 106 10.34 3.09 1.98
CA PHE A 106 11.52 2.28 2.28
C PHE A 106 12.77 3.15 2.27
N ASN A 107 12.62 4.35 1.73
CA ASN A 107 13.72 5.31 1.69
C ASN A 107 13.59 6.28 2.86
N GLN A 108 12.77 5.87 3.83
CA GLN A 108 12.54 6.63 5.05
C GLN A 108 11.77 7.91 4.76
N ALA A 109 10.69 7.76 4.03
CA ALA A 109 9.77 8.85 3.76
C ALA A 109 8.62 8.82 4.77
N ASP A 110 8.04 9.98 5.03
CA ASP A 110 6.94 10.07 5.98
C ASP A 110 5.65 9.55 5.36
N SER A 111 4.76 9.05 6.21
CA SER A 111 3.53 8.43 5.75
C SER A 111 2.59 9.46 5.13
N LYS A 112 2.62 10.69 5.63
CA LYS A 112 1.74 11.74 5.14
C LYS A 112 2.14 12.14 3.72
N THR A 113 3.44 12.27 3.49
CA THR A 113 3.96 12.64 2.18
C THR A 113 3.65 11.54 1.17
N THR A 114 3.68 10.29 1.61
CA THR A 114 3.40 9.16 0.75
C THR A 114 1.90 8.96 0.57
N LEU A 115 1.13 9.34 1.60
CA LEU A 115 -0.33 9.26 1.57
C LEU A 115 -0.85 10.03 0.36
N ASN A 116 -0.39 11.27 0.23
CA ASN A 116 -0.85 12.17 -0.82
C ASN A 116 -0.50 11.65 -2.21
N LYS A 117 0.54 10.82 -2.30
CA LYS A 117 0.95 10.24 -3.57
C LYS A 117 -0.10 9.27 -4.09
N LEU A 118 -0.54 8.39 -3.21
CA LEU A 118 -1.50 7.35 -3.57
C LEU A 118 -2.86 7.96 -3.93
N LYS A 119 -3.19 9.05 -3.24
CA LYS A 119 -4.44 9.75 -3.49
C LYS A 119 -4.39 10.50 -4.81
N ASP A 120 -3.22 11.05 -5.12
CA ASP A 120 -3.06 11.92 -6.27
C ASP A 120 -2.73 11.13 -7.54
N THR A 121 -3.01 9.83 -7.52
CA THR A 121 -2.80 9.02 -8.69
C THR A 121 -3.94 9.24 -9.69
N ILE A 122 -5.10 8.64 -9.41
CA ILE A 122 -6.31 8.82 -10.20
C ILE A 122 -6.05 8.66 -11.70
N GLY A 1 4.83 -18.58 12.88
CA GLY A 1 5.75 -17.91 13.82
C GLY A 1 4.99 -17.00 14.76
N ALA A 2 5.63 -16.62 15.86
CA ALA A 2 4.99 -15.79 16.87
C ALA A 2 5.14 -14.31 16.54
N MET A 3 4.14 -13.76 15.87
CA MET A 3 4.15 -12.36 15.50
C MET A 3 2.96 -11.63 16.13
N GLY A 4 1.89 -12.37 16.40
CA GLY A 4 0.70 -11.78 16.99
C GLY A 4 -0.08 -10.96 15.98
N THR A 5 0.08 -11.29 14.70
CA THR A 5 -0.52 -10.54 13.61
C THR A 5 -0.31 -9.03 13.77
N PRO A 6 0.91 -8.53 13.44
CA PRO A 6 1.29 -7.14 13.68
C PRO A 6 0.35 -6.14 13.03
N LEU A 7 -0.19 -6.51 11.88
CA LEU A 7 -1.13 -5.67 11.17
C LEU A 7 -2.44 -5.58 11.94
N GLU A 8 -2.97 -6.74 12.32
CA GLU A 8 -4.28 -6.85 12.94
C GLU A 8 -4.31 -6.24 14.35
N LYS A 9 -3.15 -5.84 14.85
CA LYS A 9 -3.05 -5.27 16.18
C LYS A 9 -3.58 -3.84 16.17
N LEU A 10 -3.48 -3.20 15.02
CA LEU A 10 -3.92 -1.83 14.88
C LEU A 10 -5.12 -1.74 13.94
N VAL A 11 -5.23 -2.69 13.03
CA VAL A 11 -6.37 -2.75 12.12
C VAL A 11 -7.70 -2.78 12.90
N SER A 12 -7.67 -3.43 14.06
CA SER A 12 -8.85 -3.51 14.91
C SER A 12 -9.25 -2.13 15.44
N ARG A 13 -8.24 -1.33 15.80
CA ARG A 13 -8.48 -0.03 16.39
C ARG A 13 -8.79 1.02 15.32
N LEU A 14 -8.49 0.67 14.08
CA LEU A 14 -8.77 1.55 12.95
C LEU A 14 -10.19 1.33 12.47
N ASN A 15 -10.78 0.22 12.93
CA ASN A 15 -12.16 -0.13 12.64
C ASN A 15 -12.38 -0.26 11.14
N LEU A 16 -11.76 -1.28 10.56
CA LEU A 16 -11.88 -1.51 9.13
C LEU A 16 -12.83 -2.65 8.83
N ASN A 17 -13.51 -2.55 7.71
CA ASN A 17 -14.47 -3.56 7.29
C ASN A 17 -13.91 -4.39 6.15
N ASN A 18 -14.69 -5.36 5.68
CA ASN A 18 -14.30 -6.21 4.56
C ASN A 18 -13.91 -5.38 3.35
N THR A 19 -14.62 -4.29 3.14
CA THR A 19 -14.40 -3.43 1.99
C THR A 19 -13.02 -2.77 2.08
N GLU A 20 -12.74 -2.25 3.26
CA GLU A 20 -11.45 -1.63 3.56
C GLU A 20 -10.31 -2.65 3.44
N LYS A 21 -10.49 -3.78 4.12
CA LYS A 21 -9.43 -4.77 4.24
C LYS A 21 -9.22 -5.53 2.92
N GLU A 22 -10.23 -5.59 2.07
CA GLU A 22 -10.06 -6.18 0.75
C GLU A 22 -9.19 -5.30 -0.13
N THR A 23 -9.43 -3.99 -0.07
CA THR A 23 -8.60 -3.03 -0.77
C THR A 23 -7.19 -3.04 -0.18
N LEU A 24 -7.10 -3.19 1.13
CA LEU A 24 -5.83 -3.30 1.81
C LEU A 24 -5.09 -4.55 1.31
N THR A 25 -5.83 -5.65 1.17
CA THR A 25 -5.28 -6.88 0.63
C THR A 25 -4.74 -6.64 -0.78
N PHE A 26 -5.53 -5.97 -1.61
CA PHE A 26 -5.10 -5.57 -2.94
C PHE A 26 -3.80 -4.79 -2.87
N LEU A 27 -3.76 -3.85 -1.93
CA LEU A 27 -2.60 -2.99 -1.74
C LEU A 27 -1.37 -3.83 -1.40
N THR A 28 -1.41 -4.53 -0.27
CA THR A 28 -0.28 -5.31 0.19
C THR A 28 0.26 -6.26 -0.88
N ASN A 29 -0.65 -6.85 -1.65
CA ASN A 29 -0.28 -7.83 -2.66
C ASN A 29 0.29 -7.15 -3.91
N LEU A 30 -0.07 -5.90 -4.15
CA LEU A 30 0.47 -5.19 -5.32
C LEU A 30 1.94 -4.86 -5.09
N LEU A 31 2.27 -4.46 -3.86
CA LEU A 31 3.66 -4.28 -3.48
C LEU A 31 4.45 -5.57 -3.63
N LYS A 32 3.87 -6.68 -3.18
CA LYS A 32 4.53 -7.97 -3.25
C LYS A 32 4.66 -8.44 -4.71
N GLU A 33 4.01 -7.74 -5.61
CA GLU A 33 4.06 -8.09 -7.03
C GLU A 33 5.05 -7.20 -7.76
N LYS A 34 5.00 -5.91 -7.47
CA LYS A 34 5.78 -4.94 -8.22
C LYS A 34 7.12 -4.63 -7.57
N LEU A 35 7.17 -4.59 -6.24
CA LEU A 35 8.38 -4.14 -5.55
C LEU A 35 9.52 -5.14 -5.69
N VAL A 36 9.21 -6.36 -6.12
CA VAL A 36 10.24 -7.37 -6.34
C VAL A 36 11.05 -7.03 -7.59
N ASP A 37 10.59 -6.04 -8.33
CA ASP A 37 11.29 -5.52 -9.49
C ASP A 37 12.21 -4.38 -9.06
N PRO A 38 13.50 -4.44 -9.44
CA PRO A 38 14.50 -3.45 -9.01
C PRO A 38 14.24 -2.05 -9.59
N ASN A 39 13.31 -1.96 -10.53
CA ASN A 39 12.98 -0.69 -11.14
C ASN A 39 11.80 -0.05 -10.43
N ILE A 40 11.06 -0.88 -9.69
CA ILE A 40 9.89 -0.42 -8.97
C ILE A 40 10.19 -0.32 -7.48
N GLY A 41 10.78 -1.38 -6.94
CA GLY A 41 11.15 -1.41 -5.54
C GLY A 41 12.57 -0.92 -5.36
N LEU A 42 12.82 0.30 -5.82
CA LEU A 42 14.14 0.88 -5.78
C LEU A 42 14.62 0.99 -4.35
N HIS A 43 13.73 1.44 -3.48
CA HIS A 43 14.08 1.60 -2.07
C HIS A 43 13.81 0.30 -1.33
N PHE A 44 12.79 -0.41 -1.77
CA PHE A 44 12.43 -1.69 -1.18
C PHE A 44 13.59 -2.66 -1.26
N LYS A 45 14.14 -2.85 -2.45
CA LYS A 45 15.23 -3.79 -2.66
C LYS A 45 16.49 -3.35 -1.93
N ASN A 46 16.70 -2.05 -1.85
CA ASN A 46 17.93 -1.53 -1.29
C ASN A 46 17.82 -1.23 0.20
N SER A 47 16.71 -1.61 0.82
CA SER A 47 16.55 -1.42 2.25
C SER A 47 15.60 -2.46 2.85
N GLY A 48 15.41 -3.55 2.13
CA GLY A 48 14.55 -4.62 2.62
C GLY A 48 14.62 -5.84 1.73
N GLY A 49 13.82 -5.84 0.68
CA GLY A 49 13.78 -6.98 -0.23
C GLY A 49 13.03 -8.15 0.38
N ASP A 50 12.23 -7.88 1.39
CA ASP A 50 11.46 -8.92 2.08
C ASP A 50 9.99 -8.57 2.09
N GLU A 51 9.14 -9.58 1.88
CA GLU A 51 7.69 -9.39 1.99
C GLU A 51 7.31 -8.82 3.34
N SER A 52 8.01 -9.28 4.38
CA SER A 52 7.79 -8.79 5.73
C SER A 52 7.97 -7.28 5.79
N LYS A 53 9.00 -6.80 5.11
CA LYS A 53 9.34 -5.38 5.12
C LYS A 53 8.26 -4.55 4.43
N ILE A 54 7.53 -5.18 3.52
CA ILE A 54 6.40 -4.53 2.86
C ILE A 54 5.28 -4.29 3.87
N GLU A 55 4.91 -5.36 4.56
CA GLU A 55 3.82 -5.31 5.51
C GLU A 55 4.20 -4.50 6.75
N GLU A 56 5.48 -4.51 7.09
CA GLU A 56 5.99 -3.66 8.15
C GLU A 56 5.85 -2.19 7.77
N SER A 57 6.09 -1.88 6.50
CA SER A 57 5.98 -0.51 6.01
C SER A 57 4.52 -0.07 5.96
N VAL A 58 3.65 -0.94 5.48
CA VAL A 58 2.21 -0.67 5.49
C VAL A 58 1.72 -0.45 6.92
N GLN A 59 2.26 -1.25 7.84
CA GLN A 59 1.89 -1.15 9.25
C GLN A 59 2.33 0.20 9.82
N LYS A 60 3.55 0.60 9.50
CA LYS A 60 4.10 1.89 9.94
C LYS A 60 3.34 3.03 9.27
N PHE A 61 3.00 2.82 8.00
CA PHE A 61 2.28 3.79 7.18
C PHE A 61 0.96 4.19 7.85
N LEU A 62 0.16 3.19 8.14
CA LEU A 62 -1.18 3.41 8.67
C LEU A 62 -1.14 3.92 10.11
N SER A 63 -0.02 3.72 10.78
CA SER A 63 0.12 4.11 12.19
C SER A 63 0.35 5.61 12.34
N GLU A 64 0.89 6.25 11.31
CA GLU A 64 1.18 7.66 11.36
C GLU A 64 0.02 8.49 10.82
N LEU A 65 -1.01 7.81 10.34
CA LEU A 65 -2.14 8.48 9.72
C LEU A 65 -3.36 8.48 10.63
N LYS A 66 -4.38 9.22 10.24
CA LYS A 66 -5.64 9.24 10.95
C LYS A 66 -6.59 8.21 10.35
N GLU A 67 -7.55 7.75 11.15
CA GLU A 67 -8.51 6.75 10.69
C GLU A 67 -9.27 7.24 9.47
N ASP A 68 -9.60 8.53 9.47
CA ASP A 68 -10.34 9.14 8.37
C ASP A 68 -9.52 9.12 7.08
N GLU A 69 -8.22 9.33 7.23
CA GLU A 69 -7.31 9.38 6.10
C GLU A 69 -7.15 8.01 5.47
N ILE A 70 -7.07 6.99 6.33
CA ILE A 70 -6.97 5.61 5.88
C ILE A 70 -8.26 5.20 5.18
N LYS A 71 -9.39 5.56 5.79
CA LYS A 71 -10.70 5.32 5.21
C LYS A 71 -10.80 5.85 3.78
N ASP A 72 -10.37 7.09 3.59
CA ASP A 72 -10.45 7.71 2.27
C ASP A 72 -9.46 7.08 1.32
N LEU A 73 -8.27 6.78 1.82
CA LEU A 73 -7.20 6.19 1.03
C LEU A 73 -7.65 4.88 0.40
N LEU A 74 -8.08 3.94 1.22
CA LEU A 74 -8.52 2.64 0.74
C LEU A 74 -9.72 2.77 -0.20
N ALA A 75 -10.66 3.64 0.17
CA ALA A 75 -11.84 3.87 -0.66
C ALA A 75 -11.43 4.38 -2.05
N LYS A 76 -10.50 5.33 -2.06
CA LYS A 76 -9.97 5.86 -3.32
C LYS A 76 -9.31 4.77 -4.14
N ILE A 77 -8.45 3.99 -3.52
CA ILE A 77 -7.76 2.90 -4.20
C ILE A 77 -8.76 1.94 -4.82
N LYS A 78 -9.78 1.57 -4.05
CA LYS A 78 -10.82 0.67 -4.52
C LYS A 78 -11.52 1.25 -5.75
N GLU A 79 -12.04 2.47 -5.58
CA GLU A 79 -12.82 3.11 -6.64
C GLU A 79 -12.00 3.35 -7.91
N ASN A 80 -10.69 3.53 -7.76
CA ASN A 80 -9.81 3.65 -8.92
C ASN A 80 -9.50 2.29 -9.51
N LYS A 81 -9.31 1.31 -8.63
CA LYS A 81 -9.14 -0.07 -9.04
C LYS A 81 -10.31 -0.53 -9.88
N ASP A 82 -11.49 -0.38 -9.31
CA ASP A 82 -12.72 -0.87 -9.91
C ASP A 82 -13.01 -0.25 -11.27
N LYS A 83 -12.46 0.94 -11.54
CA LYS A 83 -12.67 1.57 -12.83
C LYS A 83 -11.54 1.23 -13.80
N LYS A 84 -10.34 0.98 -13.29
CA LYS A 84 -9.19 0.72 -14.16
C LYS A 84 -9.01 -0.76 -14.44
N GLU A 85 -9.62 -1.61 -13.61
CA GLU A 85 -9.49 -3.05 -13.78
C GLU A 85 -10.23 -3.53 -15.01
N LYS A 86 -10.95 -2.62 -15.65
CA LYS A 86 -11.59 -2.87 -16.92
C LYS A 86 -10.53 -2.98 -18.01
N ASP A 87 -9.47 -2.21 -17.87
CA ASP A 87 -8.42 -2.13 -18.88
C ASP A 87 -7.13 -2.69 -18.32
N PRO A 88 -6.58 -3.75 -18.95
CA PRO A 88 -5.39 -4.45 -18.46
C PRO A 88 -4.22 -3.50 -18.18
N GLU A 89 -3.97 -2.57 -19.09
CA GLU A 89 -2.84 -1.66 -18.95
C GLU A 89 -3.13 -0.58 -17.90
N GLU A 90 -4.39 -0.19 -17.78
CA GLU A 90 -4.78 0.80 -16.78
C GLU A 90 -4.54 0.27 -15.38
N LEU A 91 -5.07 -0.93 -15.11
CA LEU A 91 -4.89 -1.55 -13.81
C LEU A 91 -3.41 -1.85 -13.54
N ASN A 92 -2.73 -2.37 -14.56
CA ASN A 92 -1.32 -2.70 -14.43
C ASN A 92 -0.49 -1.47 -14.04
N THR A 93 -0.69 -0.38 -14.76
CA THR A 93 0.03 0.85 -14.49
C THR A 93 -0.37 1.42 -13.14
N TYR A 94 -1.65 1.29 -12.80
CA TYR A 94 -2.17 1.77 -11.53
C TYR A 94 -1.43 1.12 -10.37
N LYS A 95 -1.40 -0.21 -10.38
CA LYS A 95 -0.68 -0.98 -9.36
C LYS A 95 0.79 -0.57 -9.31
N SER A 96 1.34 -0.31 -10.49
CA SER A 96 2.74 0.07 -10.62
C SER A 96 2.98 1.45 -10.00
N ILE A 97 2.05 2.37 -10.21
CA ILE A 97 2.15 3.73 -9.66
C ILE A 97 2.12 3.68 -8.14
N LEU A 98 1.09 3.05 -7.59
CA LEU A 98 0.98 2.84 -6.15
C LEU A 98 2.22 2.17 -5.57
N ALA A 99 2.78 1.22 -6.29
CA ALA A 99 3.97 0.52 -5.81
C ALA A 99 5.19 1.42 -5.86
N SER A 100 5.40 2.08 -6.98
CA SER A 100 6.53 3.00 -7.14
C SER A 100 6.37 4.19 -6.19
N GLY A 101 5.13 4.45 -5.80
CA GLY A 101 4.86 5.51 -4.86
C GLY A 101 5.04 5.06 -3.43
N PHE A 102 4.61 3.84 -3.13
CA PHE A 102 4.73 3.30 -1.79
C PHE A 102 6.18 3.02 -1.46
N ASP A 103 6.92 2.51 -2.45
CA ASP A 103 8.34 2.19 -2.33
C ASP A 103 9.14 3.32 -1.67
N GLY A 104 8.69 4.55 -1.86
CA GLY A 104 9.35 5.69 -1.25
C GLY A 104 9.46 5.58 0.26
N ILE A 105 8.51 4.88 0.88
CA ILE A 105 8.47 4.73 2.33
C ILE A 105 9.67 3.93 2.84
N PHE A 106 10.22 3.08 1.97
CA PHE A 106 11.35 2.24 2.35
C PHE A 106 12.63 3.07 2.46
N ASN A 107 12.55 4.30 1.98
CA ASN A 107 13.64 5.26 2.13
C ASN A 107 13.40 6.08 3.40
N GLN A 108 12.52 5.55 4.24
CA GLN A 108 12.17 6.15 5.53
C GLN A 108 11.39 7.43 5.34
N ALA A 109 10.58 7.45 4.29
CA ALA A 109 9.69 8.57 4.02
C ALA A 109 8.49 8.55 4.96
N ASP A 110 7.98 9.74 5.24
CA ASP A 110 6.78 9.88 6.06
C ASP A 110 5.56 9.31 5.35
N SER A 111 4.62 8.84 6.15
CA SER A 111 3.46 8.14 5.62
C SER A 111 2.42 9.11 5.09
N LYS A 112 2.33 10.30 5.69
CA LYS A 112 1.40 11.33 5.24
C LYS A 112 1.85 11.86 3.89
N THR A 113 3.16 12.01 3.76
CA THR A 113 3.78 12.43 2.51
C THR A 113 3.52 11.38 1.42
N THR A 114 3.81 10.12 1.75
CA THR A 114 3.61 9.02 0.81
C THR A 114 2.13 8.82 0.50
N LEU A 115 1.28 9.08 1.49
CA LEU A 115 -0.15 8.94 1.37
C LEU A 115 -0.68 9.78 0.22
N ASN A 116 -0.24 11.03 0.19
CA ASN A 116 -0.70 11.98 -0.81
C ASN A 116 -0.46 11.50 -2.24
N LYS A 117 0.60 10.72 -2.44
CA LYS A 117 0.90 10.19 -3.77
C LYS A 117 -0.11 9.11 -4.16
N LEU A 118 -0.46 8.27 -3.21
CA LEU A 118 -1.44 7.21 -3.44
C LEU A 118 -2.84 7.80 -3.56
N LYS A 119 -3.11 8.76 -2.69
CA LYS A 119 -4.37 9.48 -2.67
C LYS A 119 -4.59 10.23 -3.97
N ASP A 120 -3.53 10.87 -4.45
CA ASP A 120 -3.60 11.73 -5.63
C ASP A 120 -3.22 10.97 -6.91
N THR A 121 -3.43 9.66 -6.92
CA THR A 121 -3.12 8.88 -8.12
C THR A 121 -4.20 9.08 -9.17
N ILE A 122 -5.31 8.35 -9.02
CA ILE A 122 -6.41 8.39 -9.98
C ILE A 122 -5.87 8.23 -11.41
N GLY A 1 11.12 -12.95 3.72
CA GLY A 1 9.75 -12.56 4.15
C GLY A 1 9.01 -13.70 4.79
N ALA A 2 9.05 -13.75 6.11
CA ALA A 2 8.45 -14.84 6.86
C ALA A 2 7.74 -14.31 8.08
N MET A 3 6.45 -14.06 7.94
CA MET A 3 5.65 -13.49 9.02
C MET A 3 4.18 -13.80 8.76
N GLY A 4 3.34 -13.62 9.77
CA GLY A 4 1.92 -13.78 9.58
C GLY A 4 1.24 -12.44 9.33
N THR A 5 0.52 -11.96 10.32
CA THR A 5 -0.11 -10.66 10.24
C THR A 5 0.18 -9.82 11.48
N PRO A 6 1.21 -8.97 11.41
CA PRO A 6 1.60 -8.12 12.54
C PRO A 6 0.69 -6.90 12.67
N LEU A 7 0.20 -6.41 11.53
CA LEU A 7 -0.56 -5.18 11.49
C LEU A 7 -2.01 -5.40 11.95
N GLU A 8 -2.37 -6.65 12.20
CA GLU A 8 -3.76 -7.00 12.55
C GLU A 8 -4.22 -6.29 13.81
N LYS A 9 -3.28 -5.87 14.66
CA LYS A 9 -3.63 -5.29 15.95
C LYS A 9 -4.27 -3.93 15.75
N LEU A 10 -3.85 -3.25 14.70
CA LEU A 10 -4.36 -1.93 14.40
C LEU A 10 -5.41 -2.00 13.31
N VAL A 11 -5.27 -2.95 12.41
CA VAL A 11 -6.27 -3.16 11.35
C VAL A 11 -7.65 -3.42 11.98
N SER A 12 -7.65 -4.17 13.08
CA SER A 12 -8.89 -4.50 13.76
C SER A 12 -9.52 -3.25 14.36
N ARG A 13 -8.70 -2.25 14.71
CA ARG A 13 -9.20 -1.03 15.31
C ARG A 13 -9.77 -0.11 14.24
N LEU A 14 -9.30 -0.30 13.00
CA LEU A 14 -9.83 0.45 11.86
C LEU A 14 -11.26 0.03 11.58
N ASN A 15 -11.55 -1.25 11.84
CA ASN A 15 -12.88 -1.83 11.60
C ASN A 15 -13.31 -1.58 10.17
N LEU A 16 -12.63 -2.23 9.26
CA LEU A 16 -12.87 -2.03 7.84
C LEU A 16 -13.92 -3.00 7.31
N ASN A 17 -14.62 -2.58 6.28
CA ASN A 17 -15.65 -3.40 5.67
C ASN A 17 -15.08 -4.19 4.51
N ASN A 18 -15.92 -4.99 3.86
CA ASN A 18 -15.51 -5.86 2.76
C ASN A 18 -14.87 -5.05 1.62
N THR A 19 -15.31 -3.82 1.48
CA THR A 19 -14.87 -2.96 0.41
C THR A 19 -13.53 -2.29 0.75
N GLU A 20 -13.38 -1.86 1.99
CA GLU A 20 -12.14 -1.26 2.45
C GLU A 20 -11.04 -2.32 2.46
N LYS A 21 -11.39 -3.52 2.92
CA LYS A 21 -10.45 -4.63 2.98
C LYS A 21 -10.18 -5.20 1.60
N GLU A 22 -11.06 -4.87 0.65
CA GLU A 22 -10.85 -5.20 -0.74
C GLU A 22 -9.66 -4.42 -1.25
N THR A 23 -9.66 -3.14 -0.94
CA THR A 23 -8.56 -2.24 -1.28
C THR A 23 -7.29 -2.60 -0.51
N LEU A 24 -7.44 -2.88 0.79
CA LEU A 24 -6.29 -3.23 1.63
C LEU A 24 -5.61 -4.50 1.12
N THR A 25 -6.40 -5.53 0.88
CA THR A 25 -5.89 -6.78 0.33
C THR A 25 -5.22 -6.55 -1.01
N PHE A 26 -5.84 -5.71 -1.82
CA PHE A 26 -5.31 -5.33 -3.12
C PHE A 26 -3.90 -4.74 -2.98
N LEU A 27 -3.76 -3.74 -2.13
CA LEU A 27 -2.50 -3.04 -1.95
C LEU A 27 -1.39 -3.97 -1.45
N THR A 28 -1.65 -4.61 -0.32
CA THR A 28 -0.65 -5.45 0.33
C THR A 28 -0.15 -6.56 -0.59
N ASN A 29 -1.00 -7.05 -1.48
CA ASN A 29 -0.62 -8.10 -2.41
C ASN A 29 0.18 -7.55 -3.58
N LEU A 30 -0.23 -6.39 -4.10
CA LEU A 30 0.45 -5.80 -5.24
C LEU A 30 1.83 -5.29 -4.85
N LEU A 31 1.99 -4.95 -3.58
CA LEU A 31 3.28 -4.47 -3.08
C LEU A 31 4.30 -5.58 -3.10
N LYS A 32 3.91 -6.78 -2.67
CA LYS A 32 4.79 -7.95 -2.72
C LYS A 32 5.01 -8.41 -4.16
N GLU A 33 4.21 -7.88 -5.07
CA GLU A 33 4.24 -8.30 -6.46
C GLU A 33 5.05 -7.34 -7.31
N LYS A 34 4.89 -6.05 -7.07
CA LYS A 34 5.50 -5.05 -7.92
C LYS A 34 6.80 -4.50 -7.33
N LEU A 35 6.88 -4.40 -6.00
CA LEU A 35 8.06 -3.80 -5.36
C LEU A 35 9.31 -4.67 -5.53
N VAL A 36 9.11 -5.93 -5.89
CA VAL A 36 10.23 -6.84 -6.12
C VAL A 36 10.94 -6.51 -7.43
N ASP A 37 10.38 -5.57 -8.17
CA ASP A 37 10.98 -5.09 -9.40
C ASP A 37 11.83 -3.87 -9.10
N PRO A 38 13.11 -3.88 -9.53
CA PRO A 38 14.05 -2.79 -9.25
C PRO A 38 13.63 -1.45 -9.86
N ASN A 39 12.63 -1.47 -10.74
CA ASN A 39 12.15 -0.25 -11.37
C ASN A 39 11.04 0.36 -10.53
N ILE A 40 10.37 -0.50 -9.77
CA ILE A 40 9.24 -0.10 -8.98
C ILE A 40 9.65 0.09 -7.52
N GLY A 41 10.33 -0.91 -6.98
CA GLY A 41 10.78 -0.86 -5.61
C GLY A 41 12.21 -0.38 -5.52
N LEU A 42 12.41 0.87 -5.94
CA LEU A 42 13.74 1.46 -5.97
C LEU A 42 14.27 1.58 -4.55
N HIS A 43 13.40 1.98 -3.64
CA HIS A 43 13.79 2.13 -2.25
C HIS A 43 13.65 0.80 -1.53
N PHE A 44 12.61 0.06 -1.90
CA PHE A 44 12.36 -1.25 -1.32
C PHE A 44 13.58 -2.15 -1.47
N LYS A 45 14.06 -2.28 -2.70
CA LYS A 45 15.19 -3.17 -2.97
C LYS A 45 16.47 -2.68 -2.32
N ASN A 46 16.69 -1.38 -2.34
CA ASN A 46 17.97 -0.83 -1.93
C ASN A 46 17.99 -0.42 -0.45
N SER A 47 16.91 -0.72 0.27
CA SER A 47 16.87 -0.45 1.70
C SER A 47 16.26 -1.61 2.48
N GLY A 48 15.80 -2.63 1.77
CA GLY A 48 15.26 -3.81 2.42
C GLY A 48 15.35 -5.04 1.55
N GLY A 49 14.43 -5.14 0.60
CA GLY A 49 14.42 -6.26 -0.31
C GLY A 49 13.77 -7.49 0.28
N ASP A 50 12.89 -7.29 1.25
CA ASP A 50 12.22 -8.41 1.89
C ASP A 50 10.73 -8.16 2.04
N GLU A 51 9.95 -9.23 1.96
CA GLU A 51 8.50 -9.15 2.11
C GLU A 51 8.09 -8.53 3.44
N SER A 52 8.79 -8.88 4.49
CA SER A 52 8.44 -8.43 5.83
C SER A 52 8.80 -6.97 6.02
N LYS A 53 9.56 -6.43 5.07
CA LYS A 53 9.82 -5.01 5.04
C LYS A 53 8.57 -4.27 4.60
N ILE A 54 7.76 -4.95 3.78
CA ILE A 54 6.47 -4.42 3.37
C ILE A 54 5.45 -4.60 4.48
N GLU A 55 5.47 -5.78 5.08
CA GLU A 55 4.55 -6.13 6.16
C GLU A 55 4.76 -5.22 7.38
N GLU A 56 5.98 -4.68 7.48
CA GLU A 56 6.32 -3.73 8.51
C GLU A 56 5.95 -2.31 8.09
N SER A 57 6.27 -1.96 6.85
CA SER A 57 6.07 -0.60 6.36
C SER A 57 4.59 -0.24 6.26
N VAL A 58 3.77 -1.14 5.72
CA VAL A 58 2.33 -0.91 5.67
C VAL A 58 1.79 -0.64 7.06
N GLN A 59 2.31 -1.38 8.03
CA GLN A 59 1.90 -1.23 9.41
C GLN A 59 2.32 0.13 9.95
N LYS A 60 3.61 0.45 9.80
CA LYS A 60 4.14 1.73 10.28
C LYS A 60 3.45 2.90 9.58
N PHE A 61 3.23 2.72 8.30
CA PHE A 61 2.57 3.71 7.45
C PHE A 61 1.25 4.13 8.07
N LEU A 62 0.36 3.16 8.24
CA LEU A 62 -0.98 3.41 8.72
C LEU A 62 -0.99 3.77 10.20
N SER A 63 0.03 3.32 10.93
CA SER A 63 0.13 3.59 12.35
C SER A 63 0.41 5.08 12.60
N GLU A 64 1.22 5.69 11.73
CA GLU A 64 1.54 7.09 11.86
C GLU A 64 0.61 7.96 11.03
N LEU A 65 -0.59 7.47 10.79
CA LEU A 65 -1.60 8.24 10.08
C LEU A 65 -2.77 8.56 10.99
N LYS A 66 -3.75 9.27 10.47
CA LYS A 66 -5.00 9.45 11.17
C LYS A 66 -5.93 8.34 10.75
N GLU A 67 -6.79 7.91 11.64
CA GLU A 67 -7.71 6.82 11.37
C GLU A 67 -8.72 7.25 10.31
N ASP A 68 -8.90 8.56 10.20
CA ASP A 68 -9.77 9.17 9.20
C ASP A 68 -9.09 9.15 7.84
N GLU A 69 -7.79 9.46 7.84
CA GLU A 69 -7.03 9.55 6.61
C GLU A 69 -6.76 8.19 6.01
N ILE A 70 -6.72 7.16 6.85
CA ILE A 70 -6.59 5.79 6.38
C ILE A 70 -7.79 5.44 5.50
N LYS A 71 -8.98 5.77 5.99
CA LYS A 71 -10.21 5.57 5.24
C LYS A 71 -10.17 6.35 3.93
N ASP A 72 -9.82 7.64 4.01
CA ASP A 72 -9.78 8.49 2.82
C ASP A 72 -8.81 7.94 1.78
N LEU A 73 -7.67 7.46 2.27
CA LEU A 73 -6.65 6.87 1.41
C LEU A 73 -7.23 5.67 0.66
N LEU A 74 -7.72 4.69 1.41
CA LEU A 74 -8.27 3.46 0.84
C LEU A 74 -9.47 3.75 -0.05
N ALA A 75 -10.30 4.71 0.36
CA ALA A 75 -11.47 5.10 -0.42
C ALA A 75 -11.05 5.69 -1.76
N LYS A 76 -9.98 6.49 -1.73
CA LYS A 76 -9.44 7.08 -2.95
C LYS A 76 -8.93 5.98 -3.88
N ILE A 77 -8.12 5.09 -3.33
CA ILE A 77 -7.61 3.95 -4.08
C ILE A 77 -8.75 3.11 -4.63
N LYS A 78 -9.71 2.80 -3.76
CA LYS A 78 -10.90 2.03 -4.12
C LYS A 78 -11.56 2.57 -5.37
N GLU A 79 -11.78 3.88 -5.38
CA GLU A 79 -12.44 4.56 -6.49
C GLU A 79 -11.67 4.41 -7.79
N ASN A 80 -10.35 4.43 -7.71
CA ASN A 80 -9.51 4.28 -8.90
C ASN A 80 -9.41 2.82 -9.27
N LYS A 81 -9.18 1.98 -8.26
CA LYS A 81 -9.10 0.54 -8.44
C LYS A 81 -10.34 0.00 -9.11
N ASP A 82 -11.49 0.35 -8.55
CA ASP A 82 -12.78 -0.16 -9.01
C ASP A 82 -12.98 0.04 -10.50
N LYS A 83 -12.65 1.23 -10.99
CA LYS A 83 -12.85 1.52 -12.41
C LYS A 83 -11.69 1.03 -13.28
N LYS A 84 -10.58 0.64 -12.66
CA LYS A 84 -9.41 0.21 -13.42
C LYS A 84 -9.26 -1.32 -13.42
N GLU A 85 -9.82 -1.98 -12.42
CA GLU A 85 -9.68 -3.43 -12.30
C GLU A 85 -10.51 -4.15 -13.36
N LYS A 86 -11.23 -3.37 -14.15
CA LYS A 86 -12.01 -3.91 -15.26
C LYS A 86 -11.11 -4.16 -16.48
N ASP A 87 -9.88 -3.65 -16.41
CA ASP A 87 -8.93 -3.80 -17.50
C ASP A 87 -7.59 -4.32 -16.98
N PRO A 88 -7.00 -5.30 -17.68
CA PRO A 88 -5.74 -5.93 -17.26
C PRO A 88 -4.57 -4.95 -17.21
N GLU A 89 -4.58 -3.97 -18.09
CA GLU A 89 -3.47 -3.04 -18.20
C GLU A 89 -3.69 -1.83 -17.30
N GLU A 90 -4.89 -1.27 -17.35
CA GLU A 90 -5.24 -0.13 -16.50
C GLU A 90 -5.03 -0.48 -15.04
N LEU A 91 -5.39 -1.69 -14.67
CA LEU A 91 -5.18 -2.16 -13.31
C LEU A 91 -3.69 -2.37 -13.03
N ASN A 92 -3.01 -3.03 -13.96
CA ASN A 92 -1.60 -3.38 -13.75
C ASN A 92 -0.73 -2.13 -13.62
N THR A 93 -0.95 -1.16 -14.50
CA THR A 93 -0.20 0.08 -14.45
C THR A 93 -0.50 0.83 -13.16
N TYR A 94 -1.78 0.85 -12.78
CA TYR A 94 -2.20 1.48 -11.54
C TYR A 94 -1.49 0.82 -10.34
N LYS A 95 -1.51 -0.50 -10.31
CA LYS A 95 -0.81 -1.26 -9.28
C LYS A 95 0.66 -0.91 -9.23
N SER A 96 1.24 -0.71 -10.41
CA SER A 96 2.65 -0.36 -10.53
C SER A 96 2.92 1.02 -9.94
N ILE A 97 2.09 1.99 -10.31
CA ILE A 97 2.24 3.36 -9.83
C ILE A 97 2.01 3.43 -8.33
N LEU A 98 1.01 2.70 -7.84
CA LEU A 98 0.76 2.58 -6.41
C LEU A 98 2.01 2.14 -5.67
N ALA A 99 2.59 1.04 -6.11
CA ALA A 99 3.78 0.50 -5.47
C ALA A 99 4.95 1.46 -5.59
N SER A 100 5.08 2.09 -6.75
CA SER A 100 6.12 3.08 -6.98
C SER A 100 5.93 4.29 -6.05
N GLY A 101 4.69 4.49 -5.61
CA GLY A 101 4.41 5.56 -4.68
C GLY A 101 4.67 5.15 -3.25
N PHE A 102 4.23 3.94 -2.89
CA PHE A 102 4.41 3.41 -1.55
C PHE A 102 5.88 3.18 -1.24
N ASP A 103 6.62 2.76 -2.28
CA ASP A 103 8.06 2.50 -2.21
C ASP A 103 8.84 3.59 -1.45
N GLY A 104 8.32 4.81 -1.49
CA GLY A 104 8.97 5.91 -0.80
C GLY A 104 9.17 5.65 0.68
N ILE A 105 8.24 4.91 1.29
CA ILE A 105 8.27 4.63 2.73
C ILE A 105 9.57 3.92 3.13
N PHE A 106 10.13 3.14 2.21
CA PHE A 106 11.34 2.37 2.48
C PHE A 106 12.56 3.26 2.52
N ASN A 107 12.40 4.49 2.05
CA ASN A 107 13.49 5.47 2.09
C ASN A 107 13.34 6.32 3.35
N GLN A 108 12.55 5.80 4.30
CA GLN A 108 12.29 6.46 5.58
C GLN A 108 11.45 7.71 5.39
N ALA A 109 10.71 7.75 4.30
CA ALA A 109 9.79 8.84 4.01
C ALA A 109 8.62 8.82 4.98
N ASP A 110 7.97 9.96 5.14
CA ASP A 110 6.85 10.06 6.06
C ASP A 110 5.64 9.35 5.48
N SER A 111 4.78 8.88 6.38
CA SER A 111 3.61 8.12 5.98
C SER A 111 2.59 9.01 5.27
N LYS A 112 2.57 10.29 5.60
CA LYS A 112 1.62 11.22 5.01
C LYS A 112 2.06 11.60 3.60
N THR A 113 3.35 11.83 3.43
CA THR A 113 3.92 12.16 2.13
C THR A 113 3.65 11.02 1.16
N THR A 114 3.83 9.80 1.64
CA THR A 114 3.61 8.61 0.83
C THR A 114 2.11 8.37 0.62
N LEU A 115 1.31 8.75 1.62
CA LEU A 115 -0.14 8.68 1.55
C LEU A 115 -0.64 9.45 0.33
N ASN A 116 -0.18 10.68 0.21
CA ASN A 116 -0.62 11.56 -0.86
C ASN A 116 -0.10 11.08 -2.21
N LYS A 117 0.98 10.31 -2.21
CA LYS A 117 1.48 9.72 -3.44
C LYS A 117 0.55 8.62 -3.92
N LEU A 118 0.03 7.84 -2.98
CA LEU A 118 -0.91 6.77 -3.30
C LEU A 118 -2.21 7.36 -3.84
N LYS A 119 -2.64 8.47 -3.25
CA LYS A 119 -3.83 9.17 -3.71
C LYS A 119 -3.57 9.84 -5.06
N ASP A 120 -2.35 10.31 -5.26
CA ASP A 120 -1.96 10.99 -6.49
C ASP A 120 -1.46 9.99 -7.52
N THR A 121 -2.08 8.83 -7.55
CA THR A 121 -1.75 7.83 -8.53
C THR A 121 -2.61 8.02 -9.78
N ILE A 122 -3.89 7.62 -9.66
CA ILE A 122 -4.88 7.79 -10.73
C ILE A 122 -4.34 7.32 -12.08
#